data_9BA4
#
_entry.id   9BA4
#
_cell.length_a   1.00
_cell.length_b   1.00
_cell.length_c   1.00
_cell.angle_alpha   90.00
_cell.angle_beta   90.00
_cell.angle_gamma   90.00
#
_symmetry.space_group_name_H-M   'P 1'
#
loop_
_entity.id
_entity.type
_entity.pdbx_description
1 polymer Contactin-2
2 branched 2-acetamido-2-deoxy-beta-D-glucopyranose-(1-4)-2-acetamido-2-deoxy-beta-D-glucopyranose
3 non-polymer 2-acetamido-2-deoxy-beta-D-glucopyranose
#
_entity_poly.entity_id   1
_entity_poly.type   'polypeptide(L)'
_entity_poly.pdbx_seq_one_letter_code
;ELGTGLESQTTFGPVFEDQPLSVLFPEESTEEQVLLACRARASPPATYRWKMNGTEMKLEPGSRHQLVGGNLVIMNPTKA
QDAGVYQCLASNPVGTVVSREAILRFGFLQEFSKEERDPVKAHEGWGVMLPCNPPAHYPGLSYRWLLNEFPNFIPTDGRH
FVSQTTGNLYIARTNASDLGNYSCLATSHMDFSTKSVFSKFAQLNLAAEDTRLFAPSIKARFPAETYALVGQQVTLECFA
FGNPVPRIKWRKVDGSLSPQWTTAEPTLQIPSVSFEDEGTYECEAENSKGRDTVQGRIIVQAQPEWLKVISDTEADIGSN
LRWGCAAAGKPRPTVRWLRNGEPLASQNRVEVLAGDLRFSKLSLEDSGMYQCVAENKHGTIYASAELAVQALAPDFRLNP
VRRLIPAARGGEILIPCQPRAAPKAVVLWSKGTEILVNSSRVTVTPDGTLIIRNISRSDEGKYTCFAENFMGKANSTGIL
SVRDATKITLAPSSADINLGDNLTLQCHASHDPTMDLTFTWTLDDFPIDFDKPGGHYRRTNVKETIGDLTILNAQLRHGG
KYTCMAQTVVDSASKEATVLVRGPPGPPGGVVVRDIGDTTIQLSWSRGFDNHSPIAKYTLQARTPPAGKWKQVRTNPANI
EGNAETAQVLGLTPWMDYEFRVIASNILGTGEPSGPSSKIRTREAAPSVAPSGLSGGGGAPGELIVNWTPMSREYQNGDG
FGYLLSFRRQGSTHWQTARVPGADAQYFVYSNESVRPYTPFEVKIRSYNRRGDGPESLTALVYSAEEEPRVAPTKVWAKG
VSSSEMNVTWEPVQQDMNGILLGYEIRYWKAGDKEAAADRVRTAGLDTSARVSGLHPNTKYHVTVRAYNRAGTGPASPSA
NATTMKPPPRRPPGNISWTFSSSSLSIKWDPVVPFRNESAVTGYKMLYQNDLHLTPTLHLTGKNWIEIPVPEDIGHALVQ
IRTTGPGGDGIPAEVHIVRNGSASTSHHHHHH
;
_entity_poly.pdbx_strand_id   A,B
#
loop_
_chem_comp.id
_chem_comp.type
_chem_comp.name
_chem_comp.formula
NAG D-saccharide, beta linking 2-acetamido-2-deoxy-beta-D-glucopyranose 'C8 H15 N O6'
#
# COMPACT_ATOMS: atom_id res chain seq x y z
N THR A 11 2.03 53.28 16.94
CA THR A 11 1.27 53.33 18.19
C THR A 11 0.92 51.92 18.66
N PHE A 12 0.87 51.74 19.98
CA PHE A 12 0.56 50.44 20.56
C PHE A 12 -0.22 50.63 21.86
N GLY A 13 -1.01 49.62 22.20
CA GLY A 13 -1.82 49.65 23.39
C GLY A 13 -1.02 49.28 24.64
N PRO A 14 -1.62 49.40 25.82
CA PRO A 14 -0.82 49.36 27.05
C PRO A 14 -0.58 47.94 27.53
N VAL A 15 0.69 47.59 27.67
CA VAL A 15 1.08 46.36 28.34
C VAL A 15 1.82 46.72 29.63
N PHE A 16 1.56 45.96 30.68
CA PHE A 16 2.00 46.36 32.00
C PHE A 16 3.46 45.99 32.25
N GLU A 17 4.15 46.84 32.99
CA GLU A 17 5.45 46.48 33.51
C GLU A 17 5.41 46.17 35.00
N ASP A 18 4.61 46.91 35.77
CA ASP A 18 4.24 46.50 37.12
C ASP A 18 2.75 46.73 37.35
N GLN A 19 2.16 45.85 38.12
CA GLN A 19 0.77 45.61 38.47
C GLN A 19 0.60 45.77 39.97
N PRO A 20 -0.59 46.13 40.47
CA PRO A 20 -0.75 46.36 41.91
C PRO A 20 -0.78 45.11 42.76
N LEU A 21 -0.09 45.19 43.90
CA LEU A 21 0.10 44.09 44.83
C LEU A 21 -0.87 44.25 45.98
N SER A 22 -1.27 43.12 46.59
CA SER A 22 -2.07 43.17 47.79
C SER A 22 -1.18 43.53 48.98
N VAL A 23 -1.60 44.55 49.72
CA VAL A 23 -0.83 45.04 50.87
C VAL A 23 -1.57 44.68 52.15
N LEU A 24 -0.82 44.59 53.24
CA LEU A 24 -1.37 44.35 54.56
C LEU A 24 -1.02 45.54 55.43
N PHE A 25 -1.98 46.43 55.66
CA PHE A 25 -1.73 47.69 56.35
C PHE A 25 -1.96 47.50 57.85
N PRO A 26 -0.96 47.74 58.70
CA PRO A 26 -1.16 47.56 60.14
C PRO A 26 -1.92 48.71 60.78
N GLU A 27 -2.44 48.43 61.98
CA GLU A 27 -3.12 49.45 62.77
C GLU A 27 -2.11 50.39 63.41
N GLU A 28 -0.93 49.87 63.76
CA GLU A 28 0.12 50.63 64.39
C GLU A 28 1.17 51.12 63.40
N SER A 29 0.74 51.59 62.22
CA SER A 29 1.64 51.91 61.10
C SER A 29 2.39 53.21 61.32
N THR A 30 3.65 53.23 60.88
CA THR A 30 4.43 54.46 60.79
C THR A 30 4.28 55.15 59.45
N GLU A 31 3.58 54.54 58.50
CA GLU A 31 3.39 55.09 57.16
C GLU A 31 1.95 55.54 56.99
N GLU A 32 1.77 56.77 56.51
CA GLU A 32 0.45 57.35 56.33
C GLU A 32 -0.11 57.13 54.94
N GLN A 33 0.65 56.53 54.03
CA GLN A 33 0.20 56.37 52.64
C GLN A 33 0.27 54.91 52.23
N VAL A 34 -0.56 54.56 51.25
CA VAL A 34 -0.59 53.25 50.64
C VAL A 34 -0.24 53.42 49.17
N LEU A 35 0.84 52.79 48.73
CA LEU A 35 1.32 52.93 47.35
C LEU A 35 0.97 51.65 46.60
N LEU A 36 -0.10 51.72 45.81
CA LEU A 36 -0.50 50.62 44.92
C LEU A 36 0.05 50.94 43.53
N ALA A 37 1.14 50.27 43.16
CA ALA A 37 1.92 50.69 42.01
C ALA A 37 1.35 50.14 40.70
N CYS A 38 1.27 51.01 39.70
CA CYS A 38 0.78 50.62 38.38
C CYS A 38 1.47 51.50 37.35
N ARG A 39 2.18 50.89 36.40
CA ARG A 39 2.75 51.62 35.28
C ARG A 39 2.78 50.72 34.05
N ALA A 40 2.15 51.17 32.97
CA ALA A 40 2.09 50.43 31.72
C ALA A 40 2.76 51.22 30.62
N ARG A 41 3.52 50.54 29.76
CA ARG A 41 4.20 51.24 28.69
C ARG A 41 3.24 51.45 27.53
N ALA A 42 3.37 52.60 26.86
CA ALA A 42 2.39 53.07 25.90
C ALA A 42 3.05 54.09 24.97
N SER A 43 2.38 54.32 23.83
CA SER A 43 2.67 55.40 22.87
C SER A 43 1.38 55.72 22.13
N PRO A 44 0.61 56.80 22.48
CA PRO A 44 0.77 57.89 23.46
C PRO A 44 0.55 57.47 24.93
N PRO A 45 1.21 58.13 25.92
CA PRO A 45 1.17 57.62 27.31
C PRO A 45 -0.20 57.74 27.97
N ALA A 46 -0.52 56.72 28.75
CA ALA A 46 -1.91 56.44 29.08
C ALA A 46 -2.39 57.27 30.25
N THR A 47 -3.70 57.50 30.28
CA THR A 47 -4.38 58.05 31.44
C THR A 47 -4.89 56.88 32.27
N TYR A 48 -4.80 57.01 33.59
CA TYR A 48 -4.90 55.86 34.47
C TYR A 48 -6.07 56.06 35.41
N ARG A 49 -7.02 55.12 35.38
CA ARG A 49 -8.17 55.19 36.25
C ARG A 49 -8.10 54.02 37.22
N TRP A 50 -8.69 54.21 38.40
CA TRP A 50 -8.72 53.18 39.42
C TRP A 50 -10.15 52.85 39.79
N LYS A 51 -10.40 51.56 40.01
CA LYS A 51 -11.71 51.09 40.43
C LYS A 51 -11.66 50.63 41.88
N MET A 52 -12.77 50.80 42.59
CA MET A 52 -12.93 50.30 43.95
C MET A 52 -14.32 49.69 44.08
N ASN A 53 -14.35 48.36 44.28
CA ASN A 53 -15.53 47.47 44.35
C ASN A 53 -16.46 47.57 43.14
N GLY A 54 -15.89 47.74 41.95
CA GLY A 54 -16.68 47.92 40.76
C GLY A 54 -17.12 49.34 40.47
N THR A 55 -16.81 50.30 41.33
CA THR A 55 -17.13 51.69 41.15
C THR A 55 -15.85 52.48 40.97
N GLU A 56 -15.90 53.49 40.10
CA GLU A 56 -14.69 54.18 39.69
C GLU A 56 -14.31 55.25 40.71
N MET A 57 -13.01 55.36 40.99
CA MET A 57 -12.53 56.32 41.96
C MET A 57 -12.36 57.69 41.33
N LYS A 58 -13.04 58.69 41.89
CA LYS A 58 -12.93 60.07 41.42
C LYS A 58 -11.63 60.65 41.99
N LEU A 59 -10.57 60.59 41.19
CA LEU A 59 -9.25 61.04 41.61
C LEU A 59 -9.09 62.55 41.36
N GLU A 60 -9.69 63.32 42.24
CA GLU A 60 -9.59 64.77 42.16
C GLU A 60 -8.25 65.23 42.71
N PRO A 61 -7.68 66.35 42.25
CA PRO A 61 -6.51 66.92 42.92
C PRO A 61 -6.89 67.57 44.25
N GLY A 62 -6.09 67.31 45.27
CA GLY A 62 -6.32 67.86 46.59
C GLY A 62 -7.16 67.01 47.52
N SER A 63 -7.67 65.86 47.07
CA SER A 63 -8.43 64.98 47.92
C SER A 63 -7.50 63.97 48.59
N ARG A 64 -8.10 62.98 49.27
CA ARG A 64 -7.32 61.94 49.92
C ARG A 64 -6.95 60.80 48.96
N HIS A 65 -7.52 60.77 47.76
CA HIS A 65 -7.21 59.76 46.76
C HIS A 65 -6.58 60.45 45.56
N GLN A 66 -5.25 60.58 45.60
CA GLN A 66 -4.53 61.32 44.57
C GLN A 66 -3.88 60.36 43.59
N LEU A 67 -3.78 60.80 42.33
CA LEU A 67 -3.16 60.03 41.27
C LEU A 67 -1.76 60.61 41.05
N VAL A 68 -0.77 59.97 41.69
CA VAL A 68 0.60 60.48 41.62
C VAL A 68 1.40 59.64 40.65
N GLY A 69 1.48 60.09 39.40
CA GLY A 69 2.26 59.42 38.37
C GLY A 69 1.66 58.15 37.82
N GLY A 70 0.37 57.91 38.03
CA GLY A 70 -0.24 56.64 37.68
C GLY A 70 -0.50 55.80 38.91
N ASN A 71 0.40 55.90 39.88
CA ASN A 71 0.29 55.14 41.12
C ASN A 71 -0.74 55.79 42.05
N LEU A 72 -1.61 54.97 42.62
CA LEU A 72 -2.63 55.49 43.52
C LEU A 72 -2.07 55.59 44.92
N VAL A 73 -2.11 56.80 45.49
CA VAL A 73 -1.62 57.08 46.84
C VAL A 73 -2.82 57.46 47.69
N ILE A 74 -3.07 56.66 48.74
CA ILE A 74 -4.21 56.83 49.62
C ILE A 74 -3.71 57.30 50.98
N MET A 75 -4.00 58.55 51.34
CA MET A 75 -3.56 59.11 52.61
C MET A 75 -4.51 58.70 53.73
N ASN A 76 -3.93 58.12 54.79
CA ASN A 76 -4.55 57.74 56.07
C ASN A 76 -5.77 56.81 55.99
N PRO A 77 -5.59 55.52 55.68
CA PRO A 77 -6.76 54.65 55.53
C PRO A 77 -7.28 54.09 56.85
N THR A 78 -8.61 53.99 56.92
CA THR A 78 -9.31 53.33 58.00
C THR A 78 -10.22 52.28 57.41
N LYS A 79 -10.84 51.48 58.30
CA LYS A 79 -11.46 50.21 57.93
C LYS A 79 -12.80 50.37 57.23
N ALA A 80 -13.57 51.40 57.61
CA ALA A 80 -14.86 51.63 56.99
C ALA A 80 -14.77 52.50 55.73
N GLN A 81 -13.58 53.01 55.40
CA GLN A 81 -13.42 53.93 54.28
C GLN A 81 -12.67 53.33 53.10
N ASP A 82 -11.59 52.59 53.34
CA ASP A 82 -10.68 52.22 52.25
C ASP A 82 -10.41 50.73 52.14
N ALA A 83 -11.12 49.88 52.89
CA ALA A 83 -11.02 48.45 52.70
C ALA A 83 -11.78 48.03 51.45
N GLY A 84 -11.21 47.12 50.69
CA GLY A 84 -11.87 46.66 49.48
C GLY A 84 -10.87 46.11 48.49
N VAL A 85 -11.24 46.20 47.22
CA VAL A 85 -10.44 45.68 46.11
C VAL A 85 -10.12 46.87 45.20
N TYR A 86 -8.92 46.85 44.59
CA TYR A 86 -8.43 47.97 43.80
C TYR A 86 -7.85 47.44 42.50
N GLN A 87 -7.95 48.24 41.44
CA GLN A 87 -7.77 47.74 40.09
C GLN A 87 -7.42 48.88 39.14
N CYS A 88 -6.26 48.76 38.47
CA CYS A 88 -5.71 49.84 37.66
C CYS A 88 -6.16 49.67 36.22
N LEU A 89 -6.61 50.76 35.61
CA LEU A 89 -7.10 50.74 34.23
C LEU A 89 -6.28 51.70 33.37
N ALA A 90 -5.47 51.16 32.47
CA ALA A 90 -4.58 51.96 31.64
C ALA A 90 -5.25 52.20 30.29
N SER A 91 -5.47 53.47 29.94
CA SER A 91 -6.25 53.83 28.78
C SER A 91 -5.50 54.77 27.85
N ASN A 92 -5.26 54.32 26.62
CA ASN A 92 -4.81 55.18 25.52
C ASN A 92 -5.95 55.08 24.48
N PRO A 93 -5.98 55.78 23.29
CA PRO A 93 -7.06 55.43 22.33
C PRO A 93 -6.78 54.26 21.39
N VAL A 94 -5.81 53.40 21.68
CA VAL A 94 -5.83 52.04 21.13
C VAL A 94 -6.84 51.19 21.90
N GLY A 95 -6.75 51.18 23.22
CA GLY A 95 -7.67 50.41 24.02
C GLY A 95 -7.39 50.58 25.51
N THR A 96 -8.20 49.90 26.31
CA THR A 96 -8.12 49.95 27.76
C THR A 96 -7.82 48.56 28.28
N VAL A 97 -6.74 48.42 29.05
CA VAL A 97 -6.45 47.17 29.72
C VAL A 97 -6.78 47.29 31.20
N VAL A 98 -6.93 46.13 31.83
CA VAL A 98 -7.35 45.98 33.22
C VAL A 98 -6.23 45.25 33.97
N SER A 99 -5.72 45.86 35.03
CA SER A 99 -4.72 45.19 35.85
C SER A 99 -5.37 44.18 36.78
N ARG A 100 -4.53 43.36 37.40
CA ARG A 100 -5.04 42.34 38.30
C ARG A 100 -5.36 42.96 39.66
N GLU A 101 -6.28 42.32 40.36
CA GLU A 101 -6.96 42.92 41.49
C GLU A 101 -6.11 42.89 42.75
N ALA A 102 -6.00 44.05 43.38
CA ALA A 102 -5.22 44.21 44.60
C ALA A 102 -6.20 44.25 45.77
N ILE A 103 -6.27 43.16 46.52
CA ILE A 103 -7.19 43.08 47.64
C ILE A 103 -6.49 43.68 48.86
N LEU A 104 -6.86 44.89 49.22
CA LEU A 104 -6.20 45.63 50.28
C LEU A 104 -6.85 45.22 51.60
N ARG A 105 -6.15 44.38 52.35
CA ARG A 105 -6.65 43.83 53.60
C ARG A 105 -6.01 44.55 54.77
N PHE A 106 -6.78 44.73 55.84
CA PHE A 106 -6.33 45.49 56.99
C PHE A 106 -5.90 44.58 58.12
N GLY A 107 -4.64 44.72 58.54
CA GLY A 107 -4.14 44.02 59.70
C GLY A 107 -4.50 44.78 60.96
N PHE A 108 -5.27 44.13 61.82
CA PHE A 108 -5.76 44.79 63.02
C PHE A 108 -5.85 43.75 64.14
N LEU A 109 -5.74 44.23 65.37
CA LEU A 109 -5.85 43.38 66.54
C LEU A 109 -6.74 44.12 67.54
N GLN A 110 -7.96 43.63 67.68
CA GLN A 110 -8.93 44.25 68.57
C GLN A 110 -8.61 43.87 70.03
N GLU A 111 -9.12 44.66 70.97
CA GLU A 111 -9.04 44.30 72.39
C GLU A 111 -9.99 43.16 72.72
N PHE A 112 -9.71 42.49 73.84
CA PHE A 112 -10.34 41.22 74.17
C PHE A 112 -11.77 41.38 74.67
N SER A 113 -12.47 40.24 74.76
CA SER A 113 -13.87 40.15 75.14
C SER A 113 -14.07 40.46 76.62
N LYS A 114 -14.77 41.56 76.90
CA LYS A 114 -14.89 42.10 78.24
C LYS A 114 -16.12 41.61 78.99
N GLU A 115 -16.77 40.54 78.52
CA GLU A 115 -17.81 39.90 79.30
C GLU A 115 -17.19 39.11 80.44
N GLU A 116 -17.93 38.99 81.54
CA GLU A 116 -17.51 38.18 82.69
C GLU A 116 -17.74 36.72 82.32
N ARG A 117 -16.64 36.03 82.02
CA ARG A 117 -16.71 34.65 81.58
C ARG A 117 -16.94 33.72 82.76
N ASP A 118 -17.58 32.57 82.48
CA ASP A 118 -17.91 31.62 83.52
C ASP A 118 -16.68 30.82 83.94
N PRO A 119 -16.59 30.40 85.23
CA PRO A 119 -15.51 29.48 85.63
C PRO A 119 -15.69 28.08 85.10
N VAL A 120 -14.58 27.37 84.91
CA VAL A 120 -14.57 26.05 84.29
C VAL A 120 -14.58 24.99 85.38
N LYS A 121 -15.59 24.14 85.37
CA LYS A 121 -15.74 23.07 86.35
C LYS A 121 -15.63 21.72 85.64
N ALA A 122 -14.76 20.87 86.17
CA ALA A 122 -14.52 19.55 85.58
C ALA A 122 -14.11 18.59 86.70
N HIS A 123 -14.03 17.31 86.35
CA HIS A 123 -13.63 16.29 87.31
C HIS A 123 -12.11 16.16 87.34
N GLU A 124 -11.56 16.01 88.54
CA GLU A 124 -10.13 15.80 88.69
C GLU A 124 -9.77 14.35 88.33
N GLY A 125 -8.63 14.20 87.68
CA GLY A 125 -8.25 12.96 87.04
C GLY A 125 -8.64 12.87 85.58
N TRP A 126 -9.45 13.80 85.09
CA TRP A 126 -9.83 13.91 83.70
C TRP A 126 -9.09 15.06 83.04
N GLY A 127 -9.44 15.33 81.79
CA GLY A 127 -8.99 16.53 81.13
C GLY A 127 -9.84 17.73 81.50
N VAL A 128 -9.37 18.91 81.07
CA VAL A 128 -10.08 20.15 81.34
C VAL A 128 -10.19 20.89 80.00
N MET A 129 -11.25 21.68 79.87
CA MET A 129 -11.55 22.38 78.63
C MET A 129 -11.82 23.85 78.95
N LEU A 130 -10.78 24.68 78.79
CA LEU A 130 -10.95 26.13 78.94
C LEU A 130 -10.90 26.77 77.57
N PRO A 131 -11.91 27.55 77.15
CA PRO A 131 -11.83 28.25 75.87
C PRO A 131 -10.98 29.50 75.99
N CYS A 132 -10.44 29.95 74.86
CA CYS A 132 -9.72 31.22 74.83
C CYS A 132 -10.65 32.39 74.52
N ASN A 133 -11.60 32.17 73.57
CA ASN A 133 -12.43 33.13 72.84
C ASN A 133 -11.59 34.24 72.22
N PRO A 134 -10.90 34.02 71.08
CA PRO A 134 -10.06 35.06 70.52
C PRO A 134 -10.88 36.13 69.82
N PRO A 135 -10.38 37.38 69.76
CA PRO A 135 -11.16 38.42 69.09
C PRO A 135 -10.95 38.43 67.58
N ALA A 136 -11.54 39.44 66.94
CA ALA A 136 -11.48 39.59 65.50
C ALA A 136 -10.11 40.10 65.07
N HIS A 137 -9.53 39.46 64.04
CA HIS A 137 -8.14 39.67 63.70
C HIS A 137 -7.92 39.33 62.23
N TYR A 138 -6.82 39.86 61.69
CA TYR A 138 -6.23 39.41 60.44
C TYR A 138 -4.75 39.73 60.52
N PRO A 139 -3.83 38.81 60.16
CA PRO A 139 -4.00 37.42 59.71
C PRO A 139 -4.13 36.44 60.87
N GLY A 140 -3.81 35.17 60.62
CA GLY A 140 -3.86 34.10 61.61
C GLY A 140 -2.84 34.24 62.73
N LEU A 141 -3.32 34.19 63.97
CA LEU A 141 -2.52 34.50 65.13
C LEU A 141 -1.64 33.32 65.53
N SER A 142 -0.70 33.61 66.42
CA SER A 142 0.07 32.59 67.12
C SER A 142 -0.30 32.63 68.60
N TYR A 143 -0.53 31.45 69.17
CA TYR A 143 -1.10 31.35 70.50
C TYR A 143 -0.11 30.73 71.49
N ARG A 144 -0.06 31.33 72.68
CA ARG A 144 0.46 30.75 73.90
C ARG A 144 -0.46 31.20 75.02
N TRP A 145 -0.44 30.52 76.16
CA TRP A 145 -1.19 31.01 77.31
C TRP A 145 -0.27 31.41 78.46
N LEU A 146 -0.89 31.80 79.57
CA LEU A 146 -0.24 32.37 80.72
C LEU A 146 -0.64 31.62 81.98
N LEU A 147 0.35 31.09 82.71
CA LEU A 147 0.12 30.51 84.03
C LEU A 147 0.00 31.58 85.10
N ASN A 148 0.56 32.75 84.87
CA ASN A 148 0.59 33.85 85.83
C ASN A 148 0.56 35.14 85.02
N GLU A 149 1.04 36.22 85.64
CA GLU A 149 1.23 37.47 84.90
C GLU A 149 2.45 37.39 83.97
N PHE A 150 2.52 38.35 83.04
CA PHE A 150 3.47 38.33 81.93
C PHE A 150 4.87 38.70 82.41
N PRO A 151 5.92 37.94 82.01
CA PRO A 151 5.99 36.84 81.04
C PRO A 151 6.03 35.39 81.55
N ASN A 152 5.22 35.03 82.56
CA ASN A 152 5.17 33.63 83.00
C ASN A 152 4.11 32.90 82.17
N PHE A 153 4.61 32.07 81.25
CA PHE A 153 3.76 31.34 80.34
C PHE A 153 3.38 29.98 80.92
N ILE A 154 2.63 29.21 80.12
CA ILE A 154 2.41 27.79 80.37
C ILE A 154 3.69 27.08 79.90
N PRO A 155 4.13 26.01 80.55
CA PRO A 155 5.27 25.24 80.02
C PRO A 155 4.90 24.42 78.80
N THR A 156 5.91 24.19 77.95
CA THR A 156 5.76 23.42 76.73
C THR A 156 6.27 22.01 76.98
N ASP A 157 5.37 21.03 76.89
CA ASP A 157 5.64 19.66 77.25
C ASP A 157 4.70 18.72 76.51
N GLY A 158 4.60 17.49 76.99
CA GLY A 158 3.63 16.54 76.49
C GLY A 158 2.35 16.49 77.30
N ARG A 159 2.21 17.44 78.23
CA ARG A 159 1.05 17.55 79.10
C ARG A 159 0.17 18.76 78.78
N HIS A 160 0.74 19.84 78.24
CA HIS A 160 -0.01 21.01 77.82
C HIS A 160 0.11 21.14 76.31
N PHE A 161 -1.04 21.23 75.63
CA PHE A 161 -1.11 21.27 74.18
C PHE A 161 -1.82 22.52 73.72
N VAL A 162 -1.11 23.37 72.99
CA VAL A 162 -1.61 24.67 72.57
C VAL A 162 -2.07 24.56 71.12
N SER A 163 -3.34 24.85 70.87
CA SER A 163 -3.88 24.83 69.52
C SER A 163 -3.56 26.12 68.79
N GLN A 164 -3.22 26.02 67.50
CA GLN A 164 -3.03 27.22 66.69
C GLN A 164 -4.24 27.50 65.80
N THR A 165 -5.26 26.65 65.84
CA THR A 165 -6.46 26.89 65.06
C THR A 165 -7.54 27.60 65.87
N THR A 166 -7.97 26.99 66.98
CA THR A 166 -8.96 27.61 67.86
C THR A 166 -8.34 28.38 69.02
N GLY A 167 -7.07 28.16 69.35
CA GLY A 167 -6.41 28.90 70.40
C GLY A 167 -6.61 28.36 71.80
N ASN A 168 -7.30 27.23 71.96
CA ASN A 168 -7.56 26.71 73.29
C ASN A 168 -6.44 25.76 73.72
N LEU A 169 -6.12 25.78 75.01
CA LEU A 169 -5.10 24.90 75.57
C LEU A 169 -5.76 23.61 76.03
N TYR A 170 -5.21 22.48 75.58
CA TYR A 170 -5.78 21.17 75.85
C TYR A 170 -4.86 20.42 76.82
N ILE A 171 -5.34 20.21 78.04
CA ILE A 171 -4.58 19.53 79.09
C ILE A 171 -5.18 18.14 79.26
N ALA A 172 -4.34 17.11 79.18
CA ALA A 172 -4.83 15.74 79.06
C ALA A 172 -5.27 15.17 80.40
N ARG A 173 -4.49 15.39 81.46
CA ARG A 173 -4.85 14.91 82.78
C ARG A 173 -4.35 15.90 83.82
N THR A 174 -5.22 16.26 84.75
CA THR A 174 -4.97 17.35 85.68
C THR A 174 -4.84 16.85 87.11
N ASN A 175 -4.01 17.54 87.89
CA ASN A 175 -3.98 17.36 89.33
C ASN A 175 -3.92 18.74 89.97
N ALA A 176 -3.59 18.75 91.27
CA ALA A 176 -3.71 19.99 92.05
C ALA A 176 -2.49 20.90 91.94
N SER A 177 -1.44 20.47 91.24
CA SER A 177 -0.30 21.35 91.00
C SER A 177 -0.47 22.19 89.75
N ASP A 178 -1.52 21.95 88.96
CA ASP A 178 -1.75 22.69 87.73
C ASP A 178 -2.65 23.91 87.91
N LEU A 179 -3.00 24.26 89.16
CA LEU A 179 -3.81 25.44 89.40
C LEU A 179 -2.97 26.70 89.27
N GLY A 180 -3.57 27.75 88.73
CA GLY A 180 -2.84 29.00 88.56
C GLY A 180 -3.71 30.06 87.95
N ASN A 181 -3.09 31.21 87.68
CA ASN A 181 -3.77 32.38 87.11
C ASN A 181 -3.88 32.20 85.60
N TYR A 182 -4.97 31.56 85.19
CA TYR A 182 -5.12 31.17 83.79
C TYR A 182 -5.78 32.27 82.98
N SER A 183 -5.23 32.53 81.80
CA SER A 183 -5.73 33.51 80.84
C SER A 183 -5.23 33.12 79.46
N CYS A 184 -5.76 33.79 78.44
CA CYS A 184 -5.28 33.58 77.08
C CYS A 184 -4.32 34.71 76.68
N LEU A 185 -3.61 34.49 75.57
CA LEU A 185 -2.71 35.49 74.99
C LEU A 185 -2.61 35.21 73.50
N ALA A 186 -2.46 36.29 72.72
CA ALA A 186 -2.29 36.19 71.28
C ALA A 186 -1.07 37.00 70.87
N THR A 187 -0.36 36.52 69.85
CA THR A 187 0.83 37.19 69.34
C THR A 187 0.80 37.18 67.82
N SER A 188 0.83 38.37 67.23
CA SER A 188 0.80 38.53 65.78
C SER A 188 2.08 39.21 65.31
N HIS A 189 2.68 38.67 64.25
CA HIS A 189 3.87 39.24 63.65
C HIS A 189 3.53 39.73 62.25
N MET A 190 3.81 41.00 61.98
CA MET A 190 3.24 41.70 60.85
C MET A 190 4.39 42.52 60.25
N ASP A 191 4.11 43.25 59.16
CA ASP A 191 5.16 43.84 58.33
C ASP A 191 5.79 45.08 58.95
N PHE A 192 5.03 45.82 59.77
CA PHE A 192 5.56 47.05 60.36
C PHE A 192 5.42 47.11 61.88
N SER A 193 4.75 46.14 62.51
CA SER A 193 4.48 46.24 63.94
C SER A 193 4.42 44.84 64.55
N THR A 194 4.54 44.81 65.87
CA THR A 194 4.37 43.62 66.68
C THR A 194 3.48 43.95 67.86
N LYS A 195 2.39 43.18 68.03
CA LYS A 195 1.40 43.51 69.02
C LYS A 195 0.94 42.25 69.73
N SER A 196 0.86 42.33 71.05
CA SER A 196 0.29 41.28 71.89
C SER A 196 -0.61 41.92 72.93
N VAL A 197 -1.68 41.22 73.30
CA VAL A 197 -2.68 41.76 74.21
C VAL A 197 -3.18 40.63 75.11
N PHE A 198 -3.40 40.96 76.39
CA PHE A 198 -3.76 40.00 77.43
C PHE A 198 -5.27 39.86 77.51
N SER A 199 -5.73 38.68 77.90
CA SER A 199 -7.15 38.37 77.90
C SER A 199 -7.77 38.59 79.28
N LYS A 200 -9.03 38.15 79.39
CA LYS A 200 -9.72 38.16 80.68
C LYS A 200 -9.22 37.03 81.56
N PHE A 201 -9.41 37.20 82.87
CA PHE A 201 -9.00 36.21 83.84
C PHE A 201 -9.97 35.02 83.85
N ALA A 202 -9.39 33.82 83.88
CA ALA A 202 -10.15 32.59 83.94
C ALA A 202 -9.78 31.81 85.18
N GLN A 203 -10.77 31.49 86.00
CA GLN A 203 -10.60 30.68 87.19
C GLN A 203 -11.10 29.27 86.92
N LEU A 204 -10.29 28.27 87.25
CA LEU A 204 -10.66 26.88 87.04
C LEU A 204 -10.85 26.21 88.38
N ASN A 205 -11.93 25.44 88.51
CA ASN A 205 -12.24 24.69 89.70
C ASN A 205 -12.40 23.22 89.34
N LEU A 206 -12.02 22.34 90.27
CA LEU A 206 -12.06 20.91 90.03
C LEU A 206 -12.90 20.23 91.10
N ALA A 207 -13.58 19.15 90.69
CA ALA A 207 -14.46 18.40 91.58
C ALA A 207 -13.68 17.29 92.30
N ALA A 208 -14.43 16.36 92.87
CA ALA A 208 -13.86 15.16 93.49
C ALA A 208 -13.32 14.22 92.41
N GLU A 209 -12.33 13.41 92.80
CA GLU A 209 -11.54 12.68 91.83
C GLU A 209 -12.23 11.39 91.38
N ASP A 210 -12.36 11.23 90.06
CA ASP A 210 -12.86 10.00 89.47
C ASP A 210 -11.65 9.09 89.20
N THR A 211 -11.37 8.22 90.17
CA THR A 211 -10.19 7.37 90.14
C THR A 211 -10.44 6.16 89.25
N ARG A 212 -10.28 6.36 87.95
CA ARG A 212 -10.47 5.30 86.97
C ARG A 212 -9.40 5.40 85.90
N LEU A 213 -9.24 4.31 85.14
CA LEU A 213 -8.46 4.29 83.92
C LEU A 213 -9.41 4.08 82.76
N PHE A 214 -9.39 4.99 81.79
CA PHE A 214 -10.49 5.08 80.83
C PHE A 214 -9.97 5.40 79.44
N ALA A 215 -10.91 5.57 78.52
CA ALA A 215 -10.65 5.70 77.10
C ALA A 215 -10.12 7.10 76.77
N PRO A 216 -9.30 7.23 75.71
CA PRO A 216 -8.94 8.58 75.24
C PRO A 216 -10.10 9.24 74.50
N SER A 217 -10.21 10.56 74.67
CA SER A 217 -11.26 11.33 74.03
C SER A 217 -10.60 12.50 73.31
N ILE A 218 -10.48 12.39 71.99
CA ILE A 218 -9.86 13.42 71.16
C ILE A 218 -10.85 14.55 70.95
N LYS A 219 -10.61 15.69 71.61
CA LYS A 219 -11.49 16.84 71.45
C LYS A 219 -11.02 17.77 70.35
N ALA A 220 -9.72 17.84 70.11
CA ALA A 220 -9.16 18.70 69.07
C ALA A 220 -9.23 17.98 67.73
N ARG A 221 -10.08 18.47 66.85
CA ARG A 221 -10.44 17.80 65.62
C ARG A 221 -9.82 18.58 64.47
N PHE A 222 -8.88 17.94 63.76
CA PHE A 222 -8.41 18.51 62.51
C PHE A 222 -9.49 18.30 61.45
N PRO A 223 -9.79 19.32 60.62
CA PRO A 223 -11.10 19.38 59.96
C PRO A 223 -11.23 18.48 58.73
N ALA A 224 -12.48 18.31 58.30
CA ALA A 224 -12.87 17.14 57.49
C ALA A 224 -12.45 17.27 56.04
N GLU A 225 -12.43 18.49 55.50
CA GLU A 225 -11.84 18.76 54.19
C GLU A 225 -10.98 20.01 54.31
N THR A 226 -9.68 19.83 54.53
CA THR A 226 -8.75 20.95 54.67
C THR A 226 -8.25 21.34 53.29
N TYR A 227 -8.64 22.53 52.83
CA TYR A 227 -8.28 23.00 51.51
C TYR A 227 -6.98 23.79 51.60
N ALA A 228 -5.98 23.33 50.87
CA ALA A 228 -4.66 23.94 50.89
C ALA A 228 -4.27 24.34 49.47
N LEU A 229 -3.54 25.45 49.36
CA LEU A 229 -2.90 25.78 48.11
C LEU A 229 -1.56 25.06 48.00
N VAL A 230 -0.95 25.19 46.82
CA VAL A 230 0.37 24.62 46.61
C VAL A 230 1.39 25.56 47.24
N GLY A 231 2.08 25.09 48.28
CA GLY A 231 3.05 25.89 48.99
C GLY A 231 2.62 26.44 50.32
N GLN A 232 1.36 26.26 50.72
CA GLN A 232 0.90 26.68 52.03
C GLN A 232 1.38 25.68 53.09
N GLN A 233 1.82 26.21 54.23
CA GLN A 233 2.23 25.39 55.36
C GLN A 233 0.99 24.98 56.14
N VAL A 234 0.79 23.67 56.27
CA VAL A 234 -0.42 23.10 56.87
C VAL A 234 -0.03 22.35 58.14
N THR A 235 -0.62 22.76 59.27
CA THR A 235 -0.42 22.09 60.55
C THR A 235 -1.76 21.52 61.02
N LEU A 236 -1.82 20.21 61.21
CA LEU A 236 -3.00 19.54 61.73
C LEU A 236 -2.86 19.28 63.23
N GLU A 237 -3.99 19.17 63.91
CA GLU A 237 -4.03 19.09 65.36
C GLU A 237 -4.85 17.89 65.82
N CYS A 238 -4.30 17.13 66.77
CA CYS A 238 -5.01 15.96 67.31
C CYS A 238 -4.56 15.80 68.77
N PHE A 239 -5.34 16.37 69.68
CA PHE A 239 -5.00 16.40 71.10
C PHE A 239 -6.04 15.57 71.84
N ALA A 240 -5.58 14.75 72.78
CA ALA A 240 -6.45 13.75 73.40
C ALA A 240 -6.47 13.91 74.92
N PHE A 241 -7.62 13.60 75.52
CA PHE A 241 -7.75 13.41 76.95
C PHE A 241 -7.38 11.97 77.32
N GLY A 242 -7.47 11.67 78.60
CA GLY A 242 -7.43 10.28 79.02
C GLY A 242 -6.55 10.07 80.23
N ASN A 243 -6.75 8.90 80.84
CA ASN A 243 -5.93 8.37 81.91
C ASN A 243 -5.69 6.91 81.60
N PRO A 244 -4.43 6.48 81.31
CA PRO A 244 -3.13 7.18 81.28
C PRO A 244 -2.85 8.02 80.03
N VAL A 245 -1.59 8.42 79.87
CA VAL A 245 -1.17 9.36 78.83
C VAL A 245 -1.14 8.67 77.47
N PRO A 246 -1.90 9.13 76.48
CA PRO A 246 -1.92 8.44 75.18
C PRO A 246 -0.79 8.89 74.28
N ARG A 247 -0.35 7.96 73.43
CA ARG A 247 0.51 8.30 72.32
C ARG A 247 -0.31 8.88 71.17
N ILE A 248 0.34 9.63 70.29
CA ILE A 248 -0.32 10.16 69.10
C ILE A 248 0.43 9.64 67.87
N LYS A 249 -0.25 8.89 67.02
CA LYS A 249 0.30 8.40 65.77
C LYS A 249 -0.45 9.02 64.61
N TRP A 250 0.31 9.49 63.61
CA TRP A 250 -0.24 9.99 62.37
C TRP A 250 0.04 9.00 61.25
N ARG A 251 -0.94 8.79 60.37
CA ARG A 251 -0.72 7.93 59.22
C ARG A 251 -1.54 8.44 58.04
N LYS A 252 -1.23 7.90 56.86
CA LYS A 252 -1.99 8.15 55.64
C LYS A 252 -2.73 6.87 55.29
N VAL A 253 -4.02 7.00 54.95
CA VAL A 253 -4.86 5.82 54.74
C VAL A 253 -4.65 5.25 53.34
N ASP A 254 -4.62 6.10 52.32
CA ASP A 254 -4.51 5.67 50.94
C ASP A 254 -3.08 5.60 50.43
N GLY A 255 -2.09 5.64 51.31
CA GLY A 255 -0.69 5.53 50.91
C GLY A 255 0.24 5.53 52.10
N SER A 256 1.34 6.26 51.99
CA SER A 256 2.31 6.37 53.08
C SER A 256 2.70 7.82 53.25
N LEU A 257 3.18 8.15 54.44
CA LEU A 257 3.69 9.49 54.72
C LEU A 257 5.05 9.69 54.07
N SER A 258 5.30 10.91 53.62
CA SER A 258 6.60 11.29 53.07
C SER A 258 7.60 11.46 54.22
N PRO A 259 8.79 10.85 54.14
CA PRO A 259 9.65 10.76 55.35
C PRO A 259 10.50 11.99 55.67
N GLN A 260 10.33 13.11 54.95
CA GLN A 260 11.05 14.32 55.30
C GLN A 260 10.45 15.05 56.50
N TRP A 261 9.19 14.77 56.85
CA TRP A 261 8.55 15.45 57.96
C TRP A 261 7.73 14.53 58.86
N THR A 262 8.10 13.25 58.97
CA THR A 262 7.38 12.32 59.85
C THR A 262 7.76 12.55 61.30
N THR A 263 6.78 12.93 62.11
CA THR A 263 6.97 13.15 63.54
C THR A 263 5.96 12.32 64.31
N ALA A 264 6.38 11.87 65.50
CA ALA A 264 5.47 11.29 66.48
C ALA A 264 5.09 12.34 67.52
N GLU A 265 4.44 13.38 67.01
CA GLU A 265 4.11 14.60 67.72
C GLU A 265 2.64 14.90 67.42
N PRO A 266 1.91 15.56 68.35
CA PRO A 266 0.50 15.83 68.08
C PRO A 266 0.24 17.02 67.14
N THR A 267 1.25 17.80 66.76
CA THR A 267 1.10 18.84 65.74
C THR A 267 1.95 18.43 64.54
N LEU A 268 1.33 17.75 63.58
CA LEU A 268 2.04 17.34 62.37
C LEU A 268 2.21 18.52 61.42
N GLN A 269 3.46 18.84 61.11
CA GLN A 269 3.79 20.00 60.31
C GLN A 269 4.35 19.57 58.97
N ILE A 270 3.74 20.06 57.89
CA ILE A 270 4.22 19.90 56.53
C ILE A 270 4.77 21.26 56.08
N PRO A 271 6.03 21.34 55.62
CA PRO A 271 6.58 22.65 55.23
C PRO A 271 6.10 23.15 53.87
N SER A 272 5.85 22.25 52.93
CA SER A 272 5.37 22.65 51.61
C SER A 272 4.42 21.58 51.11
N VAL A 273 3.13 21.91 51.02
CA VAL A 273 2.12 20.95 50.61
C VAL A 273 1.96 21.00 49.10
N SER A 274 2.22 19.87 48.45
CA SER A 274 2.15 19.76 47.01
C SER A 274 1.05 18.78 46.65
N PHE A 275 1.00 18.39 45.37
CA PHE A 275 -0.13 17.61 44.86
C PHE A 275 -0.02 16.14 45.19
N GLU A 276 1.16 15.66 45.62
CA GLU A 276 1.30 14.27 46.03
C GLU A 276 0.87 14.03 47.47
N ASP A 277 0.63 15.10 48.23
CA ASP A 277 0.22 15.00 49.62
C ASP A 277 -1.30 15.04 49.78
N GLU A 278 -2.03 15.08 48.68
CA GLU A 278 -3.49 15.03 48.72
C GLU A 278 -3.97 13.63 49.02
N GLY A 279 -4.78 13.49 50.06
CA GLY A 279 -5.28 12.19 50.44
C GLY A 279 -5.97 12.25 51.80
N THR A 280 -6.35 11.07 52.27
CA THR A 280 -7.11 10.91 53.50
C THR A 280 -6.14 10.59 54.65
N TYR A 281 -6.16 11.43 55.68
CA TYR A 281 -5.27 11.32 56.83
C TYR A 281 -6.00 10.72 58.02
N GLU A 282 -5.24 10.13 58.95
CA GLU A 282 -5.80 9.52 60.15
C GLU A 282 -4.88 9.77 61.33
N CYS A 283 -5.45 10.25 62.43
CA CYS A 283 -4.76 10.34 63.72
C CYS A 283 -5.30 9.28 64.65
N GLU A 284 -4.39 8.60 65.36
CA GLU A 284 -4.77 7.55 66.29
C GLU A 284 -4.21 7.84 67.67
N ALA A 285 -5.09 7.90 68.66
CA ALA A 285 -4.71 8.00 70.07
C ALA A 285 -4.94 6.66 70.74
N GLU A 286 -3.97 6.22 71.53
CA GLU A 286 -4.05 4.91 72.17
C GLU A 286 -3.27 4.93 73.47
N ASN A 287 -3.86 4.35 74.51
CA ASN A 287 -3.21 4.18 75.80
C ASN A 287 -3.28 2.69 76.17
N SER A 288 -3.03 2.40 77.45
CA SER A 288 -3.08 1.02 77.93
C SER A 288 -4.50 0.47 78.09
N LYS A 289 -5.53 1.31 78.11
CA LYS A 289 -6.90 0.84 78.35
C LYS A 289 -7.88 1.10 77.22
N GLY A 290 -7.53 1.85 76.18
CA GLY A 290 -8.48 2.14 75.13
C GLY A 290 -7.81 2.69 73.90
N ARG A 291 -8.63 3.06 72.92
CA ARG A 291 -8.14 3.64 71.67
C ARG A 291 -9.21 4.56 71.08
N ASP A 292 -8.76 5.48 70.21
CA ASP A 292 -9.64 6.39 69.51
C ASP A 292 -9.01 6.77 68.17
N THR A 293 -9.82 6.73 67.12
CA THR A 293 -9.37 7.02 65.76
C THR A 293 -10.17 8.17 65.18
N VAL A 294 -9.46 9.12 64.57
CA VAL A 294 -10.04 10.31 63.96
C VAL A 294 -9.50 10.40 62.54
N GLN A 295 -10.39 10.48 61.55
CA GLN A 295 -10.00 10.59 60.14
C GLN A 295 -10.27 12.00 59.62
N GLY A 296 -9.58 12.33 58.54
CA GLY A 296 -9.71 13.63 57.91
C GLY A 296 -9.12 13.62 56.51
N ARG A 297 -9.00 14.80 55.93
CA ARG A 297 -8.55 14.90 54.54
C ARG A 297 -7.85 16.22 54.29
N ILE A 298 -6.86 16.18 53.39
CA ILE A 298 -6.22 17.37 52.82
C ILE A 298 -6.46 17.33 51.31
N ILE A 299 -7.17 18.33 50.80
CA ILE A 299 -7.44 18.46 49.38
C ILE A 299 -6.64 19.65 48.87
N VAL A 300 -5.74 19.39 47.92
CA VAL A 300 -4.74 20.37 47.51
C VAL A 300 -5.24 21.05 46.24
N GLN A 301 -5.35 22.37 46.29
CA GLN A 301 -5.83 23.15 45.16
C GLN A 301 -4.71 24.05 44.67
N ALA A 302 -4.96 24.78 43.59
CA ALA A 302 -3.91 25.56 42.95
C ALA A 302 -4.43 26.92 42.53
N GLN A 303 -3.54 27.91 42.59
CA GLN A 303 -3.79 29.20 41.99
C GLN A 303 -3.65 29.04 40.46
N PRO A 304 -4.42 29.80 39.65
CA PRO A 304 -4.32 29.66 38.19
C PRO A 304 -3.05 30.23 37.60
N GLU A 305 -2.48 29.47 36.69
CA GLU A 305 -1.33 29.85 35.89
C GLU A 305 -1.71 29.63 34.44
N TRP A 306 -1.12 30.40 33.56
CA TRP A 306 -1.50 30.35 32.16
C TRP A 306 -0.70 29.29 31.42
N LEU A 307 -1.28 28.77 30.34
CA LEU A 307 -0.61 27.81 29.45
C LEU A 307 -0.41 28.37 28.06
N LYS A 308 -1.52 28.69 27.39
CA LYS A 308 -1.52 29.28 26.06
C LYS A 308 -2.21 30.62 26.19
N VAL A 309 -1.52 31.70 25.84
CA VAL A 309 -2.10 33.02 25.89
C VAL A 309 -2.16 33.59 24.48
N ILE A 310 -2.64 34.83 24.41
CA ILE A 310 -2.81 35.51 23.15
C ILE A 310 -1.72 36.56 22.96
N SER A 311 -1.38 36.80 21.70
CA SER A 311 -0.30 37.71 21.37
C SER A 311 -0.82 38.82 20.48
N ASP A 312 0.01 39.83 20.27
CA ASP A 312 -0.37 40.99 19.47
C ASP A 312 -0.35 40.64 17.99
N THR A 313 -1.51 40.31 17.44
CA THR A 313 -1.60 39.82 16.08
C THR A 313 -2.00 40.92 15.14
N GLU A 314 -1.36 40.93 13.98
CA GLU A 314 -1.64 41.84 12.88
C GLU A 314 -2.60 41.13 11.93
N ALA A 315 -3.78 41.71 11.72
CA ALA A 315 -4.82 41.01 10.99
C ALA A 315 -5.38 41.89 9.88
N ASP A 316 -5.91 41.23 8.85
CA ASP A 316 -6.58 41.95 7.76
C ASP A 316 -8.06 42.08 8.07
N ILE A 317 -8.70 43.05 7.42
CA ILE A 317 -10.14 43.23 7.56
C ILE A 317 -10.87 42.17 6.73
N GLY A 318 -11.75 41.43 7.40
CA GLY A 318 -12.55 40.41 6.76
C GLY A 318 -12.05 39.00 6.96
N SER A 319 -10.93 38.80 7.65
CA SER A 319 -10.35 37.49 7.78
C SER A 319 -10.96 36.73 8.96
N ASN A 320 -10.57 35.46 9.07
CA ASN A 320 -10.95 34.61 10.19
C ASN A 320 -9.80 34.56 11.18
N LEU A 321 -10.05 35.02 12.41
CA LEU A 321 -9.03 34.99 13.46
C LEU A 321 -9.57 34.22 14.65
N ARG A 322 -8.84 33.18 15.03
CA ARG A 322 -9.18 32.33 16.16
C ARG A 322 -8.12 32.51 17.24
N TRP A 323 -8.51 33.11 18.36
CA TRP A 323 -7.64 33.30 19.51
C TRP A 323 -7.93 32.28 20.60
N GLY A 324 -7.19 31.17 20.58
CA GLY A 324 -7.26 30.18 21.64
C GLY A 324 -6.53 30.69 22.87
N CYS A 325 -7.07 30.34 24.03
CA CYS A 325 -6.54 30.82 25.31
C CYS A 325 -6.93 29.81 26.38
N ALA A 326 -5.92 29.26 27.07
CA ALA A 326 -6.17 28.18 28.02
C ALA A 326 -5.39 28.44 29.30
N ALA A 327 -5.88 27.85 30.40
CA ALA A 327 -5.29 28.06 31.72
C ALA A 327 -5.42 26.81 32.56
N ALA A 328 -4.47 26.62 33.47
CA ALA A 328 -4.47 25.46 34.35
C ALA A 328 -4.56 25.89 35.81
N GLY A 329 -5.39 25.19 36.55
CA GLY A 329 -5.57 25.45 37.96
C GLY A 329 -6.61 24.52 38.52
N LYS A 330 -6.62 24.43 39.85
CA LYS A 330 -7.60 23.57 40.50
C LYS A 330 -8.40 24.39 41.49
N PRO A 331 -9.75 24.47 41.39
CA PRO A 331 -10.72 23.97 40.39
C PRO A 331 -10.69 24.74 39.07
N ARG A 332 -11.10 24.06 37.98
CA ARG A 332 -10.58 24.37 36.66
C ARG A 332 -11.24 25.62 36.07
N PRO A 333 -10.46 26.56 35.52
CA PRO A 333 -10.88 27.97 35.51
C PRO A 333 -11.82 28.31 34.38
N THR A 334 -12.85 29.08 34.73
CA THR A 334 -13.80 29.60 33.76
C THR A 334 -13.11 30.77 33.07
N VAL A 335 -12.58 30.50 31.87
CA VAL A 335 -11.90 31.51 31.10
C VAL A 335 -12.93 32.40 30.43
N ARG A 336 -12.88 33.69 30.74
CA ARG A 336 -13.80 34.65 30.14
C ARG A 336 -12.97 35.73 29.46
N TRP A 337 -13.65 36.58 28.70
CA TRP A 337 -12.97 37.52 27.84
C TRP A 337 -13.44 38.94 28.14
N LEU A 338 -12.50 39.88 28.14
CA LEU A 338 -12.80 41.30 28.17
C LEU A 338 -12.42 41.94 26.84
N ARG A 339 -13.17 42.96 26.45
CA ARG A 339 -12.83 43.82 25.33
C ARG A 339 -12.88 45.26 25.81
N ASN A 340 -11.70 45.91 25.83
CA ASN A 340 -11.43 47.32 26.19
C ASN A 340 -11.89 47.69 27.59
N GLY A 341 -11.75 46.78 28.54
CA GLY A 341 -12.16 47.05 29.90
C GLY A 341 -13.62 46.78 30.19
N GLU A 342 -14.36 46.24 29.23
CA GLU A 342 -15.76 45.88 29.35
C GLU A 342 -15.88 44.41 29.00
N PRO A 343 -16.88 43.68 29.53
CA PRO A 343 -17.02 42.26 29.19
C PRO A 343 -17.53 41.99 27.78
N LEU A 344 -17.09 40.88 27.23
CA LEU A 344 -17.30 40.52 25.82
C LEU A 344 -18.09 39.22 25.77
N ALA A 345 -19.36 39.33 25.38
CA ALA A 345 -20.16 38.14 25.16
C ALA A 345 -20.09 37.74 23.70
N SER A 346 -20.97 36.82 23.31
CA SER A 346 -21.12 36.47 21.90
C SER A 346 -21.90 37.57 21.18
N GLN A 347 -21.36 38.02 20.05
CA GLN A 347 -21.91 39.15 19.32
C GLN A 347 -22.18 38.73 17.89
N ASN A 348 -22.42 39.73 17.03
CA ASN A 348 -22.80 39.48 15.64
C ASN A 348 -21.63 39.00 14.78
N ARG A 349 -20.42 39.44 15.09
CA ARG A 349 -19.22 38.96 14.42
C ARG A 349 -18.22 38.35 15.39
N VAL A 350 -18.54 38.35 16.68
CA VAL A 350 -17.63 37.95 17.75
C VAL A 350 -18.23 36.75 18.46
N GLU A 351 -17.49 35.64 18.51
CA GLU A 351 -17.98 34.44 19.18
C GLU A 351 -17.04 34.03 20.31
N VAL A 352 -17.59 33.90 21.51
CA VAL A 352 -16.88 33.45 22.70
C VAL A 352 -17.50 32.11 23.12
N LEU A 353 -16.67 31.07 23.20
CA LEU A 353 -17.14 29.76 23.62
C LEU A 353 -16.75 29.50 25.08
N ALA A 354 -16.34 30.56 25.80
CA ALA A 354 -15.59 30.57 27.08
C ALA A 354 -14.36 29.67 26.97
N GLY A 355 -13.43 30.16 26.17
CA GLY A 355 -12.41 29.36 25.51
C GLY A 355 -11.85 30.18 24.39
N ASP A 356 -11.93 29.67 23.16
CA ASP A 356 -11.43 30.40 22.00
C ASP A 356 -12.32 31.59 21.61
N LEU A 357 -11.70 32.61 21.02
CA LEU A 357 -12.40 33.78 20.50
C LEU A 357 -12.31 33.73 18.99
N ARG A 358 -13.45 33.54 18.32
CA ARG A 358 -13.48 33.32 16.88
C ARG A 358 -14.20 34.47 16.22
N PHE A 359 -13.46 35.27 15.44
CA PHE A 359 -14.03 36.36 14.67
C PHE A 359 -14.59 35.82 13.37
N SER A 360 -15.82 36.21 13.04
CA SER A 360 -16.43 35.76 11.80
C SER A 360 -15.94 36.60 10.62
N LYS A 361 -16.23 37.89 10.64
CA LYS A 361 -15.71 38.81 9.62
C LYS A 361 -15.17 40.02 10.37
N LEU A 362 -13.89 40.32 10.17
CA LEU A 362 -13.27 41.42 10.88
C LEU A 362 -13.64 42.76 10.26
N SER A 363 -13.60 43.80 11.08
CA SER A 363 -13.82 45.17 10.63
C SER A 363 -12.90 46.08 11.42
N LEU A 364 -12.98 47.37 11.12
CA LEU A 364 -12.06 48.33 11.73
C LEU A 364 -12.53 48.79 13.11
N GLU A 365 -13.75 48.44 13.52
CA GLU A 365 -14.20 48.67 14.88
C GLU A 365 -13.85 47.53 15.84
N ASP A 366 -13.18 46.48 15.36
CA ASP A 366 -12.65 45.44 16.23
C ASP A 366 -11.24 45.72 16.71
N SER A 367 -10.66 46.86 16.37
CA SER A 367 -9.34 47.22 16.86
C SER A 367 -9.42 47.68 18.31
N GLY A 368 -8.66 47.03 19.16
CA GLY A 368 -8.65 47.36 20.57
C GLY A 368 -7.92 46.29 21.36
N MET A 369 -7.75 46.58 22.64
CA MET A 369 -7.07 45.68 23.56
C MET A 369 -8.07 44.67 24.09
N TYR A 370 -7.87 43.41 23.77
CA TYR A 370 -8.72 42.33 24.26
C TYR A 370 -7.97 41.62 25.36
N GLN A 371 -8.70 41.11 26.34
CA GLN A 371 -8.07 40.50 27.50
C GLN A 371 -8.64 39.12 27.77
N CYS A 372 -7.75 38.16 27.96
CA CYS A 372 -8.12 36.84 28.42
C CYS A 372 -8.03 36.81 29.93
N VAL A 373 -9.14 36.48 30.59
CA VAL A 373 -9.23 36.45 32.04
C VAL A 373 -9.56 35.04 32.49
N ALA A 374 -8.70 34.44 33.32
CA ALA A 374 -9.00 33.17 33.96
C ALA A 374 -9.34 33.41 35.41
N GLU A 375 -10.20 32.56 35.97
CA GLU A 375 -10.80 32.84 37.27
C GLU A 375 -11.26 31.56 37.94
N ASN A 376 -10.91 31.42 39.23
CA ASN A 376 -11.61 30.51 40.13
C ASN A 376 -11.72 31.20 41.49
N LYS A 377 -11.95 30.39 42.53
CA LYS A 377 -12.09 30.94 43.88
C LYS A 377 -10.77 31.22 44.58
N HIS A 378 -9.62 30.85 44.00
CA HIS A 378 -8.34 31.10 44.63
C HIS A 378 -7.54 32.23 43.98
N GLY A 379 -7.99 32.76 42.85
CA GLY A 379 -7.27 33.84 42.21
C GLY A 379 -7.83 34.13 40.85
N THR A 380 -7.38 35.25 40.30
CA THR A 380 -7.81 35.73 38.99
C THR A 380 -6.60 36.28 38.24
N ILE A 381 -6.31 35.71 37.07
CA ILE A 381 -5.16 36.13 36.28
C ILE A 381 -5.62 36.66 34.93
N TYR A 382 -4.77 37.47 34.31
CA TYR A 382 -5.11 38.28 33.15
C TYR A 382 -4.03 38.15 32.09
N ALA A 383 -4.42 38.35 30.83
CA ALA A 383 -3.49 38.28 29.71
C ALA A 383 -3.98 39.17 28.57
N SER A 384 -3.16 40.14 28.18
CA SER A 384 -3.55 41.18 27.24
C SER A 384 -3.01 40.91 25.85
N ALA A 385 -3.76 41.33 24.83
CA ALA A 385 -3.26 41.34 23.46
C ALA A 385 -3.86 42.49 22.68
N GLU A 386 -3.16 42.87 21.61
CA GLU A 386 -3.67 43.88 20.71
C GLU A 386 -4.13 43.24 19.41
N LEU A 387 -5.34 43.56 18.99
CA LEU A 387 -5.79 43.23 17.65
C LEU A 387 -5.71 44.50 16.82
N ALA A 388 -4.83 44.50 15.83
CA ALA A 388 -4.63 45.66 14.96
C ALA A 388 -5.19 45.29 13.60
N VAL A 389 -6.44 45.66 13.35
CA VAL A 389 -7.08 45.38 12.08
C VAL A 389 -6.62 46.44 11.09
N GLN A 390 -6.11 45.99 9.95
CA GLN A 390 -5.45 46.86 8.99
C GLN A 390 -6.21 46.87 7.67
N ALA A 391 -6.40 48.05 7.11
CA ALA A 391 -6.89 48.21 5.75
C ALA A 391 -5.72 48.65 4.87
N LEU A 392 -5.53 47.95 3.75
CA LEU A 392 -4.37 48.19 2.89
C LEU A 392 -4.82 48.54 1.49
N ALA A 393 -3.98 49.26 0.77
CA ALA A 393 -4.13 49.43 -0.66
C ALA A 393 -3.67 48.15 -1.37
N PRO A 394 -4.17 47.87 -2.59
CA PRO A 394 -3.57 46.78 -3.38
C PRO A 394 -2.22 47.18 -3.92
N ASP A 395 -1.26 46.29 -3.75
CA ASP A 395 0.12 46.56 -4.10
C ASP A 395 0.71 45.29 -4.68
N PHE A 396 1.24 45.38 -5.89
CA PHE A 396 1.72 44.21 -6.60
C PHE A 396 3.23 44.04 -6.49
N ARG A 397 3.86 44.56 -5.44
CA ARG A 397 5.31 44.45 -5.33
C ARG A 397 5.75 43.22 -4.54
N LEU A 398 4.81 42.39 -4.08
CA LEU A 398 5.16 41.16 -3.39
C LEU A 398 4.64 39.91 -4.08
N ASN A 399 3.46 39.99 -4.72
CA ASN A 399 2.92 38.83 -5.43
C ASN A 399 2.18 39.41 -6.64
N PRO A 400 2.84 39.64 -7.78
CA PRO A 400 2.16 40.27 -8.92
C PRO A 400 1.49 39.24 -9.82
N VAL A 401 0.89 39.77 -10.88
CA VAL A 401 0.57 38.98 -12.06
C VAL A 401 1.90 38.72 -12.78
N ARG A 402 2.04 37.51 -13.36
CA ARG A 402 3.15 37.09 -14.21
C ARG A 402 3.26 37.98 -15.43
N ARG A 403 4.46 38.52 -15.66
CA ARG A 403 4.60 39.61 -16.61
C ARG A 403 4.70 39.09 -18.04
N LEU A 404 5.27 37.92 -18.24
CA LEU A 404 5.57 37.48 -19.60
C LEU A 404 5.31 35.98 -19.68
N ILE A 405 4.20 35.64 -20.34
CA ILE A 405 3.34 34.52 -19.97
C ILE A 405 3.38 33.54 -21.15
N PRO A 406 3.63 32.26 -20.93
CA PRO A 406 3.38 31.28 -22.00
C PRO A 406 2.01 30.64 -21.90
N ALA A 407 1.50 30.24 -23.06
CA ALA A 407 0.27 29.47 -23.18
C ALA A 407 0.37 28.58 -24.41
N ALA A 408 -0.39 27.49 -24.40
CA ALA A 408 -0.36 26.54 -25.49
C ALA A 408 -1.63 26.67 -26.33
N ARG A 409 -1.54 26.28 -27.60
CA ARG A 409 -2.72 26.25 -28.45
C ARG A 409 -3.57 25.02 -28.13
N GLY A 410 -4.83 25.26 -27.78
CA GLY A 410 -5.72 24.19 -27.40
C GLY A 410 -5.65 23.78 -25.94
N GLY A 411 -4.84 24.44 -25.14
CA GLY A 411 -4.63 24.07 -23.76
C GLY A 411 -5.38 24.96 -22.81
N GLU A 412 -4.77 25.19 -21.64
CA GLU A 412 -5.43 25.87 -20.53
C GLU A 412 -4.43 26.86 -19.94
N ILE A 413 -4.94 27.95 -19.36
CA ILE A 413 -4.09 28.87 -18.63
C ILE A 413 -4.77 29.22 -17.30
N LEU A 414 -4.01 29.12 -16.21
CA LEU A 414 -4.43 29.61 -14.92
C LEU A 414 -3.63 30.87 -14.60
N ILE A 415 -4.27 32.02 -14.73
CA ILE A 415 -3.67 33.29 -14.34
C ILE A 415 -4.33 33.93 -13.12
N PRO A 416 -3.70 33.86 -11.94
CA PRO A 416 -4.29 34.49 -10.75
C PRO A 416 -3.90 35.95 -10.66
N CYS A 417 -4.71 36.70 -9.93
CA CYS A 417 -4.43 38.10 -9.61
C CYS A 417 -4.71 38.28 -8.13
N GLN A 418 -3.72 38.02 -7.29
CA GLN A 418 -3.88 38.04 -5.85
C GLN A 418 -2.91 39.04 -5.24
N PRO A 419 -3.29 40.32 -5.15
CA PRO A 419 -2.40 41.30 -4.53
C PRO A 419 -2.50 41.25 -3.02
N ARG A 420 -1.63 42.01 -2.36
CA ARG A 420 -1.69 42.16 -0.90
C ARG A 420 -2.70 43.26 -0.60
N ALA A 421 -3.97 42.87 -0.55
CA ALA A 421 -5.07 43.80 -0.39
C ALA A 421 -5.89 43.42 0.84
N ALA A 422 -6.22 44.42 1.64
CA ALA A 422 -7.12 44.23 2.77
C ALA A 422 -8.24 45.24 2.66
N PRO A 423 -9.50 44.84 2.38
CA PRO A 423 -10.05 43.50 2.16
C PRO A 423 -9.87 42.97 0.75
N LYS A 424 -10.69 41.97 0.38
CA LYS A 424 -10.51 41.25 -0.88
C LYS A 424 -11.01 42.08 -2.06
N ALA A 425 -10.09 42.37 -2.98
CA ALA A 425 -10.29 43.42 -3.97
C ALA A 425 -11.15 42.94 -5.13
N VAL A 426 -11.85 43.89 -5.75
CA VAL A 426 -12.67 43.60 -6.92
C VAL A 426 -11.76 43.49 -8.13
N VAL A 427 -11.70 42.30 -8.72
CA VAL A 427 -10.85 42.02 -9.86
C VAL A 427 -11.69 42.12 -11.11
N LEU A 428 -11.33 43.04 -12.00
CA LEU A 428 -11.99 43.19 -13.29
C LEU A 428 -10.88 43.11 -14.34
N TRP A 429 -10.84 42.01 -15.07
CA TRP A 429 -9.77 41.75 -16.03
C TRP A 429 -10.01 42.54 -17.31
N SER A 430 -8.93 42.83 -18.02
CA SER A 430 -9.03 43.54 -19.28
C SER A 430 -7.94 43.08 -20.23
N LYS A 431 -8.32 42.88 -21.50
CA LYS A 431 -7.35 42.61 -22.56
C LYS A 431 -7.10 43.93 -23.28
N GLY A 432 -6.08 44.64 -22.81
CA GLY A 432 -5.78 45.95 -23.37
C GLY A 432 -6.73 46.98 -22.81
N THR A 433 -7.68 47.39 -23.65
CA THR A 433 -8.79 48.25 -23.24
C THR A 433 -10.12 47.52 -23.19
N GLU A 434 -10.21 46.32 -23.77
CA GLU A 434 -11.45 45.55 -23.82
C GLU A 434 -11.63 44.82 -22.50
N ILE A 435 -12.69 45.19 -21.76
CA ILE A 435 -12.95 44.61 -20.44
C ILE A 435 -13.59 43.24 -20.61
N LEU A 436 -12.97 42.22 -20.01
CA LEU A 436 -13.40 40.85 -20.21
C LEU A 436 -14.62 40.51 -19.37
N VAL A 437 -15.62 39.95 -20.04
CA VAL A 437 -16.89 39.51 -19.48
C VAL A 437 -16.83 37.99 -19.49
N ASN A 438 -17.44 37.34 -18.48
CA ASN A 438 -17.64 35.89 -18.50
C ASN A 438 -18.60 35.51 -19.63
N SER A 439 -18.29 34.38 -20.26
CA SER A 439 -18.93 33.85 -21.45
C SER A 439 -18.67 32.35 -21.48
N SER A 440 -18.82 31.74 -22.66
CA SER A 440 -18.58 30.31 -22.79
C SER A 440 -17.10 29.94 -22.90
N ARG A 441 -16.20 30.91 -23.11
CA ARG A 441 -14.79 30.64 -23.34
C ARG A 441 -13.91 31.18 -22.23
N VAL A 442 -14.28 32.35 -21.71
CA VAL A 442 -13.46 33.14 -20.80
C VAL A 442 -14.17 33.20 -19.45
N THR A 443 -13.46 32.85 -18.37
CA THR A 443 -14.07 32.79 -17.04
C THR A 443 -13.25 33.58 -16.02
N VAL A 444 -13.87 34.60 -15.41
CA VAL A 444 -13.26 35.38 -14.34
C VAL A 444 -13.82 34.83 -13.03
N THR A 445 -13.01 34.02 -12.33
CA THR A 445 -13.38 33.54 -11.01
C THR A 445 -13.20 34.69 -10.00
N PRO A 446 -14.16 34.93 -9.07
CA PRO A 446 -14.09 36.18 -8.27
C PRO A 446 -13.08 36.24 -7.12
N ASP A 447 -12.19 35.26 -6.95
CA ASP A 447 -10.98 35.52 -6.17
C ASP A 447 -9.96 36.31 -6.96
N GLY A 448 -10.00 36.21 -8.29
CA GLY A 448 -9.10 36.93 -9.17
C GLY A 448 -8.61 36.12 -10.36
N THR A 449 -8.88 34.82 -10.40
CA THR A 449 -8.26 33.94 -11.38
C THR A 449 -9.00 33.97 -12.70
N LEU A 450 -8.31 34.36 -13.77
CA LEU A 450 -8.89 34.28 -15.11
C LEU A 450 -8.58 32.93 -15.72
N ILE A 451 -9.60 32.30 -16.30
CA ILE A 451 -9.47 30.99 -16.95
C ILE A 451 -9.90 31.14 -18.40
N ILE A 452 -8.98 30.84 -19.33
CA ILE A 452 -9.29 30.81 -20.75
C ILE A 452 -9.14 29.39 -21.27
N ARG A 453 -10.25 28.82 -21.76
CA ARG A 453 -10.21 27.60 -22.53
C ARG A 453 -10.01 27.96 -24.00
N ASN A 454 -9.41 26.99 -24.73
CA ASN A 454 -9.27 26.93 -26.21
C ASN A 454 -8.50 28.12 -26.80
N ILE A 455 -7.21 28.20 -26.47
CA ILE A 455 -6.41 29.37 -26.80
C ILE A 455 -5.97 29.30 -28.26
N SER A 456 -6.19 30.40 -28.99
CA SER A 456 -5.72 30.55 -30.35
C SER A 456 -4.89 31.82 -30.44
N ARG A 457 -4.55 32.22 -31.65
CA ARG A 457 -3.72 33.41 -31.87
C ARG A 457 -4.50 34.71 -31.85
N SER A 458 -5.83 34.71 -31.68
CA SER A 458 -6.56 35.95 -31.49
C SER A 458 -6.70 36.32 -30.02
N ASP A 459 -6.15 35.51 -29.11
CA ASP A 459 -6.33 35.72 -27.68
C ASP A 459 -5.02 36.25 -27.06
N GLU A 460 -3.94 36.30 -27.85
CA GLU A 460 -2.68 36.90 -27.42
C GLU A 460 -2.75 38.42 -27.38
N GLY A 461 -2.18 38.99 -26.34
CA GLY A 461 -2.43 40.39 -26.04
C GLY A 461 -1.80 40.81 -24.73
N LYS A 462 -2.36 41.87 -24.17
CA LYS A 462 -1.70 42.65 -23.15
C LYS A 462 -2.67 42.66 -21.96
N TYR A 463 -2.58 41.62 -21.12
CA TYR A 463 -3.62 41.38 -20.13
C TYR A 463 -3.37 42.16 -18.84
N THR A 464 -4.27 43.08 -18.53
CA THR A 464 -4.16 43.93 -17.35
C THR A 464 -5.21 43.50 -16.33
N CYS A 465 -4.75 43.12 -15.14
CA CYS A 465 -5.66 42.85 -14.03
C CYS A 465 -5.85 44.11 -13.21
N PHE A 466 -7.08 44.56 -13.08
CA PHE A 466 -7.37 45.71 -12.23
C PHE A 466 -7.76 45.25 -10.83
N ALA A 467 -7.47 46.09 -9.84
CA ALA A 467 -7.78 45.80 -8.45
C ALA A 467 -8.40 47.02 -7.79
N GLU A 468 -9.38 46.79 -6.92
CA GLU A 468 -10.17 47.88 -6.35
C GLU A 468 -10.78 47.48 -5.02
N ASN A 469 -10.44 48.22 -3.98
CA ASN A 469 -11.22 48.26 -2.74
C ASN A 469 -11.46 49.74 -2.43
N PHE A 470 -11.86 50.02 -1.18
CA PHE A 470 -12.13 51.41 -0.81
C PHE A 470 -10.85 52.21 -0.53
N MET A 471 -9.71 51.54 -0.31
CA MET A 471 -8.46 52.24 -0.04
C MET A 471 -7.80 52.82 -1.30
N GLY A 472 -7.78 52.08 -2.39
CA GLY A 472 -7.08 52.55 -3.57
C GLY A 472 -7.15 51.53 -4.69
N LYS A 473 -6.35 51.78 -5.73
CA LYS A 473 -6.35 50.97 -6.94
C LYS A 473 -4.93 50.71 -7.42
N ALA A 474 -4.76 49.61 -8.13
CA ALA A 474 -3.50 49.22 -8.77
C ALA A 474 -3.81 48.33 -9.95
N ASN A 475 -2.91 48.32 -10.92
CA ASN A 475 -3.05 47.44 -12.06
C ASN A 475 -1.72 46.74 -12.32
N SER A 476 -1.78 45.48 -12.70
CA SER A 476 -0.58 44.72 -13.03
C SER A 476 -0.82 44.00 -14.35
N THR A 477 0.16 44.06 -15.24
CA THR A 477 -0.04 43.84 -16.66
C THR A 477 0.84 42.71 -17.16
N GLY A 478 0.22 41.66 -17.70
CA GLY A 478 0.95 40.53 -18.24
C GLY A 478 0.82 40.35 -19.74
N ILE A 479 1.84 39.77 -20.37
CA ILE A 479 1.87 39.69 -21.83
C ILE A 479 1.71 38.24 -22.25
N LEU A 480 0.58 37.90 -22.86
CA LEU A 480 0.26 36.53 -23.23
C LEU A 480 0.82 36.20 -24.60
N SER A 481 1.56 35.09 -24.70
CA SER A 481 2.09 34.60 -25.96
C SER A 481 1.61 33.17 -26.17
N VAL A 482 1.18 32.88 -27.40
CA VAL A 482 0.56 31.60 -27.74
C VAL A 482 1.55 30.79 -28.55
N ARG A 483 1.85 29.58 -28.09
CA ARG A 483 2.85 28.72 -28.69
C ARG A 483 2.15 27.49 -29.25
N ASP A 484 2.92 26.57 -29.83
CA ASP A 484 2.36 25.27 -30.16
C ASP A 484 2.37 24.37 -28.95
N ALA A 485 1.41 23.46 -28.86
CA ALA A 485 1.28 22.61 -27.70
C ALA A 485 2.16 21.38 -27.84
N THR A 486 2.82 21.02 -26.76
CA THR A 486 3.59 19.79 -26.72
C THR A 486 2.65 18.62 -26.54
N LYS A 487 2.62 17.73 -27.51
CA LYS A 487 1.75 16.56 -27.44
C LYS A 487 2.57 15.36 -27.85
N ILE A 488 2.19 14.19 -27.35
CA ILE A 488 2.88 12.96 -27.71
C ILE A 488 2.21 12.40 -28.96
N THR A 489 2.96 12.27 -30.04
CA THR A 489 2.42 11.74 -31.27
C THR A 489 2.41 10.21 -31.31
N LEU A 490 3.30 9.57 -30.58
CA LEU A 490 3.40 8.10 -30.55
C LEU A 490 3.62 7.69 -29.11
N ALA A 491 2.55 7.23 -28.46
CA ALA A 491 2.58 6.89 -27.05
C ALA A 491 3.29 5.54 -26.84
N PRO A 492 3.95 5.35 -25.70
CA PRO A 492 4.45 4.01 -25.38
C PRO A 492 3.33 3.05 -24.97
N SER A 493 3.27 1.95 -25.70
CA SER A 493 2.27 0.93 -25.48
C SER A 493 2.72 0.01 -24.38
N SER A 494 1.78 -0.79 -23.87
CA SER A 494 2.12 -1.84 -22.91
C SER A 494 2.85 -2.98 -23.61
N ALA A 495 3.72 -3.63 -22.87
CA ALA A 495 4.54 -4.67 -23.46
C ALA A 495 4.66 -5.84 -22.52
N ASP A 496 4.92 -7.01 -23.08
CA ASP A 496 5.08 -8.24 -22.32
C ASP A 496 6.30 -8.99 -22.85
N ILE A 497 7.28 -9.19 -21.98
CA ILE A 497 8.61 -9.68 -22.31
C ILE A 497 8.94 -10.86 -21.41
N ASN A 498 10.21 -11.29 -21.43
CA ASN A 498 10.77 -12.21 -20.46
C ASN A 498 11.99 -11.57 -19.80
N LEU A 499 12.64 -12.31 -18.91
CA LEU A 499 13.96 -11.92 -18.45
C LEU A 499 14.97 -12.20 -19.54
N GLY A 500 15.93 -11.28 -19.69
CA GLY A 500 16.95 -11.41 -20.71
C GLY A 500 16.58 -10.81 -22.05
N ASP A 501 15.37 -10.30 -22.20
CA ASP A 501 14.94 -9.71 -23.46
C ASP A 501 15.26 -8.22 -23.49
N ASN A 502 15.41 -7.69 -24.70
CA ASN A 502 15.59 -6.27 -24.93
C ASN A 502 14.26 -5.68 -25.39
N LEU A 503 13.96 -4.48 -24.89
CA LEU A 503 12.66 -3.89 -25.12
C LEU A 503 12.78 -2.38 -25.16
N THR A 504 12.34 -1.79 -26.28
CA THR A 504 12.29 -0.34 -26.40
C THR A 504 10.85 0.13 -26.20
N LEU A 505 10.71 1.39 -25.81
CA LEU A 505 9.41 1.99 -25.58
C LEU A 505 9.35 3.32 -26.33
N GLN A 506 8.47 3.40 -27.32
CA GLN A 506 8.50 4.51 -28.27
C GLN A 506 7.83 5.75 -27.71
N CYS A 507 8.56 6.86 -27.71
CA CYS A 507 7.99 8.12 -27.23
C CYS A 507 8.49 9.24 -28.14
N HIS A 508 7.72 9.53 -29.18
CA HIS A 508 7.94 10.67 -30.04
C HIS A 508 7.13 11.82 -29.49
N ALA A 509 7.47 13.05 -29.89
CA ALA A 509 6.73 14.22 -29.47
C ALA A 509 6.76 15.27 -30.57
N SER A 510 5.85 16.23 -30.48
CA SER A 510 5.82 17.33 -31.43
C SER A 510 5.57 18.60 -30.65
N HIS A 511 6.31 19.64 -31.01
CA HIS A 511 6.40 20.83 -30.17
C HIS A 511 6.72 22.01 -31.08
N ASP A 512 6.79 23.20 -30.48
CA ASP A 512 7.07 24.42 -31.21
C ASP A 512 8.56 24.48 -31.54
N PRO A 513 8.97 24.81 -32.78
CA PRO A 513 10.39 24.69 -33.15
C PRO A 513 11.29 25.81 -32.65
N THR A 514 10.75 26.87 -32.05
CA THR A 514 11.57 27.81 -31.31
C THR A 514 12.07 27.22 -30.00
N MET A 515 11.28 26.34 -29.39
CA MET A 515 11.49 25.89 -28.03
C MET A 515 12.45 24.70 -28.00
N ASP A 516 12.70 24.17 -26.81
CA ASP A 516 13.52 22.99 -26.61
C ASP A 516 12.74 21.91 -25.87
N LEU A 517 13.04 20.65 -26.16
CA LEU A 517 12.21 19.52 -25.76
C LEU A 517 13.05 18.44 -25.12
N THR A 518 12.85 18.23 -23.82
CA THR A 518 13.56 17.21 -23.08
C THR A 518 12.58 16.12 -22.63
N PHE A 519 13.07 14.90 -22.59
CA PHE A 519 12.28 13.73 -22.22
C PHE A 519 12.73 13.23 -20.87
N THR A 520 11.85 13.24 -19.89
CA THR A 520 12.13 12.62 -18.61
C THR A 520 11.24 11.38 -18.43
N TRP A 521 11.87 10.26 -18.17
CA TRP A 521 11.19 8.99 -17.95
C TRP A 521 11.16 8.70 -16.47
N THR A 522 9.97 8.47 -15.92
CA THR A 522 9.82 8.09 -14.52
C THR A 522 9.17 6.71 -14.41
N LEU A 523 9.74 5.88 -13.54
CA LEU A 523 9.23 4.55 -13.23
C LEU A 523 8.66 4.58 -11.81
N ASP A 524 7.33 4.41 -11.71
CA ASP A 524 6.50 4.35 -10.49
C ASP A 524 6.64 5.60 -9.62
N ASP A 525 6.71 6.76 -10.28
CA ASP A 525 7.08 8.10 -9.81
C ASP A 525 8.44 8.15 -9.10
N PHE A 526 9.42 7.36 -9.54
CA PHE A 526 10.83 7.52 -9.21
C PHE A 526 11.59 7.79 -10.50
N PRO A 527 12.61 8.66 -10.50
CA PRO A 527 13.32 8.97 -11.76
C PRO A 527 14.33 7.90 -12.13
N ILE A 528 14.55 7.76 -13.44
CA ILE A 528 15.41 6.71 -13.96
C ILE A 528 16.86 7.13 -13.82
N ASP A 529 17.65 6.31 -13.13
CA ASP A 529 19.10 6.46 -13.07
C ASP A 529 19.70 5.68 -14.23
N PHE A 530 20.12 6.41 -15.26
CA PHE A 530 20.75 5.80 -16.42
C PHE A 530 22.19 5.39 -16.11
N ASP A 531 22.85 6.09 -15.20
CA ASP A 531 24.27 5.91 -14.95
C ASP A 531 24.56 5.01 -13.76
N LYS A 532 23.75 3.98 -13.54
CA LYS A 532 24.01 3.02 -12.48
C LYS A 532 25.14 2.08 -12.90
N PRO A 533 25.97 1.60 -11.97
CA PRO A 533 26.86 0.47 -12.29
C PRO A 533 26.07 -0.81 -12.48
N GLY A 534 26.46 -1.58 -13.49
CA GLY A 534 25.61 -2.64 -14.00
C GLY A 534 24.39 -2.07 -14.71
N GLY A 535 24.60 -1.09 -15.61
CA GLY A 535 23.55 -0.31 -16.21
C GLY A 535 22.67 -1.02 -17.23
N HIS A 536 21.36 -0.85 -17.10
CA HIS A 536 20.40 -1.53 -17.95
C HIS A 536 19.73 -0.62 -18.96
N TYR A 537 19.34 0.59 -18.54
CA TYR A 537 18.60 1.49 -19.41
C TYR A 537 19.54 2.26 -20.32
N ARG A 538 19.33 2.14 -21.64
CA ARG A 538 20.15 2.89 -22.59
C ARG A 538 19.27 3.46 -23.68
N ARG A 539 19.80 4.49 -24.36
CA ARG A 539 19.08 5.29 -25.33
C ARG A 539 19.41 4.87 -26.76
N THR A 540 18.39 4.94 -27.63
CA THR A 540 18.48 4.50 -29.01
C THR A 540 17.84 5.60 -29.86
N ASN A 541 18.40 5.79 -31.09
CA ASN A 541 17.88 6.62 -32.19
C ASN A 541 17.76 8.10 -31.85
N VAL A 542 18.92 8.76 -31.69
CA VAL A 542 18.96 10.13 -31.18
C VAL A 542 18.61 11.12 -32.28
N LYS A 543 17.54 11.89 -32.04
CA LYS A 543 17.19 13.11 -32.75
C LYS A 543 16.77 14.10 -31.67
N GLU A 544 16.08 15.18 -32.05
CA GLU A 544 15.58 16.10 -31.04
C GLU A 544 14.33 15.56 -30.35
N THR A 545 13.35 15.13 -31.13
CA THR A 545 12.01 14.84 -30.64
C THR A 545 11.75 13.36 -30.44
N ILE A 546 12.78 12.53 -30.36
CA ILE A 546 12.64 11.09 -30.17
C ILE A 546 13.18 10.75 -28.80
N GLY A 547 12.33 10.20 -27.95
CA GLY A 547 12.71 9.84 -26.60
C GLY A 547 12.58 8.37 -26.26
N ASP A 548 13.04 7.47 -27.14
CA ASP A 548 12.86 6.05 -26.94
C ASP A 548 13.87 5.51 -25.94
N LEU A 549 13.36 5.02 -24.81
CA LEU A 549 14.17 4.30 -23.84
C LEU A 549 14.16 2.82 -24.16
N THR A 550 15.33 2.23 -24.27
CA THR A 550 15.49 0.81 -24.57
C THR A 550 16.07 0.09 -23.35
N ILE A 551 15.26 -0.75 -22.73
CA ILE A 551 15.66 -1.54 -21.58
C ILE A 551 16.49 -2.70 -22.07
N LEU A 552 17.73 -2.81 -21.61
CA LEU A 552 18.64 -3.85 -22.05
C LEU A 552 19.00 -4.74 -20.86
N ASN A 553 18.88 -6.07 -21.07
CA ASN A 553 18.91 -7.16 -20.08
C ASN A 553 17.92 -6.88 -18.92
N ALA A 554 16.65 -6.99 -19.29
CA ALA A 554 15.57 -6.63 -18.36
C ALA A 554 15.36 -7.70 -17.30
N GLN A 555 15.27 -7.25 -16.04
CA GLN A 555 15.04 -8.12 -14.90
C GLN A 555 13.75 -7.68 -14.22
N LEU A 556 13.53 -8.22 -13.01
CA LEU A 556 12.23 -8.15 -12.33
C LEU A 556 11.92 -6.77 -11.75
N ARG A 557 12.94 -5.95 -11.53
CA ARG A 557 12.72 -4.63 -10.94
C ARG A 557 12.33 -3.58 -11.98
N HIS A 558 12.42 -3.91 -13.26
CA HIS A 558 12.07 -3.00 -14.35
C HIS A 558 10.61 -3.10 -14.75
N GLY A 559 9.83 -3.93 -14.08
CA GLY A 559 8.40 -3.98 -14.31
C GLY A 559 7.68 -2.98 -13.43
N GLY A 560 6.68 -2.34 -14.00
CA GLY A 560 5.96 -1.30 -13.32
C GLY A 560 5.40 -0.32 -14.33
N LYS A 561 4.94 0.81 -13.83
CA LYS A 561 4.33 1.81 -14.70
C LYS A 561 5.42 2.74 -15.23
N TYR A 562 5.34 3.04 -16.53
CA TYR A 562 6.27 3.96 -17.16
C TYR A 562 5.55 5.22 -17.59
N THR A 563 6.20 6.36 -17.39
CA THR A 563 5.62 7.65 -17.73
C THR A 563 6.65 8.46 -18.49
N CYS A 564 6.50 8.50 -19.82
CA CYS A 564 7.37 9.34 -20.64
C CYS A 564 6.85 10.76 -20.63
N MET A 565 7.58 11.65 -19.96
CA MET A 565 7.17 13.04 -19.84
C MET A 565 8.05 13.85 -20.79
N ALA A 566 7.49 14.21 -21.94
CA ALA A 566 8.11 15.22 -22.77
C ALA A 566 7.81 16.57 -22.19
N GLN A 567 8.84 17.31 -21.84
CA GLN A 567 8.62 18.64 -21.31
C GLN A 567 9.48 19.63 -22.07
N THR A 568 8.91 20.81 -22.23
CA THR A 568 9.62 22.04 -22.45
C THR A 568 9.84 22.70 -21.09
N VAL A 569 10.19 23.98 -21.10
CA VAL A 569 10.28 24.73 -19.85
C VAL A 569 8.92 25.34 -19.50
N VAL A 570 7.97 25.30 -20.43
CA VAL A 570 6.67 25.93 -20.20
C VAL A 570 5.52 24.92 -20.12
N ASP A 571 5.71 23.66 -20.54
CA ASP A 571 4.57 22.78 -20.81
C ASP A 571 5.06 21.32 -20.74
N SER A 572 4.18 20.43 -20.29
CA SER A 572 4.51 19.02 -20.14
C SER A 572 3.33 18.16 -20.57
N ALA A 573 3.63 17.02 -21.19
CA ALA A 573 2.60 16.06 -21.59
C ALA A 573 3.16 14.66 -21.42
N SER A 574 2.36 13.78 -20.84
CA SER A 574 2.83 12.48 -20.38
C SER A 574 1.92 11.37 -20.87
N LYS A 575 2.51 10.22 -21.18
CA LYS A 575 1.75 9.04 -21.60
C LYS A 575 2.20 7.83 -20.80
N GLU A 576 1.32 6.84 -20.74
CA GLU A 576 1.35 5.78 -19.74
C GLU A 576 1.71 4.45 -20.40
N ALA A 577 2.65 3.73 -19.82
CA ALA A 577 2.98 2.39 -20.29
C ALA A 577 3.14 1.46 -19.09
N THR A 578 2.72 0.21 -19.26
CA THR A 578 2.75 -0.77 -18.19
C THR A 578 3.46 -2.03 -18.68
N VAL A 579 4.63 -2.31 -18.11
CA VAL A 579 5.49 -3.42 -18.52
C VAL A 579 5.49 -4.44 -17.38
N LEU A 580 5.28 -5.71 -17.71
CA LEU A 580 5.46 -6.81 -16.76
C LEU A 580 6.49 -7.78 -17.32
N VAL A 581 7.55 -8.05 -16.55
CA VAL A 581 8.75 -8.66 -17.11
C VAL A 581 8.80 -10.17 -16.99
N ARG A 582 8.90 -10.77 -15.81
CA ARG A 582 8.92 -12.23 -15.71
C ARG A 582 7.70 -12.64 -14.90
N GLY A 583 7.17 -13.81 -15.21
CA GLY A 583 6.25 -14.49 -14.34
C GLY A 583 7.03 -15.34 -13.38
N PRO A 584 7.23 -14.86 -12.15
CA PRO A 584 8.40 -15.27 -11.37
C PRO A 584 8.19 -16.58 -10.63
N PRO A 585 9.12 -17.55 -10.77
CA PRO A 585 9.18 -18.65 -9.80
C PRO A 585 9.90 -18.18 -8.54
N GLY A 586 9.15 -17.54 -7.64
CA GLY A 586 9.75 -16.74 -6.60
C GLY A 586 10.11 -17.55 -5.38
N PRO A 587 10.36 -16.86 -4.25
CA PRO A 587 10.62 -17.60 -3.01
C PRO A 587 9.32 -17.99 -2.31
N PRO A 588 9.19 -19.27 -1.92
CA PRO A 588 8.20 -19.59 -0.90
C PRO A 588 8.64 -19.11 0.47
N GLY A 589 7.67 -18.90 1.36
CA GLY A 589 7.99 -18.39 2.68
C GLY A 589 7.42 -19.19 3.83
N GLY A 590 8.20 -19.35 4.90
CA GLY A 590 7.76 -20.10 6.07
C GLY A 590 7.70 -21.60 5.88
N VAL A 591 8.87 -22.25 5.78
CA VAL A 591 8.92 -23.68 5.54
C VAL A 591 8.65 -24.41 6.86
N VAL A 592 7.45 -24.98 6.98
CA VAL A 592 6.95 -25.52 8.23
C VAL A 592 7.04 -27.03 8.17
N VAL A 593 7.76 -27.61 9.11
CA VAL A 593 8.01 -29.05 9.16
C VAL A 593 7.02 -29.69 10.12
N ARG A 594 6.25 -30.66 9.63
CA ARG A 594 5.27 -31.36 10.46
C ARG A 594 5.57 -32.85 10.44
N ASP A 595 4.91 -33.58 11.38
CA ASP A 595 4.66 -35.04 11.38
C ASP A 595 5.94 -35.89 11.43
N ILE A 596 6.67 -35.80 12.53
CA ILE A 596 8.06 -36.26 12.55
C ILE A 596 8.09 -37.75 12.83
N GLY A 597 8.62 -38.52 11.88
CA GLY A 597 8.67 -39.95 11.98
C GLY A 597 10.08 -40.51 11.87
N ASP A 598 10.16 -41.77 11.43
CA ASP A 598 11.45 -42.47 11.38
C ASP A 598 12.25 -42.05 10.15
N THR A 599 11.73 -42.37 8.98
CA THR A 599 12.25 -41.84 7.73
C THR A 599 11.21 -41.03 6.97
N THR A 600 10.04 -40.78 7.55
CA THR A 600 8.96 -40.07 6.91
C THR A 600 8.77 -38.73 7.60
N ILE A 601 8.61 -37.68 6.80
CA ILE A 601 8.56 -36.31 7.28
C ILE A 601 7.70 -35.49 6.31
N GLN A 602 6.89 -34.60 6.88
CA GLN A 602 5.91 -33.82 6.14
C GLN A 602 6.37 -32.37 6.07
N LEU A 603 6.33 -31.80 4.87
CA LEU A 603 6.73 -30.42 4.66
C LEU A 603 5.58 -29.61 4.07
N SER A 604 5.38 -28.41 4.59
CA SER A 604 4.38 -27.50 4.05
C SER A 604 5.02 -26.16 3.78
N TRP A 605 4.55 -25.47 2.75
CA TRP A 605 5.17 -24.21 2.34
C TRP A 605 4.08 -23.27 1.85
N SER A 606 4.51 -22.10 1.39
CA SER A 606 3.59 -21.13 0.82
C SER A 606 3.68 -21.11 -0.70
N ARG A 607 2.74 -20.38 -1.31
CA ARG A 607 2.72 -20.27 -2.76
C ARG A 607 3.72 -19.22 -3.24
N GLY A 608 3.95 -19.21 -4.55
CA GLY A 608 4.84 -18.24 -5.15
C GLY A 608 4.10 -17.15 -5.89
N PHE A 609 4.39 -17.00 -7.19
CA PHE A 609 3.83 -15.91 -7.98
C PHE A 609 3.37 -16.44 -9.33
N ASP A 610 2.36 -15.75 -9.90
CA ASP A 610 1.68 -16.25 -11.11
C ASP A 610 1.40 -15.17 -12.15
N ASN A 611 2.41 -14.37 -12.55
CA ASN A 611 2.18 -13.23 -13.44
C ASN A 611 1.99 -13.66 -14.91
N HIS A 612 3.03 -14.22 -15.51
CA HIS A 612 2.88 -14.85 -16.83
C HIS A 612 2.22 -16.22 -16.68
N SER A 613 2.85 -17.10 -15.90
CA SER A 613 2.44 -18.49 -15.83
C SER A 613 2.30 -18.87 -14.36
N PRO A 614 1.43 -19.83 -14.03
CA PRO A 614 1.49 -20.45 -12.70
C PRO A 614 2.61 -21.49 -12.61
N ILE A 615 2.81 -21.98 -11.39
CA ILE A 615 3.99 -22.78 -11.06
C ILE A 615 3.83 -24.20 -11.56
N ALA A 616 4.80 -24.66 -12.34
CA ALA A 616 4.72 -25.98 -12.96
C ALA A 616 5.09 -27.11 -12.02
N LYS A 617 6.21 -27.00 -11.29
CA LYS A 617 6.63 -28.08 -10.42
C LYS A 617 7.34 -27.52 -9.21
N TYR A 618 7.39 -28.34 -8.16
CA TYR A 618 8.20 -28.08 -6.98
C TYR A 618 9.25 -29.18 -6.85
N THR A 619 10.51 -28.78 -6.75
CA THR A 619 11.58 -29.72 -6.48
C THR A 619 12.04 -29.49 -5.04
N LEU A 620 12.58 -30.53 -4.41
CA LEU A 620 12.83 -30.51 -2.98
C LEU A 620 14.29 -30.84 -2.69
N GLN A 621 14.88 -30.09 -1.75
CA GLN A 621 16.31 -30.10 -1.49
C GLN A 621 16.54 -30.29 0.02
N ALA A 622 17.70 -30.86 0.37
CA ALA A 622 18.06 -31.09 1.77
C ALA A 622 19.57 -31.10 1.94
N ARG A 623 20.01 -30.91 3.19
CA ARG A 623 21.40 -31.05 3.59
C ARG A 623 21.49 -31.46 5.04
N THR A 624 22.67 -31.94 5.42
CA THR A 624 22.95 -32.25 6.81
C THR A 624 23.92 -31.19 7.31
N PRO A 625 23.46 -30.13 8.01
CA PRO A 625 24.32 -28.96 8.24
C PRO A 625 25.26 -29.15 9.43
N PRO A 626 26.49 -28.62 9.36
CA PRO A 626 27.20 -27.96 8.25
C PRO A 626 28.02 -28.95 7.41
N ALA A 627 27.79 -30.25 7.60
CA ALA A 627 28.67 -31.26 7.00
C ALA A 627 28.31 -31.53 5.54
N GLY A 628 27.03 -31.63 5.23
CA GLY A 628 26.60 -32.05 3.91
C GLY A 628 25.98 -30.91 3.10
N LYS A 629 25.90 -31.11 1.80
CA LYS A 629 25.42 -30.09 0.88
C LYS A 629 24.07 -30.44 0.27
N TRP A 630 23.65 -29.57 -0.64
CA TRP A 630 22.33 -29.58 -1.25
C TRP A 630 22.23 -30.54 -2.43
N LYS A 631 21.58 -31.68 -2.18
CA LYS A 631 21.30 -32.73 -3.15
C LYS A 631 19.81 -33.02 -3.10
N GLN A 632 19.26 -33.46 -4.23
CA GLN A 632 17.81 -33.51 -4.37
C GLN A 632 17.27 -34.80 -3.78
N VAL A 633 16.23 -34.67 -2.95
CA VAL A 633 15.61 -35.79 -2.28
C VAL A 633 14.32 -36.20 -3.01
N ARG A 634 13.87 -37.42 -2.72
CA ARG A 634 12.76 -38.03 -3.44
C ARG A 634 11.46 -37.96 -2.65
N THR A 635 10.37 -37.67 -3.35
CA THR A 635 9.04 -37.70 -2.77
C THR A 635 8.23 -38.79 -3.46
N ASN A 636 7.03 -39.04 -2.92
CA ASN A 636 5.93 -39.42 -3.78
C ASN A 636 4.81 -38.38 -3.69
N PRO A 637 4.27 -37.85 -4.82
CA PRO A 637 4.56 -38.02 -6.27
C PRO A 637 5.86 -37.38 -6.75
N ALA A 638 6.51 -38.04 -7.72
CA ALA A 638 7.90 -37.75 -8.09
C ALA A 638 8.06 -36.43 -8.84
N ASN A 639 7.02 -35.97 -9.51
CA ASN A 639 6.90 -34.57 -9.87
C ASN A 639 5.78 -34.00 -9.03
N ILE A 640 6.12 -33.05 -8.16
CA ILE A 640 5.16 -32.42 -7.28
C ILE A 640 4.36 -31.43 -8.11
N GLU A 641 3.03 -31.56 -8.11
CA GLU A 641 2.14 -30.71 -8.88
C GLU A 641 2.08 -29.31 -8.26
N GLY A 642 1.79 -28.33 -9.12
CA GLY A 642 2.11 -26.96 -8.77
C GLY A 642 1.08 -26.26 -7.91
N ASN A 643 -0.08 -26.88 -7.71
CA ASN A 643 -1.09 -26.34 -6.82
C ASN A 643 -0.95 -26.87 -5.39
N ALA A 644 0.04 -27.70 -5.12
CA ALA A 644 0.18 -28.35 -3.82
C ALA A 644 1.15 -27.55 -2.96
N GLU A 645 0.65 -27.04 -1.84
CA GLU A 645 1.47 -26.36 -0.85
C GLU A 645 2.09 -27.31 0.16
N THR A 646 1.72 -28.58 0.12
CA THR A 646 2.33 -29.59 0.97
C THR A 646 2.53 -30.88 0.19
N ALA A 647 3.70 -31.49 0.39
CA ALA A 647 4.01 -32.82 -0.15
C ALA A 647 4.92 -33.50 0.86
N GLN A 648 4.78 -34.81 0.97
CA GLN A 648 5.51 -35.59 1.95
C GLN A 648 6.68 -36.30 1.27
N VAL A 649 7.79 -36.41 2.01
CA VAL A 649 9.09 -36.71 1.42
C VAL A 649 9.72 -37.92 2.12
N LEU A 650 10.24 -38.85 1.31
CA LEU A 650 10.83 -40.12 1.74
C LEU A 650 12.30 -40.18 1.36
N GLY A 651 12.87 -41.37 1.49
CA GLY A 651 14.22 -41.64 1.03
C GLY A 651 15.31 -41.10 1.94
N LEU A 652 15.02 -40.95 3.22
CA LEU A 652 15.94 -40.29 4.14
C LEU A 652 16.81 -41.32 4.87
N THR A 653 18.01 -40.88 5.22
CA THR A 653 18.90 -41.68 6.04
C THR A 653 19.02 -41.03 7.43
N PRO A 654 18.69 -41.74 8.51
CA PRO A 654 18.46 -41.05 9.79
C PRO A 654 19.73 -40.74 10.58
N TRP A 655 19.49 -40.21 11.78
CA TRP A 655 20.43 -39.71 12.82
C TRP A 655 21.35 -38.59 12.24
N MET A 656 20.79 -37.73 11.41
CA MET A 656 21.40 -36.45 11.09
C MET A 656 20.37 -35.34 11.21
N ASP A 657 20.84 -34.14 11.54
CA ASP A 657 19.99 -32.96 11.51
C ASP A 657 19.76 -32.54 10.06
N TYR A 658 18.66 -31.83 9.82
CA TYR A 658 18.23 -31.58 8.45
C TYR A 658 17.62 -30.19 8.32
N GLU A 659 17.82 -29.60 7.14
CA GLU A 659 17.21 -28.34 6.75
C GLU A 659 16.63 -28.52 5.35
N PHE A 660 15.39 -28.09 5.17
CA PHE A 660 14.65 -28.35 3.94
C PHE A 660 14.26 -27.06 3.25
N ARG A 661 14.56 -26.94 1.96
CA ARG A 661 14.10 -25.81 1.16
C ARG A 661 13.42 -26.35 -0.08
N VAL A 662 12.68 -25.47 -0.75
CA VAL A 662 11.83 -25.87 -1.85
C VAL A 662 11.97 -24.86 -3.00
N ILE A 663 11.99 -25.35 -4.24
CA ILE A 663 12.25 -24.55 -5.43
C ILE A 663 11.00 -24.53 -6.30
N ALA A 664 10.47 -23.35 -6.56
CA ALA A 664 9.40 -23.22 -7.54
C ALA A 664 9.98 -23.09 -8.95
N SER A 665 9.20 -23.51 -9.95
CA SER A 665 9.70 -23.56 -11.31
C SER A 665 8.62 -23.14 -12.31
N ASN A 666 9.07 -22.55 -13.42
CA ASN A 666 8.25 -22.20 -14.57
C ASN A 666 8.97 -22.50 -15.87
N ILE A 667 8.40 -21.98 -16.96
CA ILE A 667 8.93 -22.17 -18.30
C ILE A 667 9.99 -21.11 -18.60
N LEU A 668 10.04 -20.05 -17.77
CA LEU A 668 10.99 -18.96 -17.92
C LEU A 668 12.26 -19.17 -17.08
N GLY A 669 12.52 -20.39 -16.64
CA GLY A 669 13.70 -20.72 -15.87
C GLY A 669 13.34 -21.28 -14.49
N THR A 670 14.25 -22.13 -14.00
CA THR A 670 14.14 -22.65 -12.65
C THR A 670 14.56 -21.56 -11.67
N GLY A 671 13.69 -21.29 -10.69
CA GLY A 671 13.80 -20.12 -9.87
C GLY A 671 14.82 -20.23 -8.78
N GLU A 672 15.03 -19.11 -8.11
CA GLU A 672 15.97 -19.07 -7.01
C GLU A 672 15.29 -19.66 -5.77
N PRO A 673 16.02 -20.43 -4.93
CA PRO A 673 15.32 -21.15 -3.86
C PRO A 673 15.02 -20.29 -2.64
N SER A 674 14.27 -20.89 -1.71
CA SER A 674 13.89 -20.20 -0.49
C SER A 674 14.97 -20.31 0.57
N GLY A 675 14.70 -19.68 1.71
CA GLY A 675 15.42 -19.96 2.92
C GLY A 675 15.05 -21.36 3.40
N PRO A 676 16.01 -22.13 3.95
CA PRO A 676 15.66 -23.43 4.54
C PRO A 676 14.93 -23.31 5.87
N SER A 677 14.45 -24.46 6.33
CA SER A 677 13.62 -24.50 7.53
C SER A 677 14.48 -24.61 8.80
N SER A 678 13.80 -24.94 9.89
CA SER A 678 14.47 -25.14 11.17
C SER A 678 15.19 -26.48 11.19
N LYS A 679 16.12 -26.61 12.15
CA LYS A 679 17.00 -27.77 12.27
C LYS A 679 16.22 -28.90 12.94
N ILE A 680 15.52 -29.68 12.11
CA ILE A 680 14.57 -30.66 12.65
C ILE A 680 15.31 -31.99 12.93
N ARG A 681 14.87 -32.65 14.01
CA ARG A 681 15.56 -33.80 14.58
C ARG A 681 14.85 -35.09 14.18
N THR A 682 15.64 -36.08 13.73
CA THR A 682 15.10 -37.40 13.42
C THR A 682 14.91 -38.23 14.68
N ARG A 683 13.86 -39.06 14.66
CA ARG A 683 13.37 -39.78 15.84
C ARG A 683 13.25 -41.29 15.59
N GLU A 684 14.35 -41.93 15.20
CA GLU A 684 14.41 -43.29 14.63
C GLU A 684 14.03 -44.39 15.62
N ALA A 685 13.82 -45.61 15.08
CA ALA A 685 13.60 -46.77 15.94
C ALA A 685 14.25 -48.05 15.40
N ALA A 686 15.05 -47.96 14.34
CA ALA A 686 15.53 -49.18 13.67
C ALA A 686 16.89 -49.03 13.00
N PRO A 687 17.80 -50.01 13.15
CA PRO A 687 18.98 -50.03 12.30
C PRO A 687 18.83 -50.92 11.07
N SER A 688 19.53 -50.53 9.99
CA SER A 688 19.40 -51.28 8.74
C SER A 688 20.70 -51.44 7.96
N VAL A 689 21.84 -50.96 8.46
CA VAL A 689 23.09 -51.03 7.73
C VAL A 689 24.04 -51.97 8.47
N ALA A 690 24.45 -53.04 7.79
CA ALA A 690 25.39 -54.08 8.14
C ALA A 690 26.82 -53.53 8.16
N PRO A 691 27.73 -54.06 9.01
CA PRO A 691 29.14 -53.66 8.91
C PRO A 691 29.86 -54.25 7.71
N SER A 692 30.57 -53.41 6.97
CA SER A 692 31.30 -53.84 5.77
C SER A 692 32.79 -53.95 6.06
N GLY A 693 33.51 -54.57 5.13
CA GLY A 693 34.94 -54.77 5.23
C GLY A 693 35.39 -55.78 6.26
N LEU A 694 34.72 -56.93 6.32
CA LEU A 694 35.00 -57.89 7.38
C LEU A 694 36.17 -58.78 7.02
N SER A 695 37.11 -58.93 7.95
CA SER A 695 38.25 -59.81 7.79
C SER A 695 38.56 -60.47 9.12
N GLY A 696 39.33 -61.54 9.07
CA GLY A 696 39.67 -62.27 10.27
C GLY A 696 40.98 -63.00 10.12
N GLY A 697 41.54 -63.41 11.26
CA GLY A 697 42.78 -64.15 11.29
C GLY A 697 44.00 -63.25 11.43
N GLY A 698 45.08 -63.85 11.91
CA GLY A 698 46.35 -63.16 12.06
C GLY A 698 46.40 -62.29 13.31
N GLY A 699 47.53 -61.59 13.44
CA GLY A 699 47.74 -60.68 14.55
C GLY A 699 48.55 -61.27 15.68
N ALA A 700 47.96 -61.32 16.88
CA ALA A 700 48.59 -61.94 18.03
C ALA A 700 48.56 -63.46 17.89
N PRO A 701 49.59 -64.18 18.35
CA PRO A 701 49.57 -65.65 18.21
C PRO A 701 48.67 -66.34 19.23
N GLY A 702 47.86 -67.27 18.73
CA GLY A 702 46.96 -68.05 19.55
C GLY A 702 45.61 -67.43 19.83
N GLU A 703 45.38 -66.19 19.39
CA GLU A 703 44.17 -65.46 19.72
C GLU A 703 43.35 -65.20 18.47
N LEU A 704 42.02 -65.18 18.63
CA LEU A 704 41.13 -64.88 17.51
C LEU A 704 40.89 -63.38 17.45
N ILE A 705 41.41 -62.75 16.40
CA ILE A 705 41.26 -61.31 16.21
C ILE A 705 40.49 -61.08 14.91
N VAL A 706 39.33 -60.42 15.04
CA VAL A 706 38.49 -60.04 13.91
C VAL A 706 38.61 -58.53 13.74
N ASN A 707 38.94 -58.09 12.51
CA ASN A 707 39.13 -56.68 12.22
C ASN A 707 38.13 -56.24 11.16
N TRP A 708 37.71 -54.98 11.23
CA TRP A 708 36.77 -54.40 10.28
C TRP A 708 36.99 -52.89 10.16
N THR A 709 36.24 -52.30 9.24
CA THR A 709 36.41 -50.89 8.87
C THR A 709 35.72 -50.00 9.91
N PRO A 710 36.22 -48.80 10.18
CA PRO A 710 35.38 -47.78 10.83
C PRO A 710 34.25 -47.31 9.92
N MET A 711 33.13 -46.92 10.54
CA MET A 711 31.96 -46.35 9.85
C MET A 711 31.70 -44.97 10.42
N SER A 712 31.51 -43.99 9.55
CA SER A 712 31.15 -42.64 9.95
C SER A 712 29.63 -42.50 10.14
N ARG A 713 29.20 -41.24 10.28
CA ARG A 713 27.90 -40.84 10.85
C ARG A 713 26.72 -41.18 9.93
N GLU A 714 26.98 -41.27 8.62
CA GLU A 714 25.93 -41.59 7.65
C GLU A 714 25.59 -43.08 7.58
N TYR A 715 26.39 -43.95 8.20
CA TYR A 715 26.19 -45.38 8.11
C TYR A 715 25.71 -46.03 9.41
N GLN A 716 25.79 -45.29 10.53
CA GLN A 716 25.64 -45.91 11.84
C GLN A 716 24.18 -46.12 12.23
N ASN A 717 23.29 -45.27 11.72
CA ASN A 717 21.95 -44.88 12.26
C ASN A 717 22.14 -44.41 13.70
N GLY A 718 21.29 -44.80 14.64
CA GLY A 718 21.03 -43.95 15.79
C GLY A 718 21.87 -44.22 17.02
N ASP A 719 21.26 -43.82 18.15
CA ASP A 719 21.93 -43.62 19.43
C ASP A 719 22.17 -44.97 20.13
N GLY A 720 23.26 -45.03 20.89
CA GLY A 720 23.63 -46.26 21.57
C GLY A 720 24.34 -47.24 20.66
N PHE A 721 25.15 -46.73 19.73
CA PHE A 721 25.70 -47.55 18.67
C PHE A 721 26.90 -48.37 19.15
N GLY A 722 26.93 -49.63 18.74
CA GLY A 722 28.06 -50.50 18.98
C GLY A 722 27.93 -51.76 18.15
N TYR A 723 28.88 -52.66 18.35
CA TYR A 723 29.07 -53.82 17.49
C TYR A 723 28.70 -55.10 18.22
N LEU A 724 27.87 -55.93 17.59
CA LEU A 724 27.59 -57.28 18.05
C LEU A 724 28.37 -58.24 17.17
N LEU A 725 29.54 -58.65 17.64
CA LEU A 725 30.34 -59.66 16.97
C LEU A 725 30.02 -61.03 17.58
N SER A 726 29.46 -61.91 16.76
CA SER A 726 29.07 -63.24 17.20
C SER A 726 30.12 -64.23 16.70
N PHE A 727 30.67 -65.01 17.63
CA PHE A 727 31.74 -65.94 17.29
C PHE A 727 31.52 -67.24 18.05
N ARG A 728 31.75 -68.35 17.35
CA ARG A 728 31.68 -69.68 17.94
C ARG A 728 32.62 -70.61 17.19
N ARG A 729 32.93 -71.73 17.82
CA ARG A 729 33.70 -72.79 17.19
C ARG A 729 32.81 -73.52 16.18
N GLN A 730 33.41 -73.99 15.09
CA GLN A 730 32.74 -74.80 14.07
C GLN A 730 32.32 -76.16 14.63
N GLY A 731 31.01 -76.40 14.65
CA GLY A 731 30.45 -77.57 15.28
C GLY A 731 30.03 -77.40 16.72
N SER A 732 30.27 -76.22 17.31
CA SER A 732 29.88 -75.98 18.69
C SER A 732 28.44 -75.50 18.77
N THR A 733 27.78 -75.84 19.89
CA THR A 733 26.38 -75.49 20.10
C THR A 733 26.19 -74.21 20.91
N HIS A 734 27.27 -73.57 21.35
CA HIS A 734 27.20 -72.37 22.18
C HIS A 734 27.68 -71.16 21.40
N TRP A 735 26.85 -70.12 21.33
CA TRP A 735 27.17 -68.88 20.64
C TRP A 735 27.63 -67.85 21.65
N GLN A 736 28.75 -67.21 21.38
CA GLN A 736 29.25 -66.13 22.22
C GLN A 736 29.02 -64.78 21.55
N THR A 737 28.55 -63.82 22.35
CA THR A 737 28.15 -62.52 21.83
C THR A 737 28.89 -61.43 22.57
N ALA A 738 29.60 -60.59 21.82
CA ALA A 738 30.29 -59.43 22.35
C ALA A 738 29.39 -58.21 22.21
N ARG A 739 29.38 -57.35 23.23
CA ARG A 739 28.55 -56.16 23.21
C ARG A 739 29.39 -54.98 23.71
N VAL A 740 30.09 -54.34 22.78
CA VAL A 740 30.96 -53.20 23.09
C VAL A 740 30.42 -51.94 22.41
N PRO A 741 30.06 -50.88 23.13
CA PRO A 741 29.66 -49.63 22.47
C PRO A 741 30.87 -48.81 22.02
N GLY A 742 30.59 -47.74 21.30
CA GLY A 742 31.63 -46.88 20.77
C GLY A 742 31.86 -47.12 19.28
N ALA A 743 32.60 -46.20 18.67
CA ALA A 743 32.91 -46.31 17.25
C ALA A 743 34.36 -46.73 17.01
N ASP A 744 35.24 -46.49 17.99
CA ASP A 744 36.66 -46.72 17.76
C ASP A 744 37.06 -48.18 17.98
N ALA A 745 36.19 -48.98 18.61
CA ALA A 745 36.53 -50.35 18.93
C ALA A 745 36.31 -51.27 17.73
N GLN A 746 37.27 -51.29 16.80
CA GLN A 746 37.11 -52.01 15.55
C GLN A 746 37.73 -53.41 15.60
N TYR A 747 38.01 -53.91 16.80
CA TYR A 747 38.63 -55.22 16.97
C TYR A 747 38.05 -55.88 18.21
N PHE A 748 38.15 -57.20 18.24
CA PHE A 748 37.83 -57.97 19.45
C PHE A 748 38.74 -59.18 19.52
N VAL A 749 39.24 -59.42 20.74
CA VAL A 749 40.20 -60.48 21.01
C VAL A 749 39.56 -61.51 21.91
N TYR A 750 39.45 -62.75 21.43
CA TYR A 750 38.99 -63.86 22.25
C TYR A 750 40.12 -64.88 22.39
N SER A 751 40.45 -65.22 23.63
CA SER A 751 41.42 -66.25 23.92
C SER A 751 40.96 -67.01 25.16
N ASN A 752 41.27 -68.31 25.18
CA ASN A 752 40.76 -69.20 26.22
C ASN A 752 41.78 -70.32 26.36
N GLU A 753 41.70 -71.04 27.49
CA GLU A 753 42.61 -72.14 27.76
C GLU A 753 42.31 -73.38 26.92
N SER A 754 41.06 -73.54 26.49
CA SER A 754 40.66 -74.66 25.65
C SER A 754 40.79 -74.36 24.16
N VAL A 755 41.27 -73.18 23.79
CA VAL A 755 41.46 -72.80 22.39
C VAL A 755 42.94 -72.90 22.05
N ARG A 756 43.26 -73.77 21.11
CA ARG A 756 44.62 -74.00 20.64
C ARG A 756 44.78 -73.27 19.31
N PRO A 757 46.03 -73.01 18.88
CA PRO A 757 46.25 -72.52 17.50
C PRO A 757 45.88 -73.54 16.42
N TYR A 758 45.59 -72.98 15.23
CA TYR A 758 44.83 -73.58 14.12
C TYR A 758 43.52 -74.21 14.60
N THR A 759 42.61 -73.36 15.06
CA THR A 759 41.25 -73.77 15.38
C THR A 759 40.28 -73.00 14.49
N PRO A 760 39.37 -73.66 13.77
CA PRO A 760 38.41 -72.91 12.92
C PRO A 760 37.28 -72.29 13.74
N PHE A 761 36.85 -71.10 13.33
CA PHE A 761 35.77 -70.38 13.97
C PHE A 761 34.81 -69.82 12.93
N GLU A 762 33.56 -69.67 13.33
CA GLU A 762 32.53 -69.06 12.49
C GLU A 762 32.19 -67.68 13.05
N VAL A 763 32.42 -66.64 12.24
CA VAL A 763 32.13 -65.27 12.68
C VAL A 763 31.11 -64.63 11.75
N LYS A 764 30.29 -63.77 12.34
CA LYS A 764 29.48 -62.79 11.64
C LYS A 764 29.30 -61.62 12.60
N ILE A 765 28.99 -60.46 12.03
CA ILE A 765 28.85 -59.24 12.82
C ILE A 765 27.57 -58.52 12.42
N ARG A 766 26.92 -57.92 13.41
CA ARG A 766 25.82 -57.00 13.19
C ARG A 766 26.00 -55.83 14.15
N SER A 767 25.19 -54.80 13.95
CA SER A 767 25.25 -53.64 14.82
C SER A 767 24.09 -53.66 15.82
N TYR A 768 24.15 -52.76 16.79
CA TYR A 768 22.98 -52.53 17.64
C TYR A 768 22.90 -51.05 17.93
N ASN A 769 21.72 -50.64 18.39
CA ASN A 769 21.47 -49.29 18.85
C ASN A 769 20.64 -49.38 20.12
N ARG A 770 19.97 -48.28 20.45
CA ARG A 770 19.07 -48.24 21.60
C ARG A 770 17.80 -49.07 21.41
N ARG A 771 17.36 -49.29 20.16
CA ARG A 771 16.05 -49.91 19.92
C ARG A 771 16.08 -51.18 19.07
N GLY A 772 17.23 -51.71 18.69
CA GLY A 772 17.22 -52.91 17.86
C GLY A 772 18.59 -53.46 17.57
N ASP A 773 18.61 -54.44 16.65
CA ASP A 773 19.82 -55.12 16.20
C ASP A 773 19.95 -54.99 14.69
N GLY A 774 21.19 -54.89 14.21
CA GLY A 774 21.44 -54.63 12.81
C GLY A 774 21.38 -55.89 11.96
N PRO A 775 21.48 -55.71 10.64
CA PRO A 775 21.40 -56.87 9.74
C PRO A 775 22.75 -57.57 9.62
N GLU A 776 22.73 -58.71 8.94
CA GLU A 776 23.87 -59.60 8.89
C GLU A 776 24.92 -59.14 7.89
N SER A 777 26.18 -59.42 8.22
CA SER A 777 27.30 -59.17 7.33
C SER A 777 27.59 -60.43 6.51
N LEU A 778 28.76 -60.46 5.88
CA LEU A 778 29.23 -61.66 5.20
C LEU A 778 29.68 -62.70 6.21
N THR A 779 29.13 -63.91 6.09
CA THR A 779 29.43 -65.01 7.00
C THR A 779 30.57 -65.83 6.42
N ALA A 780 31.69 -65.87 7.13
CA ALA A 780 32.89 -66.54 6.66
C ALA A 780 33.50 -67.38 7.78
N LEU A 781 34.26 -68.40 7.38
CA LEU A 781 34.96 -69.27 8.31
C LEU A 781 36.41 -68.80 8.44
N VAL A 782 36.80 -68.42 9.65
CA VAL A 782 38.16 -67.95 9.91
C VAL A 782 38.85 -68.95 10.82
N TYR A 783 40.16 -68.78 10.95
CA TYR A 783 40.97 -69.65 11.79
C TYR A 783 41.68 -68.82 12.85
N SER A 784 42.08 -69.49 13.94
CA SER A 784 42.94 -68.85 14.93
C SER A 784 44.36 -68.73 14.39
N ALA A 785 45.08 -67.73 14.89
CA ALA A 785 46.40 -67.42 14.36
C ALA A 785 47.46 -68.36 14.93
N GLU A 786 48.46 -68.66 14.10
CA GLU A 786 49.51 -69.60 14.49
C GLU A 786 50.54 -68.91 15.37
N GLU A 787 51.37 -69.73 16.03
CA GLU A 787 52.43 -69.26 16.90
C GLU A 787 53.78 -69.43 16.20
N GLU A 788 54.84 -69.04 16.90
CA GLU A 788 56.19 -69.25 16.41
C GLU A 788 56.56 -70.73 16.53
N PRO A 789 57.32 -71.31 15.59
CA PRO A 789 57.59 -72.75 15.62
C PRO A 789 58.67 -73.14 16.62
N ARG A 790 58.76 -74.44 16.88
CA ARG A 790 59.76 -75.00 17.79
C ARG A 790 60.59 -76.10 17.17
N VAL A 791 60.21 -76.62 16.01
CA VAL A 791 60.95 -77.70 15.37
C VAL A 791 62.10 -77.11 14.55
N ALA A 792 63.33 -77.50 14.91
CA ALA A 792 64.54 -77.12 14.22
C ALA A 792 64.65 -77.86 12.88
N PRO A 793 65.31 -77.30 11.88
CA PRO A 793 65.67 -78.08 10.69
C PRO A 793 66.74 -79.13 11.00
N THR A 794 66.70 -80.23 10.25
CA THR A 794 67.60 -81.35 10.44
C THR A 794 68.34 -81.64 9.14
N LYS A 795 69.55 -82.21 9.32
CA LYS A 795 70.52 -82.64 8.28
C LYS A 795 70.93 -81.50 7.35
N VAL A 796 71.50 -80.45 7.93
CA VAL A 796 71.93 -79.29 7.14
C VAL A 796 73.28 -79.58 6.51
N TRP A 797 73.33 -79.50 5.19
CA TRP A 797 74.55 -79.76 4.43
C TRP A 797 74.76 -78.64 3.44
N ALA A 798 76.00 -78.16 3.34
CA ALA A 798 76.32 -76.99 2.53
C ALA A 798 77.44 -77.33 1.56
N LYS A 799 77.44 -76.63 0.42
CA LYS A 799 78.45 -76.82 -0.60
C LYS A 799 78.63 -75.51 -1.37
N GLY A 800 79.88 -75.06 -1.49
CA GLY A 800 80.16 -73.89 -2.31
C GLY A 800 80.12 -74.22 -3.79
N VAL A 801 79.55 -73.31 -4.57
CA VAL A 801 79.41 -73.53 -6.00
C VAL A 801 80.23 -72.51 -6.80
N SER A 802 80.54 -71.38 -6.16
CA SER A 802 81.36 -70.34 -6.79
C SER A 802 82.10 -69.59 -5.68
N SER A 803 82.72 -68.47 -6.06
CA SER A 803 83.45 -67.67 -5.10
C SER A 803 82.54 -66.73 -4.29
N SER A 804 81.29 -66.53 -4.73
CA SER A 804 80.37 -65.66 -4.03
C SER A 804 79.04 -66.33 -3.70
N GLU A 805 78.85 -67.59 -4.10
CA GLU A 805 77.60 -68.29 -3.84
C GLU A 805 77.88 -69.66 -3.25
N MET A 806 76.99 -70.10 -2.36
CA MET A 806 76.94 -71.47 -1.87
C MET A 806 75.49 -71.91 -1.75
N ASN A 807 75.28 -73.22 -1.70
CA ASN A 807 73.93 -73.75 -1.60
C ASN A 807 73.75 -74.51 -0.28
N VAL A 808 72.72 -74.13 0.47
CA VAL A 808 72.40 -74.73 1.75
C VAL A 808 71.13 -75.56 1.60
N THR A 809 71.22 -76.84 1.95
CA THR A 809 70.10 -77.76 1.85
C THR A 809 69.71 -78.25 3.24
N TRP A 810 68.43 -78.59 3.39
CA TRP A 810 67.92 -79.14 4.64
C TRP A 810 66.75 -80.07 4.32
N GLU A 811 66.38 -80.88 5.31
CA GLU A 811 65.28 -81.80 5.15
C GLU A 811 63.93 -81.09 5.26
N PRO A 812 62.88 -81.60 4.57
CA PRO A 812 61.53 -81.14 4.88
C PRO A 812 61.04 -81.70 6.22
N VAL A 813 60.95 -80.83 7.23
CA VAL A 813 60.64 -81.28 8.58
C VAL A 813 59.13 -81.47 8.74
N GLN A 814 58.76 -82.07 9.88
CA GLN A 814 57.37 -82.39 10.17
C GLN A 814 56.59 -81.17 10.62
N GLN A 815 55.27 -81.35 10.76
CA GLN A 815 54.39 -80.26 11.15
C GLN A 815 54.48 -80.01 12.66
N ASP A 816 54.58 -78.74 13.03
CA ASP A 816 54.75 -78.36 14.43
C ASP A 816 53.42 -78.39 15.16
N MET A 817 53.49 -78.33 16.49
CA MET A 817 52.28 -78.24 17.31
C MET A 817 51.77 -76.80 17.41
N ASN A 818 52.59 -75.83 17.04
CA ASN A 818 52.26 -74.42 17.17
C ASN A 818 51.58 -73.84 15.92
N GLY A 819 51.29 -74.66 14.91
CA GLY A 819 50.56 -74.18 13.76
C GLY A 819 51.14 -74.52 12.41
N ILE A 820 51.33 -73.52 11.56
CA ILE A 820 51.64 -73.71 10.15
C ILE A 820 53.00 -73.10 9.85
N LEU A 821 53.92 -73.91 9.34
CA LEU A 821 55.21 -73.44 8.83
C LEU A 821 55.01 -72.84 7.45
N LEU A 822 55.70 -71.72 7.20
CA LEU A 822 55.58 -71.02 5.93
C LEU A 822 56.89 -70.79 5.20
N GLY A 823 58.03 -70.91 5.87
CA GLY A 823 59.29 -70.66 5.21
C GLY A 823 60.46 -70.96 6.12
N TYR A 824 61.65 -70.56 5.67
CA TYR A 824 62.89 -70.82 6.38
C TYR A 824 63.74 -69.56 6.40
N GLU A 825 64.59 -69.44 7.42
CA GLU A 825 65.45 -68.28 7.62
C GLU A 825 66.89 -68.75 7.78
N ILE A 826 67.80 -68.14 7.01
CA ILE A 826 69.21 -68.51 6.99
C ILE A 826 69.99 -67.40 7.69
N ARG A 827 70.66 -67.74 8.80
CA ARG A 827 71.58 -66.84 9.47
C ARG A 827 73.00 -67.35 9.24
N TYR A 828 73.87 -66.46 8.76
CA TYR A 828 75.22 -66.84 8.38
C TYR A 828 76.20 -65.77 8.87
N TRP A 829 77.41 -66.22 9.24
CA TRP A 829 78.48 -65.33 9.64
C TRP A 829 79.80 -65.98 9.24
N LYS A 830 80.88 -65.23 9.40
CA LYS A 830 82.19 -65.66 8.94
C LYS A 830 82.86 -66.61 9.93
N ALA A 831 84.07 -67.04 9.57
CA ALA A 831 84.85 -67.94 10.43
C ALA A 831 85.47 -67.15 11.57
N GLY A 832 85.15 -67.56 12.80
CA GLY A 832 85.57 -66.84 13.98
C GLY A 832 84.62 -65.77 14.46
N ASP A 833 83.54 -65.52 13.73
CA ASP A 833 82.57 -64.50 14.13
C ASP A 833 81.50 -65.13 15.03
N LYS A 834 80.49 -64.34 15.38
CA LYS A 834 79.44 -64.76 16.30
C LYS A 834 78.07 -64.60 15.65
N GLU A 835 77.03 -64.96 16.42
CA GLU A 835 75.67 -64.96 15.90
C GLU A 835 75.05 -63.56 15.95
N ALA A 836 75.63 -62.65 16.75
CA ALA A 836 75.05 -61.33 16.94
C ALA A 836 75.34 -60.37 15.79
N ALA A 837 76.34 -60.68 14.96
CA ALA A 837 76.63 -59.86 13.78
C ALA A 837 76.28 -60.58 12.49
N ALA A 838 75.29 -61.48 12.51
CA ALA A 838 74.98 -62.29 11.35
C ALA A 838 74.06 -61.55 10.38
N ASP A 839 74.12 -61.96 9.11
CA ASP A 839 73.17 -61.50 8.11
C ASP A 839 72.07 -62.53 7.94
N ARG A 840 70.82 -62.05 7.94
CA ARG A 840 69.65 -62.91 7.96
C ARG A 840 68.90 -62.84 6.64
N VAL A 841 68.85 -63.97 5.93
CA VAL A 841 68.20 -64.08 4.63
C VAL A 841 67.08 -65.10 4.75
N ARG A 842 65.85 -64.64 4.47
CA ARG A 842 64.66 -65.47 4.56
C ARG A 842 64.26 -65.99 3.19
N THR A 843 63.61 -67.14 3.17
CA THR A 843 63.11 -67.70 1.93
C THR A 843 61.73 -67.15 1.61
N ALA A 844 61.31 -67.33 0.34
CA ALA A 844 59.99 -66.89 -0.09
C ALA A 844 58.92 -67.96 0.07
N GLY A 845 59.30 -69.18 0.47
CA GLY A 845 58.34 -70.24 0.63
C GLY A 845 58.94 -71.44 1.31
N LEU A 846 58.25 -72.58 1.17
CA LEU A 846 58.70 -73.82 1.79
C LEU A 846 59.60 -74.62 0.85
N ASP A 847 60.79 -74.09 0.58
CA ASP A 847 61.73 -74.80 -0.28
C ASP A 847 62.70 -75.61 0.58
N THR A 848 63.25 -76.68 -0.02
CA THR A 848 64.23 -77.51 0.65
C THR A 848 65.66 -77.03 0.46
N SER A 849 65.86 -76.02 -0.39
CA SER A 849 67.21 -75.51 -0.63
C SER A 849 67.10 -74.01 -0.92
N ALA A 850 68.19 -73.30 -0.61
CA ALA A 850 68.30 -71.87 -0.87
C ALA A 850 69.76 -71.54 -1.11
N ARG A 851 69.98 -70.40 -1.76
CA ARG A 851 71.33 -69.97 -2.15
C ARG A 851 71.69 -68.69 -1.41
N VAL A 852 72.83 -68.73 -0.71
CA VAL A 852 73.37 -67.54 -0.06
C VAL A 852 74.32 -66.85 -1.03
N SER A 853 74.01 -65.60 -1.37
CA SER A 853 74.77 -64.87 -2.39
C SER A 853 75.35 -63.60 -1.77
N GLY A 854 76.13 -62.89 -2.59
CA GLY A 854 76.76 -61.66 -2.14
C GLY A 854 77.96 -61.85 -1.24
N LEU A 855 78.71 -62.93 -1.42
CA LEU A 855 79.78 -63.27 -0.49
C LEU A 855 81.14 -62.88 -1.04
N HIS A 856 82.16 -62.94 -0.14
CA HIS A 856 83.58 -62.70 -0.37
C HIS A 856 84.27 -63.99 -0.81
N PRO A 857 85.28 -63.92 -1.69
CA PRO A 857 86.02 -65.13 -2.06
C PRO A 857 87.02 -65.53 -0.97
N ASN A 858 87.29 -66.86 -0.93
CA ASN A 858 88.21 -67.59 -0.03
C ASN A 858 87.88 -67.39 1.44
N THR A 859 86.61 -67.40 1.80
CA THR A 859 86.16 -67.14 3.17
C THR A 859 85.27 -68.29 3.64
N LYS A 860 85.59 -68.84 4.81
CA LYS A 860 84.80 -69.90 5.41
C LYS A 860 83.63 -69.31 6.19
N TYR A 861 82.45 -69.91 6.04
CA TYR A 861 81.23 -69.41 6.67
C TYR A 861 80.59 -70.49 7.53
N HIS A 862 79.90 -70.04 8.57
CA HIS A 862 79.10 -70.92 9.41
C HIS A 862 77.62 -70.62 9.22
N VAL A 863 76.86 -71.64 8.81
CA VAL A 863 75.47 -71.49 8.40
C VAL A 863 74.56 -72.15 9.44
N THR A 864 73.59 -71.39 9.94
CA THR A 864 72.51 -71.93 10.75
C THR A 864 71.17 -71.61 10.08
N VAL A 865 70.29 -72.60 10.04
CA VAL A 865 68.99 -72.48 9.39
C VAL A 865 67.90 -72.49 10.45
N ARG A 866 67.07 -71.45 10.44
CA ARG A 866 65.91 -71.37 11.32
C ARG A 866 64.65 -71.41 10.47
N ALA A 867 63.53 -71.71 11.12
CA ALA A 867 62.23 -71.73 10.47
C ALA A 867 61.35 -70.60 11.02
N TYR A 868 60.55 -70.00 10.13
CA TYR A 868 59.75 -68.86 10.52
C TYR A 868 58.34 -68.99 9.95
N ASN A 869 57.45 -68.15 10.46
CA ASN A 869 56.08 -67.98 9.98
C ASN A 869 55.68 -66.52 10.22
N ARG A 870 54.36 -66.26 10.25
CA ARG A 870 53.87 -64.91 10.45
C ARG A 870 54.04 -64.40 11.88
N ALA A 871 54.12 -65.30 12.85
CA ALA A 871 54.23 -64.89 14.25
C ALA A 871 55.65 -64.66 14.71
N GLY A 872 56.59 -65.52 14.34
CA GLY A 872 57.95 -65.39 14.82
C GLY A 872 58.87 -66.37 14.12
N THR A 873 60.08 -66.50 14.68
CA THR A 873 61.12 -67.34 14.13
C THR A 873 61.54 -68.38 15.16
N GLY A 874 61.69 -69.63 14.72
CA GLY A 874 61.99 -70.73 15.62
C GLY A 874 63.46 -70.88 15.97
N PRO A 875 63.85 -71.99 16.59
CA PRO A 875 65.24 -72.14 17.06
C PRO A 875 66.17 -72.59 15.95
N ALA A 876 67.45 -72.68 16.30
CA ALA A 876 68.49 -72.94 15.33
C ALA A 876 68.69 -74.44 15.10
N SER A 877 69.29 -74.76 13.96
CA SER A 877 69.65 -76.11 13.54
C SER A 877 71.05 -76.43 14.06
N PRO A 878 71.50 -77.70 14.00
CA PRO A 878 72.94 -77.96 14.01
C PRO A 878 73.65 -77.34 12.81
N SER A 879 74.86 -76.84 13.05
CA SER A 879 75.53 -75.96 12.10
C SER A 879 76.21 -76.74 10.99
N ALA A 880 76.43 -76.05 9.87
CA ALA A 880 77.16 -76.58 8.73
C ALA A 880 78.21 -75.56 8.29
N ASN A 881 79.30 -76.06 7.72
CA ASN A 881 80.43 -75.21 7.34
C ASN A 881 80.73 -75.40 5.86
N ALA A 882 81.06 -74.29 5.19
CA ALA A 882 81.42 -74.32 3.79
C ALA A 882 82.47 -73.25 3.53
N THR A 883 83.25 -73.46 2.46
CA THR A 883 84.37 -72.59 2.12
C THR A 883 84.19 -72.13 0.67
N THR A 884 84.26 -70.82 0.46
CA THR A 884 84.09 -70.25 -0.88
C THR A 884 85.34 -70.45 -1.72
N MET A 885 85.17 -70.23 -3.03
CA MET A 885 86.19 -70.53 -4.03
C MET A 885 87.13 -69.32 -4.13
N LYS A 886 88.28 -69.51 -4.80
CA LYS A 886 89.36 -68.54 -4.95
C LYS A 886 88.93 -67.32 -5.79
N PRO A 887 89.58 -66.16 -5.61
CA PRO A 887 89.28 -64.95 -6.45
C PRO A 887 89.72 -65.10 -7.90
N PRO A 888 89.12 -64.34 -8.84
CA PRO A 888 89.59 -64.37 -10.23
C PRO A 888 90.92 -63.66 -10.38
N PRO A 889 91.73 -63.99 -11.42
CA PRO A 889 93.04 -63.34 -11.57
C PRO A 889 92.95 -61.90 -12.09
N ARG A 890 93.77 -61.04 -11.49
CA ARG A 890 93.80 -59.62 -11.81
C ARG A 890 94.75 -59.29 -12.95
N ARG A 891 95.52 -60.27 -13.44
CA ARG A 891 96.44 -60.09 -14.54
C ARG A 891 95.68 -60.02 -15.87
N PRO A 892 96.13 -59.17 -16.82
CA PRO A 892 95.50 -59.16 -18.15
C PRO A 892 95.98 -60.33 -18.99
N PRO A 893 95.24 -60.70 -20.06
CA PRO A 893 95.79 -61.64 -21.04
C PRO A 893 96.89 -60.99 -21.87
N GLY A 894 97.97 -61.73 -22.08
CA GLY A 894 99.11 -61.23 -22.82
C GLY A 894 99.09 -61.63 -24.28
N ASN A 895 99.94 -60.91 -25.04
CA ASN A 895 100.23 -61.08 -26.49
C ASN A 895 98.98 -60.96 -27.36
N ILE A 896 98.31 -59.82 -27.26
CA ILE A 896 97.06 -59.62 -27.97
C ILE A 896 97.34 -59.14 -29.40
N SER A 897 96.81 -59.86 -30.38
CA SER A 897 96.97 -59.51 -31.78
C SER A 897 95.60 -59.47 -32.44
N TRP A 898 95.52 -58.72 -33.53
CA TRP A 898 94.25 -58.54 -34.21
C TRP A 898 94.48 -58.43 -35.71
N THR A 899 93.54 -59.01 -36.47
CA THR A 899 93.56 -58.97 -37.93
C THR A 899 92.22 -58.46 -38.43
N PHE A 900 92.25 -57.50 -39.34
CA PHE A 900 91.05 -56.91 -39.90
C PHE A 900 90.63 -57.61 -41.18
N SER A 901 89.39 -57.36 -41.60
CA SER A 901 88.88 -57.83 -42.87
C SER A 901 88.01 -56.76 -43.50
N SER A 902 87.23 -57.12 -44.52
CA SER A 902 86.34 -56.16 -45.17
C SER A 902 85.12 -55.82 -44.33
N SER A 903 84.64 -56.75 -43.50
CA SER A 903 83.49 -56.47 -42.65
C SER A 903 83.62 -57.04 -41.24
N SER A 904 84.78 -57.55 -40.83
CA SER A 904 84.91 -58.20 -39.54
C SER A 904 86.31 -57.98 -38.99
N LEU A 905 86.43 -58.14 -37.67
CA LEU A 905 87.70 -58.03 -36.96
C LEU A 905 87.82 -59.23 -36.02
N SER A 906 88.95 -59.93 -36.09
CA SER A 906 89.21 -61.10 -35.26
C SER A 906 90.36 -60.82 -34.30
N ILE A 907 90.09 -61.00 -33.01
CA ILE A 907 91.04 -60.70 -31.95
C ILE A 907 91.42 -62.01 -31.26
N LYS A 908 92.73 -62.30 -31.21
CA LYS A 908 93.24 -63.49 -30.55
C LYS A 908 94.12 -63.09 -29.38
N TRP A 909 94.16 -63.95 -28.35
CA TRP A 909 95.00 -63.71 -27.18
C TRP A 909 95.42 -65.04 -26.58
N ASP A 910 96.47 -64.99 -25.77
CA ASP A 910 96.91 -66.16 -25.02
C ASP A 910 95.97 -66.43 -23.84
N PRO A 911 95.81 -67.69 -23.42
CA PRO A 911 95.03 -67.95 -22.20
C PRO A 911 95.77 -67.55 -20.92
N VAL A 912 95.00 -67.29 -19.87
CA VAL A 912 95.55 -66.74 -18.64
C VAL A 912 95.98 -67.88 -17.72
N VAL A 913 97.24 -67.86 -17.30
CA VAL A 913 97.79 -68.79 -16.33
C VAL A 913 97.71 -68.12 -14.95
N PRO A 914 96.92 -68.64 -14.01
CA PRO A 914 96.77 -67.97 -12.72
C PRO A 914 97.90 -68.32 -11.75
N PHE A 915 97.86 -67.66 -10.59
CA PHE A 915 98.77 -67.97 -9.51
C PHE A 915 98.16 -69.01 -8.59
N ARG A 916 98.80 -69.21 -7.43
CA ARG A 916 98.33 -70.21 -6.48
C ARG A 916 97.15 -69.73 -5.65
N ASN A 917 96.92 -68.42 -5.57
CA ASN A 917 95.80 -67.87 -4.83
C ASN A 917 94.65 -67.45 -5.73
N GLU A 918 94.70 -67.79 -7.02
CA GLU A 918 93.72 -67.35 -8.00
C GLU A 918 93.00 -68.56 -8.59
N SER A 919 91.82 -68.30 -9.14
CA SER A 919 90.98 -69.36 -9.70
C SER A 919 91.25 -69.53 -11.19
N ALA A 920 90.57 -70.51 -11.78
CA ALA A 920 90.76 -70.84 -13.18
C ALA A 920 89.81 -70.02 -14.06
N VAL A 921 90.14 -69.94 -15.35
CA VAL A 921 89.38 -69.17 -16.32
C VAL A 921 88.81 -70.14 -17.35
N THR A 922 87.48 -70.17 -17.46
CA THR A 922 86.80 -71.01 -18.44
C THR A 922 86.16 -70.23 -19.58
N GLY A 923 86.13 -68.90 -19.51
CA GLY A 923 85.52 -68.13 -20.57
C GLY A 923 85.90 -66.67 -20.45
N TYR A 924 85.49 -65.89 -21.45
CA TYR A 924 85.82 -64.47 -21.53
C TYR A 924 84.58 -63.67 -21.90
N LYS A 925 84.49 -62.45 -21.36
CA LYS A 925 83.47 -61.49 -21.70
C LYS A 925 84.13 -60.22 -22.22
N MET A 926 83.49 -59.56 -23.19
CA MET A 926 84.11 -58.41 -23.84
C MET A 926 83.06 -57.34 -24.13
N LEU A 927 83.35 -56.10 -23.71
CA LEU A 927 82.58 -54.93 -24.11
C LEU A 927 83.30 -54.23 -25.26
N TYR A 928 82.54 -53.86 -26.29
CA TYR A 928 83.11 -53.28 -27.51
C TYR A 928 82.39 -51.99 -27.84
N GLN A 929 83.17 -50.93 -28.10
CA GLN A 929 82.64 -49.62 -28.47
C GLN A 929 83.44 -49.09 -29.66
N ASN A 930 82.74 -48.48 -30.61
CA ASN A 930 83.37 -47.95 -31.81
C ASN A 930 83.03 -46.48 -31.97
N ASP A 931 83.36 -45.93 -33.14
CA ASP A 931 83.13 -44.51 -33.41
C ASP A 931 81.67 -44.18 -33.70
N LEU A 932 80.92 -45.13 -34.27
CA LEU A 932 79.55 -44.84 -34.67
C LEU A 932 78.54 -44.97 -33.53
N HIS A 933 78.95 -45.53 -32.38
CA HIS A 933 78.05 -45.72 -31.25
C HIS A 933 78.65 -45.11 -30.00
N LEU A 934 77.82 -44.42 -29.23
CA LEU A 934 78.24 -43.84 -27.95
C LEU A 934 78.09 -44.79 -26.77
N THR A 935 77.51 -45.97 -26.99
CA THR A 935 77.28 -46.95 -25.95
C THR A 935 78.00 -48.25 -26.29
N PRO A 936 78.60 -48.95 -25.31
CA PRO A 936 79.25 -50.22 -25.61
C PRO A 936 78.25 -51.36 -25.76
N THR A 937 78.67 -52.37 -26.52
CA THR A 937 77.89 -53.58 -26.76
C THR A 937 78.61 -54.78 -26.18
N LEU A 938 77.83 -55.74 -25.69
CA LEU A 938 78.35 -56.91 -24.99
C LEU A 938 78.46 -58.10 -25.94
N HIS A 939 79.61 -58.77 -25.92
CA HIS A 939 79.82 -59.98 -26.69
C HIS A 939 80.41 -61.05 -25.78
N LEU A 940 80.09 -62.32 -26.09
CA LEU A 940 80.48 -63.45 -25.26
C LEU A 940 81.24 -64.47 -26.10
N THR A 941 82.14 -65.20 -25.47
CA THR A 941 82.87 -66.28 -26.11
C THR A 941 83.21 -67.34 -25.08
N GLY A 942 83.52 -68.54 -25.57
CA GLY A 942 83.98 -69.64 -24.75
C GLY A 942 85.42 -70.02 -24.94
N LYS A 943 86.09 -69.43 -25.93
CA LYS A 943 87.49 -69.73 -26.24
C LYS A 943 88.28 -68.44 -26.24
N ASN A 944 89.51 -68.51 -26.74
CA ASN A 944 90.44 -67.38 -26.66
C ASN A 944 90.45 -66.53 -27.93
N TRP A 945 89.45 -66.70 -28.79
CA TRP A 945 89.33 -65.86 -29.97
C TRP A 945 87.86 -65.56 -30.22
N ILE A 946 87.62 -64.47 -30.95
CA ILE A 946 86.28 -63.94 -31.15
C ILE A 946 86.23 -63.26 -32.53
N GLU A 947 85.03 -63.04 -33.06
CA GLU A 947 84.85 -62.24 -34.27
C GLU A 947 83.72 -61.26 -34.05
N ILE A 948 83.98 -59.99 -34.37
CA ILE A 948 82.98 -58.92 -34.22
C ILE A 948 82.85 -58.17 -35.54
N PRO A 949 81.63 -57.71 -35.87
CA PRO A 949 81.47 -56.92 -37.11
C PRO A 949 81.94 -55.47 -36.96
N VAL A 950 82.89 -55.10 -37.82
CA VAL A 950 83.33 -53.71 -37.94
C VAL A 950 83.02 -53.24 -39.35
N PRO A 951 82.09 -52.27 -39.55
CA PRO A 951 81.93 -51.64 -40.88
C PRO A 951 83.08 -50.73 -41.30
N GLU A 952 82.99 -50.25 -42.55
CA GLU A 952 84.13 -49.61 -43.20
C GLU A 952 84.31 -48.15 -42.81
N ASP A 953 83.36 -47.54 -42.10
CA ASP A 953 83.48 -46.13 -41.73
C ASP A 953 84.19 -45.94 -40.39
N ILE A 954 84.56 -47.01 -39.71
CA ILE A 954 85.11 -46.91 -38.36
C ILE A 954 86.64 -46.82 -38.44
N GLY A 955 87.19 -45.75 -37.86
CA GLY A 955 88.62 -45.55 -37.82
C GLY A 955 89.32 -46.24 -36.67
N HIS A 956 88.70 -46.23 -35.49
CA HIS A 956 89.29 -46.86 -34.31
C HIS A 956 88.18 -47.39 -33.40
N ALA A 957 88.56 -48.31 -32.52
CA ALA A 957 87.61 -49.00 -31.67
C ALA A 957 88.17 -49.15 -30.25
N LEU A 958 87.27 -49.38 -29.30
CA LEU A 958 87.64 -49.55 -27.90
C LEU A 958 87.26 -50.95 -27.45
N VAL A 959 88.26 -51.73 -27.03
CA VAL A 959 88.10 -53.13 -26.68
C VAL A 959 88.52 -53.34 -25.23
N GLN A 960 87.61 -53.82 -24.39
CA GLN A 960 87.89 -54.17 -23.01
C GLN A 960 87.64 -55.66 -22.80
N ILE A 961 88.66 -56.38 -22.35
CA ILE A 961 88.63 -57.84 -22.23
C ILE A 961 88.70 -58.23 -20.76
N ARG A 962 87.68 -58.96 -20.29
CA ARG A 962 87.68 -59.51 -18.93
C ARG A 962 87.40 -61.01 -18.99
N THR A 963 87.63 -61.67 -17.87
CA THR A 963 87.40 -63.11 -17.78
C THR A 963 86.11 -63.40 -17.02
N THR A 964 85.63 -64.64 -17.18
CA THR A 964 84.46 -65.12 -16.45
C THR A 964 84.62 -66.62 -16.22
N GLY A 965 83.74 -67.17 -15.38
CA GLY A 965 83.76 -68.58 -15.07
C GLY A 965 83.18 -68.90 -13.71
N PRO A 966 83.64 -69.98 -13.08
CA PRO A 966 83.22 -70.25 -11.69
C PRO A 966 83.86 -69.33 -10.66
N GLY A 967 85.02 -68.73 -10.96
CA GLY A 967 85.63 -67.79 -10.05
C GLY A 967 84.97 -66.42 -10.02
N GLY A 968 84.24 -66.05 -11.07
CA GLY A 968 83.59 -64.77 -11.14
C GLY A 968 84.20 -63.88 -12.22
N ASP A 969 83.64 -62.67 -12.32
CA ASP A 969 84.13 -61.71 -13.31
C ASP A 969 85.36 -60.99 -12.78
N GLY A 970 86.42 -60.98 -13.58
CA GLY A 970 87.68 -60.41 -13.18
C GLY A 970 87.83 -58.94 -13.54
N ILE A 971 89.02 -58.43 -13.29
CA ILE A 971 89.34 -57.02 -13.59
C ILE A 971 89.64 -56.89 -15.08
N PRO A 972 88.93 -56.02 -15.82
CA PRO A 972 89.14 -55.94 -17.27
C PRO A 972 90.38 -55.14 -17.66
N ALA A 973 90.89 -55.42 -18.86
CA ALA A 973 91.91 -54.60 -19.47
C ALA A 973 91.27 -53.56 -20.38
N GLU A 974 92.11 -52.83 -21.11
CA GLU A 974 91.63 -51.81 -22.03
C GLU A 974 92.58 -51.71 -23.22
N VAL A 975 92.12 -52.18 -24.38
CA VAL A 975 92.93 -52.25 -25.58
C VAL A 975 92.35 -51.29 -26.61
N HIS A 976 93.18 -50.37 -27.09
CA HIS A 976 92.80 -49.42 -28.14
C HIS A 976 93.38 -49.88 -29.47
N ILE A 977 92.50 -50.14 -30.44
CA ILE A 977 92.88 -50.66 -31.75
C ILE A 977 92.58 -49.62 -32.81
N VAL A 978 93.62 -49.21 -33.55
CA VAL A 978 93.48 -48.31 -34.69
C VAL A 978 93.53 -49.16 -35.96
N ARG A 979 92.56 -48.95 -36.86
CA ARG A 979 92.46 -49.73 -38.09
C ARG A 979 93.52 -49.37 -39.12
N ASN A 980 93.79 -48.08 -39.32
CA ASN A 980 94.78 -47.67 -40.31
C ASN A 980 96.04 -47.11 -39.65
N THR B 11 13.88 53.98 -3.34
CA THR B 11 14.66 54.15 -4.55
C THR B 11 14.64 52.88 -5.39
N PHE B 12 14.68 53.03 -6.71
CA PHE B 12 14.65 51.90 -7.62
C PHE B 12 15.53 52.19 -8.83
N GLY B 13 15.96 51.11 -9.48
CA GLY B 13 16.77 51.21 -10.67
C GLY B 13 15.94 51.45 -11.92
N PRO B 14 16.59 51.68 -13.06
CA PRO B 14 15.85 52.12 -14.25
C PRO B 14 15.23 50.96 -15.01
N VAL B 15 13.93 51.06 -15.23
CA VAL B 15 13.22 50.18 -16.14
C VAL B 15 12.63 51.03 -17.26
N PHE B 16 12.70 50.53 -18.48
CA PHE B 16 12.48 51.38 -19.65
C PHE B 16 10.99 51.56 -19.95
N GLU B 17 10.66 52.72 -20.47
CA GLU B 17 9.33 52.95 -21.04
C GLU B 17 9.38 52.99 -22.57
N ASP B 18 10.33 53.72 -23.14
CA ASP B 18 10.59 53.68 -24.58
C ASP B 18 12.06 53.37 -24.84
N GLN B 19 12.30 52.68 -25.91
CA GLN B 19 13.51 52.00 -26.29
C GLN B 19 13.85 52.36 -27.73
N PRO B 20 15.15 52.44 -28.12
CA PRO B 20 15.49 53.04 -29.42
C PRO B 20 15.25 52.15 -30.64
N LEU B 21 14.39 52.64 -31.52
CA LEU B 21 13.97 51.92 -32.71
C LEU B 21 15.00 52.13 -33.80
N SER B 22 15.21 51.10 -34.63
CA SER B 22 16.12 51.20 -35.75
C SER B 22 15.48 52.01 -36.88
N VAL B 23 16.13 53.10 -37.25
CA VAL B 23 15.59 54.02 -38.25
C VAL B 23 16.25 53.73 -39.60
N LEU B 24 15.49 53.93 -40.66
CA LEU B 24 16.00 53.88 -42.02
C LEU B 24 15.97 55.31 -42.56
N PHE B 25 17.12 55.95 -42.59
CA PHE B 25 17.22 57.35 -42.95
C PHE B 25 17.57 57.44 -44.42
N PRO B 26 16.70 58.02 -45.28
CA PRO B 26 17.01 58.03 -46.72
C PRO B 26 18.00 59.12 -47.12
N GLU B 27 18.48 58.98 -48.35
CA GLU B 27 19.46 59.94 -48.90
C GLU B 27 18.78 61.26 -49.27
N GLU B 28 17.54 61.18 -49.74
CA GLU B 28 16.77 62.36 -50.14
C GLU B 28 15.81 62.82 -49.04
N SER B 29 16.24 62.75 -47.78
CA SER B 29 15.38 63.07 -46.65
C SER B 29 15.18 64.57 -46.48
N THR B 30 13.97 64.95 -46.07
CA THR B 30 13.67 66.33 -45.72
C THR B 30 14.01 66.67 -44.29
N GLU B 31 14.34 65.67 -43.47
CA GLU B 31 14.70 65.88 -42.06
C GLU B 31 16.20 65.90 -41.92
N GLU B 32 16.71 66.86 -41.14
CA GLU B 32 18.13 67.02 -40.92
C GLU B 32 18.63 66.26 -39.70
N GLN B 33 17.76 65.55 -38.98
CA GLN B 33 18.16 64.89 -37.75
C GLN B 33 17.60 63.48 -37.72
N VAL B 34 18.20 62.65 -36.86
CA VAL B 34 17.60 61.40 -36.43
C VAL B 34 17.36 61.51 -34.93
N LEU B 35 16.42 60.72 -34.42
CA LEU B 35 15.99 60.83 -33.03
C LEU B 35 15.79 59.42 -32.50
N LEU B 36 16.80 58.91 -31.79
CA LEU B 36 16.76 57.59 -31.19
C LEU B 36 16.33 57.76 -29.73
N ALA B 37 15.09 57.39 -29.45
CA ALA B 37 14.48 57.77 -28.17
C ALA B 37 14.81 56.77 -27.06
N CYS B 38 15.16 57.31 -25.89
CA CYS B 38 15.47 56.48 -24.72
C CYS B 38 15.13 57.24 -23.45
N ARG B 39 14.21 56.70 -22.67
CA ARG B 39 13.85 57.27 -21.37
C ARG B 39 13.35 56.15 -20.47
N ALA B 40 13.96 56.02 -19.29
CA ALA B 40 13.59 55.01 -18.31
C ALA B 40 13.09 55.70 -17.05
N ARG B 41 12.13 55.07 -16.36
CA ARG B 41 11.65 55.66 -15.12
C ARG B 41 12.62 55.35 -13.99
N ALA B 42 12.85 56.34 -13.13
CA ALA B 42 13.89 56.27 -12.10
C ALA B 42 13.52 57.18 -10.94
N SER B 43 14.14 56.91 -9.78
CA SER B 43 14.09 57.72 -8.58
C SER B 43 15.36 57.43 -7.76
N PRO B 44 16.45 58.26 -7.83
CA PRO B 44 16.75 59.54 -8.53
C PRO B 44 16.90 59.43 -10.06
N PRO B 45 16.55 60.48 -10.85
CA PRO B 45 16.37 60.30 -12.31
C PRO B 45 17.66 60.03 -13.08
N ALA B 46 17.51 59.21 -14.12
CA ALA B 46 18.61 58.50 -14.71
C ALA B 46 19.40 59.37 -15.67
N THR B 47 20.70 59.10 -15.72
CA THR B 47 21.60 59.73 -16.67
C THR B 47 21.78 58.80 -17.86
N TYR B 48 21.58 59.33 -19.05
CA TYR B 48 21.50 58.52 -20.26
C TYR B 48 22.76 58.71 -21.09
N ARG B 49 23.59 57.68 -21.15
CA ARG B 49 24.78 57.65 -21.98
C ARG B 49 24.47 56.84 -23.23
N TRP B 50 25.28 57.01 -24.26
CA TRP B 50 25.08 56.32 -25.52
C TRP B 50 26.36 55.67 -26.02
N LYS B 51 26.23 54.53 -26.67
CA LYS B 51 27.34 53.83 -27.27
C LYS B 51 27.21 53.78 -28.79
N MET B 52 28.34 53.70 -29.48
CA MET B 52 28.41 53.63 -30.93
C MET B 52 29.66 52.85 -31.31
N ASN B 53 29.43 51.71 -31.99
CA ASN B 53 30.44 50.71 -32.45
C ASN B 53 31.31 50.17 -31.32
N GLY B 54 30.71 49.93 -30.16
CA GLY B 54 31.42 49.35 -29.04
C GLY B 54 32.15 50.33 -28.14
N THR B 55 32.10 51.63 -28.44
CA THR B 55 32.70 52.65 -27.58
C THR B 55 31.71 53.77 -27.35
N GLU B 56 32.02 54.63 -26.38
CA GLU B 56 31.04 55.56 -25.87
C GLU B 56 31.03 56.84 -26.71
N MET B 57 29.87 57.50 -26.78
CA MET B 57 29.74 58.77 -27.46
C MET B 57 30.04 59.91 -26.50
N LYS B 58 30.98 60.77 -26.87
CA LYS B 58 31.26 61.97 -26.09
C LYS B 58 30.19 63.00 -26.44
N LEU B 59 29.14 63.04 -25.61
CA LEU B 59 27.99 63.91 -25.84
C LEU B 59 28.24 65.30 -25.25
N GLU B 60 29.05 66.07 -25.95
CA GLU B 60 29.37 67.43 -25.52
C GLU B 60 28.22 68.36 -25.92
N PRO B 61 27.98 69.44 -25.17
CA PRO B 61 27.03 70.45 -25.65
C PRO B 61 27.62 71.30 -26.76
N GLY B 62 26.81 71.57 -27.78
CA GLY B 62 27.25 72.36 -28.91
C GLY B 62 27.82 71.57 -30.06
N SER B 63 27.99 70.26 -29.93
CA SER B 63 28.51 69.44 -31.01
C SER B 63 27.35 68.91 -31.85
N ARG B 64 27.66 67.96 -32.75
CA ARG B 64 26.64 67.34 -33.58
C ARG B 64 26.00 66.13 -32.92
N HIS B 65 26.50 65.70 -31.76
CA HIS B 65 25.93 64.59 -31.02
C HIS B 65 25.40 65.11 -29.69
N GLN B 66 24.15 65.56 -29.68
CA GLN B 66 23.55 66.20 -28.53
C GLN B 66 22.59 65.27 -27.82
N LEU B 67 22.55 65.35 -26.50
CA LEU B 67 21.63 64.59 -25.67
C LEU B 67 20.51 65.53 -25.23
N VAL B 68 19.40 65.51 -25.96
CA VAL B 68 18.28 66.38 -25.65
C VAL B 68 17.27 65.55 -24.87
N GLY B 69 17.27 65.72 -23.54
CA GLY B 69 16.33 65.04 -22.66
C GLY B 69 16.60 63.56 -22.42
N GLY B 70 17.78 63.05 -22.79
CA GLY B 70 18.04 61.63 -22.79
C GLY B 70 17.96 61.04 -24.19
N ASN B 71 17.22 61.70 -25.06
CA ASN B 71 17.07 61.25 -26.44
C ASN B 71 18.23 61.79 -27.27
N LEU B 72 18.88 60.91 -28.02
CA LEU B 72 20.04 61.30 -28.80
C LEU B 72 19.59 61.87 -30.13
N VAL B 73 20.00 63.10 -30.41
CA VAL B 73 19.70 63.78 -31.67
C VAL B 73 21.02 64.03 -32.39
N ILE B 74 21.18 63.43 -33.56
CA ILE B 74 22.37 63.58 -34.38
C ILE B 74 22.01 64.43 -35.58
N MET B 75 22.65 65.58 -35.72
CA MET B 75 22.37 66.50 -36.82
C MET B 75 23.21 66.12 -38.04
N ASN B 76 22.52 65.97 -39.18
CA ASN B 76 23.04 65.71 -40.52
C ASN B 76 23.97 64.50 -40.69
N PRO B 77 23.45 63.27 -40.66
CA PRO B 77 24.33 62.10 -40.72
C PRO B 77 24.76 61.73 -42.13
N THR B 78 25.97 61.17 -42.22
CA THR B 78 26.51 60.60 -43.44
C THR B 78 26.99 59.19 -43.13
N LYS B 79 27.35 58.47 -44.21
CA LYS B 79 27.64 57.03 -44.16
C LYS B 79 28.95 56.70 -43.45
N ALA B 80 30.00 57.48 -43.70
CA ALA B 80 31.30 57.23 -43.08
C ALA B 80 31.39 57.75 -41.65
N GLN B 81 30.45 58.60 -41.23
CA GLN B 81 30.51 59.23 -39.91
C GLN B 81 29.56 58.63 -38.88
N ASP B 82 28.31 58.32 -39.26
CA ASP B 82 27.29 58.05 -38.25
C ASP B 82 26.53 56.74 -38.45
N ALA B 83 26.85 55.95 -39.47
CA ALA B 83 26.15 54.68 -39.66
C ALA B 83 26.75 53.61 -38.74
N GLY B 84 25.90 53.04 -37.89
CA GLY B 84 26.37 52.06 -36.95
C GLY B 84 25.28 51.62 -35.99
N VAL B 85 25.72 51.11 -34.85
CA VAL B 85 24.88 50.46 -33.86
C VAL B 85 24.82 51.34 -32.62
N TYR B 86 23.62 51.76 -32.24
CA TYR B 86 23.42 52.73 -31.16
C TYR B 86 22.68 52.06 -30.00
N GLN B 87 23.00 52.48 -28.78
CA GLN B 87 22.66 51.72 -27.59
C GLN B 87 22.64 52.63 -26.37
N CYS B 88 21.52 52.66 -25.66
CA CYS B 88 21.29 53.62 -24.58
C CYS B 88 21.58 52.99 -23.23
N LEU B 89 22.25 53.74 -22.35
CA LEU B 89 22.65 53.25 -21.03
C LEU B 89 22.09 54.16 -19.95
N ALA B 90 21.12 53.66 -19.18
CA ALA B 90 20.44 54.46 -18.17
C ALA B 90 21.04 54.19 -16.80
N SER B 91 21.62 55.22 -16.18
CA SER B 91 22.39 55.07 -14.95
C SER B 91 21.82 55.91 -13.81
N ASN B 92 21.55 55.25 -12.68
CA ASN B 92 21.30 55.91 -11.40
C ASN B 92 22.28 55.22 -10.43
N PRO B 93 22.47 55.58 -9.12
CA PRO B 93 23.36 54.73 -8.30
C PRO B 93 22.74 53.51 -7.65
N VAL B 94 21.55 53.06 -8.07
CA VAL B 94 21.15 51.68 -7.85
C VAL B 94 21.87 50.78 -8.85
N GLY B 95 21.76 51.08 -10.14
CA GLY B 95 22.38 50.26 -11.15
C GLY B 95 22.28 50.90 -12.53
N THR B 96 22.75 50.15 -13.52
CA THR B 96 22.80 50.57 -14.91
C THR B 96 22.12 49.52 -15.77
N VAL B 97 21.19 49.93 -16.62
CA VAL B 97 20.61 49.04 -17.61
C VAL B 97 21.06 49.45 -18.99
N VAL B 98 20.94 48.52 -19.93
CA VAL B 98 21.37 48.71 -21.32
C VAL B 98 20.16 48.44 -22.21
N SER B 99 19.80 49.42 -23.04
CA SER B 99 18.72 49.26 -24.00
C SER B 99 19.20 48.45 -25.20
N ARG B 100 18.24 47.91 -25.96
CA ARG B 100 18.63 47.07 -27.08
C ARG B 100 18.93 47.94 -28.29
N GLU B 101 19.59 47.34 -29.27
CA GLU B 101 20.37 48.06 -30.23
C GLU B 101 19.51 48.62 -31.36
N ALA B 102 19.77 49.87 -31.70
CA ALA B 102 19.11 50.54 -32.81
C ALA B 102 20.08 50.56 -33.98
N ILE B 103 19.87 49.65 -34.92
CA ILE B 103 20.74 49.54 -36.08
C ILE B 103 20.36 50.61 -37.08
N LEU B 104 21.07 51.74 -37.04
CA LEU B 104 20.77 52.88 -37.90
C LEU B 104 21.39 52.59 -39.26
N ARG B 105 20.56 52.11 -40.18
CA ARG B 105 20.97 51.80 -41.54
C ARG B 105 20.46 52.89 -42.47
N PHE B 106 21.14 53.06 -43.61
CA PHE B 106 20.85 54.15 -44.51
C PHE B 106 20.19 53.67 -45.79
N GLY B 107 19.15 54.38 -46.22
CA GLY B 107 18.58 54.18 -47.53
C GLY B 107 19.31 55.03 -48.54
N PHE B 108 19.87 54.38 -49.56
CA PHE B 108 20.63 55.10 -50.57
C PHE B 108 20.50 54.37 -51.90
N LEU B 109 20.63 55.14 -52.98
CA LEU B 109 20.55 54.60 -54.33
C LEU B 109 21.66 55.26 -55.13
N GLN B 110 22.71 54.50 -55.42
CA GLN B 110 23.84 55.02 -56.17
C GLN B 110 23.47 55.05 -57.66
N GLU B 111 24.21 55.85 -58.42
CA GLU B 111 24.06 55.86 -59.88
C GLU B 111 24.67 54.60 -60.50
N PHE B 112 24.25 54.31 -61.74
CA PHE B 112 24.55 53.05 -62.39
C PHE B 112 25.99 52.95 -62.90
N SER B 113 26.32 51.76 -63.40
CA SER B 113 27.63 51.40 -63.93
C SER B 113 27.90 52.11 -65.24
N LYS B 114 28.96 52.92 -65.26
CA LYS B 114 29.31 53.73 -66.43
C LYS B 114 30.36 53.07 -67.32
N GLU B 115 30.64 51.79 -67.11
CA GLU B 115 31.47 51.05 -68.05
C GLU B 115 30.68 50.75 -69.32
N GLU B 116 31.39 50.62 -70.44
CA GLU B 116 30.76 50.26 -71.70
C GLU B 116 30.51 48.76 -71.68
N ARG B 117 29.23 48.41 -71.46
CA ARG B 117 28.84 47.01 -71.37
C ARG B 117 28.75 46.37 -72.75
N ASP B 118 28.98 45.06 -72.79
CA ASP B 118 28.96 44.35 -74.06
C ASP B 118 27.53 44.08 -74.51
N PRO B 119 27.27 44.06 -75.84
CA PRO B 119 25.97 43.57 -76.33
C PRO B 119 25.82 42.07 -76.16
N VAL B 120 24.58 41.61 -75.98
CA VAL B 120 24.31 40.21 -75.68
C VAL B 120 23.99 39.48 -76.97
N LYS B 121 24.71 38.38 -77.21
CA LYS B 121 24.60 37.62 -78.45
C LYS B 121 24.20 36.18 -78.14
N ALA B 122 23.15 35.71 -78.81
CA ALA B 122 22.71 34.32 -78.72
C ALA B 122 22.05 33.94 -80.04
N HIS B 123 21.51 32.72 -80.08
CA HIS B 123 20.85 32.22 -81.29
C HIS B 123 19.38 32.58 -81.28
N GLU B 124 18.85 32.88 -82.46
CA GLU B 124 17.43 33.14 -82.59
C GLU B 124 16.65 31.83 -82.57
N GLY B 125 15.48 31.86 -81.93
CA GLY B 125 14.72 30.67 -81.60
C GLY B 125 15.00 30.11 -80.23
N TRP B 126 16.06 30.57 -79.57
CA TRP B 126 16.38 30.26 -78.19
C TRP B 126 15.90 31.38 -77.27
N GLY B 127 16.23 31.23 -75.99
CA GLY B 127 16.11 32.33 -75.06
C GLY B 127 17.43 33.05 -74.86
N VAL B 128 17.34 34.23 -74.27
CA VAL B 128 18.49 35.12 -74.12
C VAL B 128 18.42 35.74 -72.72
N MET B 129 19.58 35.99 -72.12
CA MET B 129 19.65 36.59 -70.79
C MET B 129 20.43 37.89 -70.87
N LEU B 130 19.76 39.01 -70.63
CA LEU B 130 20.41 40.31 -70.60
C LEU B 130 20.63 40.72 -69.15
N PRO B 131 21.86 41.04 -68.73
CA PRO B 131 22.09 41.36 -67.32
C PRO B 131 21.69 42.79 -67.00
N CYS B 132 21.43 43.05 -65.72
CA CYS B 132 21.13 44.42 -65.28
C CYS B 132 22.36 45.11 -64.70
N ASN B 133 23.17 44.35 -63.92
CA ASN B 133 24.24 44.75 -63.00
C ASN B 133 23.75 45.84 -62.05
N PRO B 134 23.01 45.50 -60.99
CA PRO B 134 22.40 46.54 -60.15
C PRO B 134 23.42 47.14 -59.20
N PRO B 135 23.27 48.42 -58.84
CA PRO B 135 24.28 49.06 -57.99
C PRO B 135 24.11 48.76 -56.52
N ALA B 136 24.92 49.43 -55.71
CA ALA B 136 24.85 49.30 -54.27
C ALA B 136 23.65 50.05 -53.72
N HIS B 137 22.87 49.38 -52.88
CA HIS B 137 21.58 49.88 -52.46
C HIS B 137 21.22 49.31 -51.09
N TYR B 138 20.30 49.98 -50.42
CA TYR B 138 19.57 49.46 -49.29
C TYR B 138 18.25 50.21 -49.28
N PRO B 139 17.09 49.54 -49.09
CA PRO B 139 16.82 48.12 -48.92
C PRO B 139 16.69 47.38 -50.25
N GLY B 140 15.99 46.25 -50.24
CA GLY B 140 15.73 45.44 -51.41
C GLY B 140 14.87 46.11 -52.47
N LEU B 141 15.38 46.17 -53.68
CA LEU B 141 14.80 46.96 -54.76
C LEU B 141 13.61 46.24 -55.39
N SER B 142 12.82 47.01 -56.13
CA SER B 142 11.82 46.48 -57.03
C SER B 142 12.22 46.86 -58.45
N TYR B 143 12.35 45.84 -59.30
CA TYR B 143 12.85 46.03 -60.65
C TYR B 143 11.72 46.02 -61.67
N ARG B 144 11.61 47.11 -62.42
CA ARG B 144 11.04 47.08 -63.76
C ARG B 144 12.09 47.65 -64.69
N TRP B 145 11.81 47.62 -66.00
CA TRP B 145 12.76 47.67 -67.13
C TRP B 145 12.28 48.60 -68.24
N LEU B 146 13.15 48.82 -69.22
CA LEU B 146 12.90 49.76 -70.31
C LEU B 146 13.17 49.11 -71.66
N LEU B 147 12.10 48.98 -72.47
CA LEU B 147 12.23 48.63 -73.88
C LEU B 147 12.55 49.84 -74.73
N ASN B 148 12.13 51.02 -74.29
CA ASN B 148 12.32 52.27 -74.99
C ASN B 148 12.68 53.29 -73.93
N GLU B 149 12.50 54.57 -74.25
CA GLU B 149 12.67 55.61 -73.24
C GLU B 149 11.47 55.66 -72.29
N PHE B 150 11.67 56.36 -71.17
CA PHE B 150 10.72 56.39 -70.06
C PHE B 150 9.52 57.27 -70.41
N PRO B 151 8.27 56.82 -70.16
CA PRO B 151 7.81 55.59 -69.48
C PRO B 151 7.30 54.42 -70.34
N ASN B 152 8.04 54.03 -71.39
CA ASN B 152 7.69 52.83 -72.14
C ASN B 152 8.44 51.64 -71.54
N PHE B 153 7.68 50.77 -70.89
CA PHE B 153 8.24 49.63 -70.19
C PHE B 153 8.22 48.37 -71.08
N ILE B 154 8.69 47.27 -70.52
CA ILE B 154 8.49 45.94 -71.11
C ILE B 154 7.04 45.53 -70.81
N PRO B 155 6.36 44.81 -71.71
CA PRO B 155 5.05 44.26 -71.35
C PRO B 155 5.19 43.07 -70.41
N THR B 156 4.14 42.85 -69.63
CA THR B 156 4.06 41.76 -68.68
C THR B 156 3.18 40.67 -69.28
N ASP B 157 3.74 39.47 -69.37
CA ASP B 157 3.08 38.34 -70.02
C ASP B 157 3.66 37.05 -69.47
N GLY B 158 3.42 35.96 -70.20
CA GLY B 158 4.04 34.69 -69.90
C GLY B 158 5.29 34.41 -70.71
N ARG B 159 5.87 35.46 -71.30
CA ARG B 159 7.11 35.33 -72.06
C ARG B 159 8.24 36.21 -71.55
N HIS B 160 7.99 37.46 -71.18
CA HIS B 160 8.95 38.28 -70.47
C HIS B 160 8.76 38.04 -68.97
N PHE B 161 9.83 37.63 -68.29
CA PHE B 161 9.79 37.21 -66.90
C PHE B 161 10.63 38.12 -66.01
N VAL B 162 10.02 38.64 -64.95
CA VAL B 162 10.57 39.73 -64.16
C VAL B 162 11.13 39.19 -62.85
N SER B 163 12.44 39.33 -62.66
CA SER B 163 13.12 38.85 -61.46
C SER B 163 13.27 39.95 -60.42
N GLN B 164 13.26 39.56 -59.14
CA GLN B 164 13.44 40.52 -58.04
C GLN B 164 14.73 40.28 -57.26
N THR B 165 15.35 39.10 -57.40
CA THR B 165 16.58 38.83 -56.65
C THR B 165 17.81 39.26 -57.41
N THR B 166 17.98 38.78 -58.65
CA THR B 166 19.10 39.20 -59.47
C THR B 166 18.75 40.26 -60.51
N GLY B 167 17.48 40.36 -60.93
CA GLY B 167 17.08 41.44 -61.80
C GLY B 167 17.40 41.26 -63.27
N ASN B 168 17.82 40.08 -63.70
CA ASN B 168 18.14 39.89 -65.11
C ASN B 168 16.91 39.50 -65.92
N LEU B 169 17.05 39.64 -67.24
CA LEU B 169 15.94 39.56 -68.18
C LEU B 169 15.86 38.14 -68.73
N TYR B 170 14.66 37.57 -68.74
CA TYR B 170 14.52 36.19 -69.18
C TYR B 170 13.35 36.06 -70.15
N ILE B 171 13.66 35.76 -71.42
CA ILE B 171 12.65 35.49 -72.44
C ILE B 171 12.65 34.00 -72.71
N ALA B 172 11.44 33.40 -72.73
CA ALA B 172 11.31 31.96 -73.03
C ALA B 172 11.56 31.67 -74.50
N ARG B 173 11.01 32.48 -75.39
CA ARG B 173 11.24 32.30 -76.82
C ARG B 173 11.28 33.66 -77.51
N THR B 174 12.34 33.87 -78.29
CA THR B 174 12.65 35.15 -78.88
C THR B 174 12.35 35.12 -80.39
N ASN B 175 11.91 36.27 -80.90
CA ASN B 175 11.97 36.49 -82.34
C ASN B 175 12.43 37.93 -82.57
N ALA B 176 12.24 38.40 -83.81
CA ALA B 176 12.86 39.65 -84.25
C ALA B 176 12.02 40.88 -83.90
N SER B 177 10.82 40.68 -83.34
CA SER B 177 10.00 41.81 -82.91
C SER B 177 10.30 42.26 -81.49
N ASP B 178 11.18 41.55 -80.78
CA ASP B 178 11.54 41.91 -79.41
C ASP B 178 12.75 42.85 -79.34
N LEU B 179 13.26 43.31 -80.47
CA LEU B 179 14.49 44.10 -80.48
C LEU B 179 14.21 45.56 -80.11
N GLY B 180 15.20 46.20 -79.51
CA GLY B 180 15.08 47.60 -79.16
C GLY B 180 16.21 48.02 -78.25
N ASN B 181 16.22 49.31 -77.90
CA ASN B 181 17.23 49.84 -76.98
C ASN B 181 16.85 49.47 -75.54
N TYR B 182 17.46 48.38 -75.08
CA TYR B 182 17.14 47.85 -73.77
C TYR B 182 17.87 48.60 -72.68
N SER B 183 17.24 48.69 -71.50
CA SER B 183 17.80 49.34 -70.34
C SER B 183 17.18 48.75 -69.09
N CYS B 184 17.96 48.72 -68.01
CA CYS B 184 17.44 48.37 -66.71
C CYS B 184 16.96 49.62 -65.99
N LEU B 185 16.23 49.43 -64.89
CA LEU B 185 15.77 50.50 -64.01
C LEU B 185 15.60 49.89 -62.62
N ALA B 186 15.61 50.74 -61.60
CA ALA B 186 15.35 50.30 -60.24
C ALA B 186 14.30 51.22 -59.63
N THR B 187 13.47 50.67 -58.75
CA THR B 187 12.48 51.45 -58.04
C THR B 187 12.49 51.07 -56.57
N SER B 188 12.85 52.03 -55.72
CA SER B 188 12.87 51.86 -54.28
C SER B 188 11.84 52.78 -53.65
N HIS B 189 11.05 52.23 -52.73
CA HIS B 189 10.08 53.01 -51.97
C HIS B 189 10.55 53.08 -50.53
N MET B 190 10.73 54.30 -50.03
CA MET B 190 11.31 54.51 -48.72
C MET B 190 10.31 55.26 -47.84
N ASP B 191 10.75 55.64 -46.65
CA ASP B 191 9.86 56.27 -45.68
C ASP B 191 9.62 57.74 -46.00
N PHE B 192 10.58 58.40 -46.64
CA PHE B 192 10.47 59.83 -46.93
C PHE B 192 10.68 60.19 -48.39
N SER B 193 11.08 59.24 -49.24
CA SER B 193 11.42 59.56 -50.61
C SER B 193 11.11 58.38 -51.53
N THR B 194 10.96 58.70 -52.81
CA THR B 194 10.82 57.71 -53.88
C THR B 194 11.77 58.07 -55.00
N LYS B 195 12.62 57.11 -55.39
CA LYS B 195 13.69 57.41 -56.34
C LYS B 195 13.77 56.30 -57.39
N SER B 196 13.88 56.72 -58.65
CA SER B 196 14.02 55.80 -59.77
C SER B 196 14.95 56.41 -60.80
N VAL B 197 16.07 55.73 -61.05
CA VAL B 197 17.10 56.18 -61.98
C VAL B 197 17.29 55.15 -63.09
N PHE B 198 17.93 55.59 -64.18
CA PHE B 198 17.99 54.85 -65.44
C PHE B 198 19.39 54.32 -65.70
N SER B 199 19.46 53.14 -66.32
CA SER B 199 20.74 52.47 -66.57
C SER B 199 21.28 52.78 -67.96
N LYS B 200 22.31 52.02 -68.34
CA LYS B 200 22.94 52.14 -69.65
C LYS B 200 22.07 51.50 -70.73
N PHE B 201 22.29 51.91 -71.98
CA PHE B 201 21.64 51.30 -73.11
C PHE B 201 22.24 49.92 -73.40
N ALA B 202 21.37 48.99 -73.79
CA ALA B 202 21.80 47.65 -74.17
C ALA B 202 21.29 47.33 -75.56
N GLN B 203 22.20 46.88 -76.43
CA GLN B 203 21.88 46.46 -77.77
C GLN B 203 21.75 44.94 -77.81
N LEU B 204 20.64 44.46 -78.36
CA LEU B 204 20.42 43.02 -78.53
C LEU B 204 20.66 42.64 -79.98
N ASN B 205 21.58 41.69 -80.19
CA ASN B 205 21.85 41.12 -81.50
C ASN B 205 21.66 39.62 -81.44
N LEU B 206 21.10 39.05 -82.50
CA LEU B 206 20.82 37.63 -82.56
C LEU B 206 21.46 37.02 -83.80
N ALA B 207 21.77 35.73 -83.72
CA ALA B 207 22.40 34.99 -84.79
C ALA B 207 21.37 34.39 -85.73
N ALA B 208 21.83 33.46 -86.57
CA ALA B 208 20.94 32.69 -87.45
C ALA B 208 20.12 31.70 -86.64
N GLU B 209 18.96 31.34 -87.18
CA GLU B 209 17.96 30.63 -86.39
C GLU B 209 18.23 29.14 -86.32
N ASP B 210 18.26 28.62 -85.09
CA ASP B 210 18.36 27.18 -84.84
C ASP B 210 16.92 26.65 -84.76
N THR B 211 16.44 26.14 -85.89
CA THR B 211 15.05 25.71 -86.03
C THR B 211 14.90 24.29 -85.47
N ARG B 212 14.78 24.22 -84.15
CA ARG B 212 14.62 22.93 -83.46
C ARG B 212 13.61 23.08 -82.34
N LEU B 213 13.09 21.94 -81.88
CA LEU B 213 12.30 21.84 -80.67
C LEU B 213 13.13 21.10 -79.63
N PHE B 214 13.32 21.71 -78.46
CA PHE B 214 14.36 21.26 -77.55
C PHE B 214 13.90 21.39 -76.10
N ALA B 215 14.85 21.13 -75.19
CA ALA B 215 14.60 20.97 -73.77
C ALA B 215 14.39 22.33 -73.10
N PRO B 216 13.62 22.39 -71.99
CA PRO B 216 13.62 23.60 -71.16
C PRO B 216 14.91 23.73 -70.38
N SER B 217 15.29 24.97 -70.09
CA SER B 217 16.51 25.24 -69.34
C SER B 217 16.20 26.31 -68.30
N ILE B 218 16.11 25.90 -67.03
CA ILE B 218 15.88 26.84 -65.94
C ILE B 218 17.21 27.50 -65.61
N LYS B 219 17.35 28.78 -65.93
CA LYS B 219 18.56 29.51 -65.56
C LYS B 219 18.36 30.28 -64.26
N ALA B 220 17.16 30.80 -64.04
CA ALA B 220 16.83 31.56 -62.84
C ALA B 220 16.40 30.58 -61.75
N ARG B 221 17.28 30.35 -60.79
CA ARG B 221 17.13 29.29 -59.81
C ARG B 221 16.80 29.89 -58.45
N PHE B 222 15.72 29.38 -57.85
CA PHE B 222 15.38 29.70 -56.47
C PHE B 222 16.38 28.98 -55.55
N PRO B 223 16.85 29.65 -54.47
CA PRO B 223 18.15 29.28 -53.87
C PRO B 223 18.08 28.06 -52.97
N ALA B 224 19.28 27.61 -52.55
CA ALA B 224 19.46 26.27 -51.99
C ALA B 224 18.94 26.17 -50.56
N GLU B 225 19.18 27.18 -49.73
CA GLU B 225 18.52 27.33 -48.44
C GLU B 225 18.10 28.78 -48.28
N THR B 226 16.81 29.06 -48.51
CA THR B 226 16.26 30.40 -48.34
C THR B 226 15.85 30.57 -46.89
N TYR B 227 16.55 31.43 -46.17
CA TYR B 227 16.38 31.59 -44.73
C TYR B 227 15.34 32.67 -44.48
N ALA B 228 14.20 32.28 -43.93
CA ALA B 228 13.07 33.17 -43.75
C ALA B 228 12.81 33.38 -42.26
N LEU B 229 12.35 34.57 -41.91
CA LEU B 229 11.88 34.80 -40.56
C LEU B 229 10.40 34.46 -40.45
N VAL B 230 9.87 34.53 -39.23
CA VAL B 230 8.44 34.35 -39.05
C VAL B 230 7.74 35.66 -39.42
N GLY B 231 6.94 35.61 -40.48
CA GLY B 231 6.23 36.78 -40.94
C GLY B 231 6.82 37.48 -42.14
N GLN B 232 7.97 37.03 -42.64
CA GLN B 232 8.58 37.59 -43.83
C GLN B 232 7.84 37.12 -45.07
N GLN B 233 7.78 37.99 -46.08
CA GLN B 233 7.22 37.65 -47.38
C GLN B 233 8.32 37.10 -48.27
N VAL B 234 8.13 35.87 -48.76
CA VAL B 234 9.15 35.15 -49.51
C VAL B 234 8.61 34.88 -50.91
N THR B 235 9.33 35.36 -51.93
CA THR B 235 9.02 35.10 -53.33
C THR B 235 10.17 34.33 -53.95
N LEU B 236 9.89 33.13 -54.44
CA LEU B 236 10.88 32.32 -55.14
C LEU B 236 10.72 32.49 -56.65
N GLU B 237 11.78 32.14 -57.40
CA GLU B 237 11.84 32.43 -58.83
C GLU B 237 12.26 31.20 -59.62
N CYS B 238 11.53 30.91 -60.69
CA CYS B 238 11.86 29.75 -61.53
C CYS B 238 11.45 30.11 -62.97
N PHE B 239 12.42 30.59 -63.75
CA PHE B 239 12.16 31.06 -65.10
C PHE B 239 12.93 30.15 -66.06
N ALA B 240 12.32 29.83 -67.19
CA ALA B 240 12.85 28.77 -68.05
C ALA B 240 13.00 29.26 -69.49
N PHE B 241 14.03 28.76 -70.16
CA PHE B 241 14.18 28.88 -71.60
C PHE B 241 13.42 27.77 -72.30
N GLY B 242 13.42 27.79 -73.62
CA GLY B 242 13.05 26.60 -74.37
C GLY B 242 12.08 26.92 -75.48
N ASN B 243 12.05 26.00 -76.44
CA ASN B 243 11.11 26.01 -77.55
C ASN B 243 10.32 24.70 -77.50
N PRO B 244 9.00 24.72 -77.23
CA PRO B 244 8.08 25.85 -76.95
C PRO B 244 8.13 26.41 -75.52
N VAL B 245 7.17 27.26 -75.18
CA VAL B 245 7.11 27.96 -73.89
C VAL B 245 6.68 26.98 -72.81
N PRO B 246 7.48 26.77 -71.75
CA PRO B 246 7.18 25.68 -70.81
C PRO B 246 6.16 26.08 -69.76
N ARG B 247 5.55 25.06 -69.16
CA ARG B 247 4.71 25.24 -68.00
C ARG B 247 5.55 25.15 -66.72
N ILE B 248 5.20 25.96 -65.73
CA ILE B 248 5.94 26.01 -64.47
C ILE B 248 5.02 25.53 -63.37
N LYS B 249 5.39 24.44 -62.70
CA LYS B 249 4.63 23.89 -61.58
C LYS B 249 5.46 23.97 -60.30
N TRP B 250 4.81 24.36 -59.21
CA TRP B 250 5.39 24.34 -57.88
C TRP B 250 4.75 23.25 -57.05
N ARG B 251 5.57 22.53 -56.29
CA ARG B 251 5.05 21.55 -55.35
C ARG B 251 5.98 21.47 -54.15
N LYS B 252 5.47 20.88 -53.07
CA LYS B 252 6.26 20.58 -51.88
C LYS B 252 6.63 19.10 -51.95
N VAL B 253 7.88 18.79 -51.61
CA VAL B 253 8.39 17.43 -51.82
C VAL B 253 7.95 16.51 -50.69
N ASP B 254 8.04 16.98 -49.45
CA ASP B 254 7.70 16.17 -48.28
C ASP B 254 6.27 16.36 -47.81
N GLY B 255 5.39 16.93 -48.64
CA GLY B 255 4.01 17.11 -48.28
C GLY B 255 3.20 17.75 -49.40
N SER B 256 2.36 18.72 -49.04
CA SER B 256 1.55 19.43 -50.01
C SER B 256 1.62 20.92 -49.71
N LEU B 257 1.35 21.73 -50.73
CA LEU B 257 1.27 23.17 -50.56
C LEU B 257 -0.04 23.56 -49.88
N SER B 258 0.02 24.66 -49.12
CA SER B 258 -1.18 25.21 -48.51
C SER B 258 -2.02 25.92 -49.57
N PRO B 259 -3.33 25.66 -49.65
CA PRO B 259 -4.10 26.08 -50.84
C PRO B 259 -4.59 27.53 -50.83
N GLN B 260 -4.15 28.38 -49.90
CA GLN B 260 -4.53 29.79 -49.93
C GLN B 260 -3.72 30.60 -50.94
N TRP B 261 -2.58 30.08 -51.41
CA TRP B 261 -1.73 30.84 -52.31
C TRP B 261 -1.17 30.00 -53.46
N THR B 262 -1.83 28.91 -53.85
CA THR B 262 -1.32 28.05 -54.91
C THR B 262 -1.62 28.65 -56.27
N THR B 263 -0.55 28.96 -57.02
CA THR B 263 -0.65 29.53 -58.35
C THR B 263 0.14 28.68 -59.33
N ALA B 264 -0.29 28.70 -60.59
CA ALA B 264 0.50 28.15 -61.70
C ALA B 264 1.22 29.32 -62.40
N GLU B 265 2.10 29.94 -61.63
CA GLU B 265 2.80 31.17 -61.97
C GLU B 265 4.25 30.96 -61.60
N PRO B 266 5.21 31.61 -62.30
CA PRO B 266 6.63 31.38 -61.97
C PRO B 266 7.17 32.17 -60.78
N THR B 267 6.36 32.97 -60.09
CA THR B 267 6.75 33.60 -58.82
C THR B 267 5.83 33.07 -57.74
N LEU B 268 6.29 32.08 -56.98
CA LEU B 268 5.51 31.55 -55.86
C LEU B 268 5.55 32.49 -54.68
N GLN B 269 4.39 32.96 -54.27
CA GLN B 269 4.27 34.05 -53.31
C GLN B 269 3.57 33.58 -52.06
N ILE B 270 4.28 33.66 -50.94
CA ILE B 270 3.73 33.40 -49.61
C ILE B 270 3.64 34.74 -48.89
N PRO B 271 2.46 35.15 -48.41
CA PRO B 271 2.36 36.47 -47.73
C PRO B 271 2.89 36.48 -46.31
N SER B 272 2.86 35.34 -45.61
CA SER B 272 3.38 35.28 -44.25
C SER B 272 3.95 33.88 -44.04
N VAL B 273 5.27 33.77 -44.00
CA VAL B 273 5.91 32.47 -43.85
C VAL B 273 5.94 32.10 -42.37
N SER B 274 5.20 31.05 -42.04
CA SER B 274 5.14 30.50 -40.70
C SER B 274 5.93 29.20 -40.69
N PHE B 275 5.81 28.45 -39.60
CA PHE B 275 6.66 27.27 -39.40
C PHE B 275 6.17 26.03 -40.14
N GLU B 276 4.96 26.08 -40.72
CA GLU B 276 4.46 24.93 -41.49
C GLU B 276 4.98 24.91 -42.92
N ASP B 277 5.65 25.97 -43.38
CA ASP B 277 6.25 26.01 -44.70
C ASP B 277 7.72 25.59 -44.70
N GLU B 278 8.23 25.09 -43.58
CA GLU B 278 9.60 24.63 -43.51
C GLU B 278 9.74 23.27 -44.17
N GLY B 279 10.50 23.22 -45.26
CA GLY B 279 10.69 21.98 -45.97
C GLY B 279 11.33 22.23 -47.33
N THR B 280 11.42 21.15 -48.10
CA THR B 280 12.02 21.18 -49.41
C THR B 280 10.98 21.53 -50.46
N TYR B 281 11.39 22.33 -51.46
CA TYR B 281 10.49 22.84 -52.48
C TYR B 281 11.00 22.42 -53.86
N GLU B 282 10.10 22.41 -54.84
CA GLU B 282 10.38 21.83 -56.16
C GLU B 282 9.71 22.65 -57.24
N CYS B 283 10.50 23.08 -58.23
CA CYS B 283 9.98 23.69 -59.45
C CYS B 283 10.24 22.76 -60.62
N GLU B 284 9.21 22.54 -61.44
CA GLU B 284 9.29 21.66 -62.59
C GLU B 284 8.92 22.43 -63.85
N ALA B 285 9.85 22.48 -64.81
CA ALA B 285 9.60 23.05 -66.12
C ALA B 285 9.40 21.91 -67.12
N GLU B 286 8.37 22.00 -67.95
CA GLU B 286 8.04 20.94 -68.88
C GLU B 286 7.33 21.52 -70.09
N ASN B 287 7.63 20.96 -71.26
CA ASN B 287 6.98 21.33 -72.51
C ASN B 287 6.61 20.04 -73.26
N SER B 288 6.33 20.19 -74.56
CA SER B 288 5.97 19.04 -75.39
C SER B 288 7.15 18.15 -75.75
N LYS B 289 8.39 18.60 -75.61
CA LYS B 289 9.55 17.82 -76.02
C LYS B 289 10.54 17.47 -74.92
N GLY B 290 10.43 18.05 -73.73
CA GLY B 290 11.40 17.76 -72.69
C GLY B 290 10.89 18.16 -71.32
N ARG B 291 11.78 18.01 -70.33
CA ARG B 291 11.43 18.38 -68.96
C ARG B 291 12.68 18.85 -68.23
N ASP B 292 12.46 19.61 -67.15
CA ASP B 292 13.55 20.08 -66.30
C ASP B 292 13.03 20.25 -64.88
N THR B 293 13.85 19.82 -63.92
CA THR B 293 13.51 19.85 -62.50
C THR B 293 14.63 20.50 -61.72
N VAL B 294 14.28 21.14 -60.60
CA VAL B 294 15.24 21.81 -59.74
C VAL B 294 14.70 21.74 -58.30
N GLN B 295 15.61 21.66 -57.33
CA GLN B 295 15.22 21.53 -55.93
C GLN B 295 15.79 22.68 -55.10
N GLY B 296 15.19 22.90 -53.93
CA GLY B 296 15.62 23.93 -53.02
C GLY B 296 14.94 23.74 -51.70
N ARG B 297 15.07 24.74 -50.83
CA ARG B 297 14.59 24.61 -49.46
C ARG B 297 14.25 25.98 -48.87
N ILE B 298 13.26 25.98 -47.97
CA ILE B 298 12.94 27.14 -47.15
C ILE B 298 13.11 26.71 -45.70
N ILE B 299 14.04 27.34 -44.99
CA ILE B 299 14.23 27.15 -43.56
C ILE B 299 13.66 28.36 -42.84
N VAL B 300 12.65 28.13 -42.01
CA VAL B 300 11.97 29.19 -41.29
C VAL B 300 12.65 29.36 -39.94
N GLN B 301 13.16 30.56 -39.68
CA GLN B 301 13.85 30.87 -38.44
C GLN B 301 13.03 31.92 -37.70
N ALA B 302 13.49 32.32 -36.52
CA ALA B 302 12.67 33.18 -35.68
C ALA B 302 13.52 34.19 -34.93
N GLN B 303 12.92 35.35 -34.65
CA GLN B 303 13.47 36.28 -33.69
C GLN B 303 13.26 35.73 -32.28
N PRO B 304 14.13 36.07 -31.32
CA PRO B 304 13.93 35.61 -29.94
C PRO B 304 12.81 36.35 -29.23
N GLU B 305 11.96 35.58 -28.57
CA GLU B 305 10.94 36.08 -27.66
C GLU B 305 11.16 35.37 -26.34
N TRP B 306 10.67 35.97 -25.27
CA TRP B 306 10.96 35.44 -23.94
C TRP B 306 9.91 34.48 -23.47
N LEU B 307 10.32 33.59 -22.55
CA LEU B 307 9.45 32.62 -21.93
C LEU B 307 9.35 32.83 -20.43
N LYS B 308 10.49 32.77 -19.75
CA LYS B 308 10.60 33.00 -18.31
C LYS B 308 11.66 34.07 -18.11
N VAL B 309 11.28 35.20 -17.52
CA VAL B 309 12.21 36.28 -17.26
C VAL B 309 12.41 36.45 -15.76
N ILE B 310 13.25 37.43 -15.44
CA ILE B 310 13.61 37.69 -14.07
C ILE B 310 12.87 38.93 -13.56
N SER B 311 12.59 38.94 -12.27
CA SER B 311 11.78 39.98 -11.68
C SER B 311 12.55 40.65 -10.56
N ASP B 312 12.01 41.78 -10.08
CA ASP B 312 12.66 42.61 -9.08
C ASP B 312 12.60 41.96 -7.70
N THR B 313 13.70 41.34 -7.32
CA THR B 313 13.75 40.45 -6.17
C THR B 313 14.56 41.09 -5.05
N GLU B 314 13.92 41.23 -3.88
CA GLU B 314 14.60 41.61 -2.66
C GLU B 314 14.98 40.33 -1.92
N ALA B 315 16.25 40.23 -1.54
CA ALA B 315 16.73 39.03 -0.88
C ALA B 315 17.58 39.41 0.33
N ASP B 316 17.65 38.51 1.30
CA ASP B 316 18.45 38.75 2.50
C ASP B 316 19.92 38.52 2.20
N ILE B 317 20.78 39.09 3.06
CA ILE B 317 22.22 38.92 2.86
C ILE B 317 22.66 37.55 3.38
N GLY B 318 23.35 36.81 2.51
CA GLY B 318 23.83 35.48 2.84
C GLY B 318 22.94 34.35 2.36
N SER B 319 21.96 34.63 1.51
CA SER B 319 21.01 33.60 1.09
C SER B 319 21.41 33.00 -0.26
N ASN B 320 20.71 31.94 -0.63
CA ASN B 320 20.88 31.30 -1.93
C ASN B 320 19.77 31.76 -2.86
N LEU B 321 20.15 32.31 -4.01
CA LEU B 321 19.20 32.91 -4.93
C LEU B 321 19.40 32.34 -6.33
N ARG B 322 18.33 31.81 -6.92
CA ARG B 322 18.38 31.24 -8.26
C ARG B 322 17.39 31.96 -9.16
N TRP B 323 17.92 32.78 -10.06
CA TRP B 323 17.16 33.40 -11.14
C TRP B 323 17.29 32.64 -12.45
N GLY B 324 16.26 31.90 -12.82
CA GLY B 324 16.17 31.26 -14.12
C GLY B 324 15.72 32.24 -15.18
N CYS B 325 16.24 32.06 -16.39
CA CYS B 325 15.98 32.97 -17.49
C CYS B 325 16.15 32.19 -18.79
N ALA B 326 15.06 32.01 -19.53
CA ALA B 326 15.09 31.17 -20.72
C ALA B 326 14.30 31.83 -21.84
N ALA B 327 14.71 31.53 -23.08
CA ALA B 327 14.18 32.19 -24.27
C ALA B 327 13.81 31.17 -25.32
N ALA B 328 12.95 31.58 -26.25
CA ALA B 328 12.61 30.75 -27.40
C ALA B 328 12.88 31.49 -28.70
N GLY B 329 13.52 30.78 -29.62
CA GLY B 329 13.85 31.34 -30.92
C GLY B 329 14.64 30.33 -31.71
N LYS B 330 14.62 30.50 -33.02
CA LYS B 330 15.38 29.59 -33.87
C LYS B 330 16.40 30.40 -34.67
N PRO B 331 17.72 30.08 -34.61
CA PRO B 331 18.47 29.08 -33.83
C PRO B 331 18.65 29.46 -32.37
N ARG B 332 18.83 28.45 -31.51
CA ARG B 332 18.39 28.52 -30.12
C ARG B 332 19.35 29.35 -29.28
N PRO B 333 18.85 30.29 -28.45
CA PRO B 333 19.62 31.47 -28.10
C PRO B 333 20.62 31.24 -26.97
N THR B 334 21.83 31.75 -27.19
CA THR B 334 22.89 31.73 -26.19
C THR B 334 22.55 32.80 -25.18
N VAL B 335 21.89 32.38 -24.10
CA VAL B 335 21.41 33.31 -23.09
C VAL B 335 22.57 33.69 -22.18
N ARG B 336 22.94 34.97 -22.19
CA ARG B 336 24.06 35.45 -21.40
C ARG B 336 23.56 36.54 -20.47
N TRP B 337 24.46 37.02 -19.61
CA TRP B 337 24.07 37.89 -18.51
C TRP B 337 24.88 39.16 -18.50
N LEU B 338 24.22 40.27 -18.19
CA LEU B 338 24.87 41.53 -17.88
C LEU B 338 24.58 41.94 -16.45
N ARG B 339 25.61 42.46 -15.77
CA ARG B 339 25.46 43.13 -14.50
C ARG B 339 25.98 44.55 -14.65
N ASN B 340 25.08 45.53 -14.49
CA ASN B 340 25.32 46.98 -14.44
C ASN B 340 25.95 47.54 -15.72
N GLY B 341 25.59 46.97 -16.86
CA GLY B 341 26.16 47.42 -18.12
C GLY B 341 27.46 46.77 -18.51
N GLU B 342 27.97 45.86 -17.70
CA GLU B 342 29.20 45.12 -17.94
C GLU B 342 28.85 43.64 -18.01
N PRO B 343 29.65 42.83 -18.73
CA PRO B 343 29.39 41.38 -18.76
C PRO B 343 29.75 40.70 -17.45
N LEU B 344 29.00 39.65 -17.14
CA LEU B 344 29.06 38.96 -15.86
C LEU B 344 29.38 37.49 -16.13
N ALA B 345 30.58 37.09 -15.75
CA ALA B 345 30.98 35.70 -15.90
C ALA B 345 30.73 34.95 -14.60
N SER B 346 31.26 33.73 -14.52
CA SER B 346 31.28 33.00 -13.27
C SER B 346 32.33 33.59 -12.34
N GLN B 347 31.93 33.86 -11.10
CA GLN B 347 32.78 34.56 -10.14
C GLN B 347 32.91 33.70 -8.89
N ASN B 348 33.40 34.34 -7.82
CA ASN B 348 33.63 33.64 -6.56
C ASN B 348 32.33 33.33 -5.82
N ARG B 349 31.35 34.22 -5.91
CA ARG B 349 30.04 33.99 -5.33
C ARG B 349 28.92 33.98 -6.36
N VAL B 350 29.20 34.40 -7.59
CA VAL B 350 28.20 34.54 -8.65
C VAL B 350 28.45 33.50 -9.73
N GLU B 351 27.47 32.62 -9.96
CA GLU B 351 27.65 31.53 -10.91
C GLU B 351 26.70 31.66 -12.09
N VAL B 352 27.27 31.67 -13.30
CA VAL B 352 26.52 31.74 -14.55
C VAL B 352 26.73 30.41 -15.26
N LEU B 353 25.63 29.72 -15.59
CA LEU B 353 25.72 28.48 -16.35
C LEU B 353 25.32 28.69 -17.82
N ALA B 354 25.22 29.97 -18.22
CA ALA B 354 24.57 30.50 -19.44
C ALA B 354 23.14 29.96 -19.53
N GLY B 355 22.34 30.42 -18.58
CA GLY B 355 21.10 29.82 -18.18
C GLY B 355 20.67 30.46 -16.88
N ASP B 356 20.42 29.67 -15.85
CA ASP B 356 20.09 30.23 -14.55
C ASP B 356 21.30 30.85 -13.83
N LEU B 357 21.04 31.83 -12.98
CA LEU B 357 22.07 32.58 -12.26
C LEU B 357 21.97 32.24 -10.79
N ARG B 358 23.06 31.70 -10.23
CA ARG B 358 23.05 31.20 -8.86
C ARG B 358 23.98 32.06 -8.00
N PHE B 359 23.45 32.59 -6.91
CA PHE B 359 24.25 33.26 -5.90
C PHE B 359 24.50 32.28 -4.75
N SER B 360 25.77 32.10 -4.38
CA SER B 360 26.10 31.22 -3.27
C SER B 360 25.86 31.92 -1.94
N LYS B 361 26.58 33.01 -1.68
CA LYS B 361 26.36 33.82 -0.49
C LYS B 361 26.26 35.27 -0.95
N LEU B 362 25.16 35.93 -0.58
CA LEU B 362 24.97 37.30 -1.01
C LEU B 362 25.74 38.27 -0.12
N SER B 363 26.06 39.42 -0.69
CA SER B 363 26.64 40.54 0.06
C SER B 363 25.94 41.81 -0.39
N LEU B 364 26.38 42.94 0.16
CA LEU B 364 25.77 44.22 -0.20
C LEU B 364 26.35 44.80 -1.48
N GLU B 365 27.46 44.25 -1.98
CA GLU B 365 28.02 44.66 -3.27
C GLU B 365 27.40 43.92 -4.45
N ASP B 366 26.47 42.97 -4.21
CA ASP B 366 25.73 42.31 -5.28
C ASP B 366 24.43 43.03 -5.62
N SER B 367 24.15 44.17 -5.00
CA SER B 367 22.98 44.93 -5.35
C SER B 367 23.21 45.72 -6.64
N GLY B 368 22.25 45.69 -7.53
CA GLY B 368 22.35 46.39 -8.79
C GLY B 368 21.37 45.83 -9.80
N MET B 369 21.30 46.49 -10.94
CA MET B 369 20.43 46.06 -12.03
C MET B 369 21.13 44.95 -12.78
N TYR B 370 20.46 43.81 -12.91
CA TYR B 370 20.98 42.69 -13.66
C TYR B 370 20.13 42.51 -14.90
N GLN B 371 20.78 42.24 -16.03
CA GLN B 371 20.07 42.07 -17.28
C GLN B 371 20.35 40.70 -17.85
N CYS B 372 19.33 40.12 -18.46
CA CYS B 372 19.43 38.83 -19.07
C CYS B 372 19.32 39.03 -20.58
N VAL B 373 20.34 38.59 -21.31
CA VAL B 373 20.47 38.88 -22.73
C VAL B 373 20.38 37.59 -23.53
N ALA B 374 19.38 37.48 -24.41
CA ALA B 374 19.28 36.38 -25.35
C ALA B 374 19.74 36.84 -26.71
N GLU B 375 20.37 35.96 -27.47
CA GLU B 375 21.07 36.36 -28.68
C GLU B 375 21.15 35.23 -29.69
N ASN B 376 20.83 35.56 -30.94
CA ASN B 376 21.19 34.73 -32.09
C ASN B 376 21.57 35.67 -33.24
N LYS B 377 21.52 35.14 -34.46
CA LYS B 377 21.85 35.94 -35.63
C LYS B 377 20.66 36.71 -36.21
N HIS B 378 19.49 36.66 -35.58
CA HIS B 378 18.32 37.39 -36.08
C HIS B 378 17.87 38.50 -35.15
N GLY B 379 18.40 38.60 -33.94
CA GLY B 379 18.00 39.64 -33.03
C GLY B 379 18.60 39.40 -31.66
N THR B 380 18.46 40.41 -30.82
CA THR B 380 18.98 40.41 -29.46
C THR B 380 17.96 41.06 -28.54
N ILE B 381 17.48 40.31 -27.55
CA ILE B 381 16.47 40.85 -26.63
C ILE B 381 17.01 40.85 -25.21
N TYR B 382 16.44 41.73 -24.39
CA TYR B 382 16.95 42.07 -23.07
C TYR B 382 15.80 42.00 -22.07
N ALA B 383 16.13 41.74 -20.80
CA ALA B 383 15.16 41.72 -19.73
C ALA B 383 15.86 42.11 -18.44
N SER B 384 15.41 43.20 -17.83
CA SER B 384 16.08 43.80 -16.68
C SER B 384 15.38 43.42 -15.39
N ALA B 385 16.16 43.29 -14.32
CA ALA B 385 15.60 43.11 -12.99
C ALA B 385 16.50 43.76 -11.96
N GLU B 386 15.93 44.05 -10.79
CA GLU B 386 16.69 44.60 -9.69
C GLU B 386 16.92 43.55 -8.62
N LEU B 387 18.15 43.44 -8.16
CA LEU B 387 18.45 42.74 -6.92
C LEU B 387 18.74 43.78 -5.85
N ALA B 388 17.94 43.76 -4.79
CA ALA B 388 18.10 44.67 -3.67
C ALA B 388 18.43 43.80 -2.46
N VAL B 389 19.71 43.70 -2.13
CA VAL B 389 20.13 42.94 -0.97
C VAL B 389 19.90 43.78 0.28
N GLN B 390 19.09 43.27 1.19
CA GLN B 390 18.65 44.01 2.36
C GLN B 390 19.41 43.53 3.58
N ALA B 391 19.96 44.49 4.33
CA ALA B 391 20.55 44.21 5.64
C ALA B 391 19.59 44.74 6.70
N LEU B 392 19.16 43.86 7.59
CA LEU B 392 18.07 44.17 8.51
C LEU B 392 18.51 43.96 9.95
N ALA B 393 17.89 44.73 10.85
CA ALA B 393 18.02 44.49 12.28
C ALA B 393 17.16 43.27 12.66
N PRO B 394 17.51 42.57 13.75
CA PRO B 394 16.60 41.55 14.27
C PRO B 394 15.39 42.16 14.94
N ASP B 395 14.21 41.68 14.56
CA ASP B 395 12.97 42.19 15.10
C ASP B 395 12.09 40.99 15.44
N PHE B 396 11.55 40.98 16.65
CA PHE B 396 10.74 39.87 17.10
C PHE B 396 9.25 40.14 16.99
N ARG B 397 8.84 41.04 16.10
CA ARG B 397 7.42 41.42 16.00
C ARG B 397 6.66 40.53 15.03
N LEU B 398 7.33 39.64 14.32
CA LEU B 398 6.64 38.76 13.38
C LEU B 398 6.75 37.28 13.74
N ASN B 399 7.88 36.85 14.31
CA ASN B 399 8.02 35.46 14.72
C ASN B 399 8.86 35.62 16.00
N PRO B 400 8.25 35.70 17.17
CA PRO B 400 9.03 35.83 18.41
C PRO B 400 9.41 34.46 18.97
N VAL B 401 10.09 34.52 20.12
CA VAL B 401 10.15 33.39 21.04
C VAL B 401 8.78 33.28 21.71
N ARG B 402 8.33 32.03 21.94
CA ARG B 402 7.16 31.68 22.74
C ARG B 402 7.28 32.24 24.15
N ARG B 403 6.31 33.10 24.50
CA ARG B 403 6.39 33.92 25.70
C ARG B 403 6.08 33.10 26.95
N LEU B 404 5.36 31.99 26.79
CA LEU B 404 4.95 31.18 27.92
C LEU B 404 5.06 29.72 27.51
N ILE B 405 6.16 29.09 27.88
CA ILE B 405 6.53 27.77 27.39
C ILE B 405 6.12 26.73 28.43
N PRO B 406 5.29 25.75 28.08
CA PRO B 406 5.06 24.63 29.00
C PRO B 406 6.00 23.46 28.72
N ALA B 407 6.29 22.70 29.76
CA ALA B 407 7.19 21.56 29.63
C ALA B 407 6.66 20.39 30.44
N ALA B 408 7.17 19.21 30.10
CA ALA B 408 6.89 18.01 30.87
C ALA B 408 8.10 17.68 31.74
N ARG B 409 7.85 17.18 32.94
CA ARG B 409 8.94 16.75 33.80
C ARG B 409 9.46 15.39 33.34
N GLY B 410 10.76 15.31 33.08
CA GLY B 410 11.33 14.13 32.49
C GLY B 410 11.29 14.08 30.98
N GLY B 411 10.82 15.14 30.33
CA GLY B 411 10.59 15.16 28.91
C GLY B 411 11.58 16.00 28.14
N GLU B 412 11.03 16.85 27.27
CA GLU B 412 11.77 17.43 26.18
C GLU B 412 11.10 18.74 25.76
N ILE B 413 11.91 19.76 25.48
CA ILE B 413 11.39 21.00 24.93
C ILE B 413 12.40 21.50 23.89
N LEU B 414 11.87 22.10 22.82
CA LEU B 414 12.64 22.79 21.80
C LEU B 414 12.14 24.22 21.74
N ILE B 415 12.99 25.18 22.06
CA ILE B 415 12.59 26.59 22.03
C ILE B 415 13.28 27.27 20.87
N PRO B 416 12.59 27.56 19.74
CA PRO B 416 13.28 28.18 18.60
C PRO B 416 13.40 29.69 18.80
N CYS B 417 14.49 30.24 18.26
CA CYS B 417 14.70 31.68 18.26
C CYS B 417 15.12 32.08 16.86
N GLN B 418 14.13 32.37 16.02
CA GLN B 418 14.39 32.70 14.62
C GLN B 418 13.73 34.04 14.32
N PRO B 419 14.44 35.16 14.56
CA PRO B 419 13.86 36.47 14.24
C PRO B 419 14.03 36.77 12.76
N ARG B 420 13.35 37.83 12.33
CA ARG B 420 13.51 38.32 10.95
C ARG B 420 14.79 39.15 10.90
N ALA B 421 15.90 38.47 10.64
CA ALA B 421 17.22 39.07 10.71
C ALA B 421 17.99 38.76 9.44
N ALA B 422 18.63 39.78 8.89
CA ALA B 422 19.56 39.61 7.78
C ALA B 422 20.91 40.19 8.19
N PRO B 423 21.96 39.37 8.35
CA PRO B 423 22.09 37.92 8.14
C PRO B 423 21.67 37.09 9.34
N LYS B 424 22.16 35.84 9.41
CA LYS B 424 21.77 34.89 10.45
C LYS B 424 22.42 35.26 11.79
N ALA B 425 21.57 35.54 12.77
CA ALA B 425 22.00 36.21 14.00
C ALA B 425 22.64 35.22 14.98
N VAL B 426 23.49 35.76 15.84
CA VAL B 426 24.12 34.95 16.88
C VAL B 426 23.14 34.79 18.04
N VAL B 427 22.76 33.55 18.32
CA VAL B 427 21.83 33.22 19.38
C VAL B 427 22.63 32.76 20.59
N LEU B 428 22.48 33.47 21.70
CA LEU B 428 23.17 33.13 22.94
C LEU B 428 22.12 33.17 24.05
N TRP B 429 21.63 31.99 24.44
CA TRP B 429 20.55 31.86 25.41
C TRP B 429 21.02 32.13 26.83
N SER B 430 20.09 32.60 27.67
CA SER B 430 20.39 32.88 29.06
C SER B 430 19.21 32.51 29.95
N LYS B 431 19.52 32.06 31.16
CA LYS B 431 18.52 31.84 32.20
C LYS B 431 18.57 33.08 33.08
N GLY B 432 17.91 34.14 32.61
CA GLY B 432 17.96 35.42 33.30
C GLY B 432 19.26 36.15 33.01
N THR B 433 20.14 36.17 34.02
CA THR B 433 21.48 36.72 33.87
C THR B 433 22.54 35.63 33.71
N GLU B 434 22.24 34.39 34.12
CA GLU B 434 23.16 33.27 33.99
C GLU B 434 23.14 32.79 32.54
N ILE B 435 24.31 32.76 31.90
CA ILE B 435 24.38 32.49 30.47
C ILE B 435 24.39 30.97 30.28
N LEU B 436 23.88 30.50 29.14
CA LEU B 436 23.81 29.06 28.90
C LEU B 436 24.92 28.59 27.98
N VAL B 437 25.69 27.62 28.47
CA VAL B 437 26.77 26.96 27.75
C VAL B 437 26.24 25.58 27.38
N ASN B 438 26.70 25.04 26.25
CA ASN B 438 26.43 23.65 25.90
C ASN B 438 27.15 22.71 26.85
N SER B 439 26.48 21.60 27.15
CA SER B 439 26.89 20.60 28.12
C SER B 439 26.18 19.30 27.75
N SER B 440 26.09 18.37 28.72
CA SER B 440 25.41 17.11 28.46
C SER B 440 23.89 17.18 28.65
N ARG B 441 23.35 18.33 29.10
CA ARG B 441 21.93 18.44 29.39
C ARG B 441 21.27 19.56 28.59
N VAL B 442 21.98 20.67 28.40
CA VAL B 442 21.46 21.86 27.73
C VAL B 442 22.23 22.02 26.43
N THR B 443 21.51 22.09 25.30
CA THR B 443 22.12 22.17 23.98
C THR B 443 21.63 23.42 23.25
N VAL B 444 22.57 24.31 22.90
CA VAL B 444 22.26 25.53 22.14
C VAL B 444 22.75 25.29 20.72
N THR B 445 21.81 25.02 19.81
CA THR B 445 22.14 24.78 18.41
C THR B 445 22.44 26.11 17.70
N PRO B 446 23.26 26.11 16.63
CA PRO B 446 23.60 27.39 15.97
C PRO B 446 22.50 28.05 15.15
N ASP B 447 21.40 27.36 14.82
CA ASP B 447 20.29 28.06 14.18
C ASP B 447 19.39 28.77 15.20
N GLY B 448 19.47 28.40 16.47
CA GLY B 448 18.76 29.10 17.53
C GLY B 448 17.95 28.24 18.47
N THR B 449 17.83 26.93 18.23
CA THR B 449 16.92 26.12 19.01
C THR B 449 17.57 25.65 20.31
N LEU B 450 16.96 26.00 21.45
CA LEU B 450 17.46 25.56 22.75
C LEU B 450 16.84 24.22 23.12
N ILE B 451 17.70 23.26 23.43
CA ILE B 451 17.30 21.89 23.74
C ILE B 451 17.66 21.56 25.18
N ILE B 452 16.64 21.31 26.00
CA ILE B 452 16.82 20.86 27.38
C ILE B 452 16.17 19.49 27.50
N ARG B 453 16.96 18.48 27.85
CA ARG B 453 16.45 17.15 28.13
C ARG B 453 16.49 16.93 29.64
N ASN B 454 15.57 16.07 30.11
CA ASN B 454 15.35 15.63 31.51
C ASN B 454 15.06 16.79 32.45
N ILE B 455 13.94 17.47 32.19
CA ILE B 455 13.65 18.74 32.86
C ILE B 455 13.09 18.48 34.25
N SER B 456 13.68 19.14 35.24
CA SER B 456 13.16 19.16 36.59
C SER B 456 12.65 20.56 36.86
N ARG B 457 12.30 20.83 38.12
CA ARG B 457 11.78 22.15 38.49
C ARG B 457 12.86 23.17 38.82
N SER B 458 14.14 22.85 38.67
CA SER B 458 15.20 23.86 38.72
C SER B 458 15.38 24.59 37.40
N ASP B 459 14.79 24.09 36.31
CA ASP B 459 14.85 24.77 35.02
C ASP B 459 13.67 25.68 34.77
N GLU B 460 12.75 25.79 35.75
CA GLU B 460 11.67 26.76 35.66
C GLU B 460 12.20 28.17 35.87
N GLY B 461 12.02 29.01 34.87
CA GLY B 461 12.70 30.28 34.87
C GLY B 461 12.30 31.16 33.72
N LYS B 462 13.12 32.20 33.51
CA LYS B 462 12.77 33.34 32.69
C LYS B 462 13.80 33.35 31.55
N TYR B 463 13.52 32.58 30.50
CA TYR B 463 14.51 32.35 29.44
C TYR B 463 14.50 33.47 28.43
N THR B 464 15.68 34.07 28.20
CA THR B 464 15.84 35.17 27.28
C THR B 464 16.75 34.74 26.13
N CYS B 465 16.23 34.77 24.91
CA CYS B 465 17.05 34.62 23.71
C CYS B 465 17.71 35.95 23.42
N PHE B 466 18.97 35.92 23.03
CA PHE B 466 19.64 37.12 22.55
C PHE B 466 19.92 37.00 21.06
N ALA B 467 20.00 38.15 20.39
CA ALA B 467 20.24 38.19 18.96
C ALA B 467 21.26 39.26 18.64
N GLU B 468 22.19 38.95 17.74
CA GLU B 468 23.31 39.82 17.46
C GLU B 468 23.77 39.68 16.02
N ASN B 469 23.87 40.81 15.33
CA ASN B 469 24.59 40.93 14.07
C ASN B 469 25.31 42.28 14.07
N PHE B 470 25.68 42.75 12.87
CA PHE B 470 26.29 44.07 12.78
C PHE B 470 25.26 45.20 12.78
N MET B 471 23.97 44.90 12.59
CA MET B 471 22.95 45.94 12.52
C MET B 471 22.44 46.39 13.88
N GLY B 472 22.09 45.47 14.77
CA GLY B 472 21.51 45.86 16.04
C GLY B 472 21.25 44.66 16.93
N LYS B 473 20.74 44.96 18.12
CA LYS B 473 20.51 43.98 19.17
C LYS B 473 19.04 43.92 19.52
N ALA B 474 18.52 42.71 19.67
CA ALA B 474 17.16 42.53 20.17
C ALA B 474 17.10 41.27 21.01
N ASN B 475 16.14 41.26 21.94
CA ASN B 475 15.92 40.11 22.79
C ASN B 475 14.43 39.82 22.91
N SER B 476 14.09 38.56 23.11
CA SER B 476 12.71 38.16 23.38
C SER B 476 12.74 37.10 24.47
N THR B 477 11.73 37.13 25.34
CA THR B 477 11.82 36.52 26.65
C THR B 477 10.65 35.57 26.87
N GLY B 478 10.95 34.32 27.22
CA GLY B 478 9.92 33.34 27.46
C GLY B 478 9.94 32.69 28.82
N ILE B 479 8.75 32.44 29.38
CA ILE B 479 8.63 31.85 30.71
C ILE B 479 8.48 30.35 30.57
N LEU B 480 9.40 29.59 31.17
CA LEU B 480 9.28 28.14 31.19
C LEU B 480 8.62 27.72 32.48
N SER B 481 7.53 26.95 32.39
CA SER B 481 6.88 26.35 33.53
C SER B 481 6.99 24.85 33.42
N VAL B 482 7.28 24.19 34.54
CA VAL B 482 7.59 22.77 34.56
C VAL B 482 6.42 22.03 35.19
N ARG B 483 5.72 21.23 34.38
CA ARG B 483 4.54 20.51 34.80
C ARG B 483 4.82 19.01 34.77
N ASP B 484 3.90 18.23 35.31
CA ASP B 484 4.10 16.78 35.33
C ASP B 484 3.71 16.18 33.99
N ALA B 485 4.39 15.09 33.62
CA ALA B 485 4.25 14.54 32.29
C ALA B 485 3.02 13.66 32.19
N THR B 486 2.34 13.76 31.05
CA THR B 486 1.26 12.85 30.75
C THR B 486 1.84 11.53 30.28
N LYS B 487 1.59 10.47 31.04
CA LYS B 487 2.05 9.14 30.70
C LYS B 487 0.88 8.19 30.80
N ILE B 488 1.05 7.00 30.24
CA ILE B 488 0.00 5.98 30.30
C ILE B 488 0.43 4.94 31.33
N THR B 489 -0.35 4.78 32.40
CA THR B 489 -0.02 3.81 33.42
C THR B 489 -0.50 2.40 33.10
N LEU B 490 -1.53 2.27 32.27
CA LEU B 490 -2.06 0.96 31.88
C LEU B 490 -2.31 1.00 30.38
N ALA B 491 -1.37 0.43 29.63
CA ALA B 491 -1.42 0.47 28.18
C ALA B 491 -2.45 -0.52 27.65
N PRO B 492 -3.09 -0.24 26.50
CA PRO B 492 -3.94 -1.26 25.89
C PRO B 492 -3.14 -2.36 25.22
N SER B 493 -3.47 -3.58 25.60
CA SER B 493 -2.79 -4.76 25.10
C SER B 493 -3.46 -5.22 23.82
N SER B 494 -2.80 -6.14 23.12
CA SER B 494 -3.37 -6.76 21.94
C SER B 494 -4.46 -7.74 22.35
N ALA B 495 -5.40 -7.99 21.44
CA ALA B 495 -6.54 -8.82 21.77
C ALA B 495 -6.91 -9.70 20.61
N ASP B 496 -7.54 -10.83 20.94
CA ASP B 496 -8.02 -11.81 19.98
C ASP B 496 -9.45 -12.19 20.36
N ILE B 497 -10.40 -11.89 19.46
CA ILE B 497 -11.82 -12.03 19.70
C ILE B 497 -12.44 -12.81 18.54
N ASN B 498 -13.78 -12.86 18.53
CA ASN B 498 -14.57 -13.32 17.40
C ASN B 498 -15.52 -12.21 16.95
N LEU B 499 -16.34 -12.50 15.95
CA LEU B 499 -17.47 -11.64 15.62
C LEU B 499 -18.53 -11.81 16.69
N GLY B 500 -19.14 -10.70 17.09
CA GLY B 500 -20.16 -10.72 18.12
C GLY B 500 -19.66 -10.64 19.55
N ASP B 501 -18.34 -10.57 19.74
CA ASP B 501 -17.78 -10.49 21.07
C ASP B 501 -17.57 -9.03 21.47
N ASN B 502 -17.74 -8.75 22.75
CA ASN B 502 -17.51 -7.43 23.31
C ASN B 502 -16.09 -7.36 23.85
N LEU B 503 -15.47 -6.19 23.69
CA LEU B 503 -14.06 -6.07 23.96
C LEU B 503 -13.72 -4.66 24.41
N THR B 504 -13.11 -4.56 25.59
CA THR B 504 -12.73 -3.29 26.19
C THR B 504 -11.22 -3.13 26.15
N LEU B 505 -10.75 -2.05 25.55
CA LEU B 505 -9.33 -1.73 25.49
C LEU B 505 -9.02 -0.67 26.54
N GLN B 506 -8.31 -1.07 27.59
CA GLN B 506 -8.06 -0.21 28.75
C GLN B 506 -7.02 0.87 28.46
N CYS B 507 -7.32 2.10 28.86
CA CYS B 507 -6.35 3.18 28.70
C CYS B 507 -6.50 4.11 29.90
N HIS B 508 -5.69 3.86 30.92
CA HIS B 508 -5.60 4.70 32.10
C HIS B 508 -4.41 5.61 31.96
N ALA B 509 -4.58 6.89 32.30
CA ALA B 509 -3.50 7.85 32.18
C ALA B 509 -3.27 8.51 33.53
N SER B 510 -2.13 9.18 33.67
CA SER B 510 -1.81 9.88 34.90
C SER B 510 -1.21 11.22 34.54
N HIS B 511 -1.70 12.25 35.21
CA HIS B 511 -1.36 13.62 34.87
C HIS B 511 -1.53 14.48 36.11
N ASP B 512 -0.97 15.67 36.06
CA ASP B 512 -1.17 16.70 37.07
C ASP B 512 -2.60 17.24 37.22
N PRO B 513 -3.06 17.55 38.44
CA PRO B 513 -4.49 17.89 38.62
C PRO B 513 -4.89 19.31 38.23
N THR B 514 -3.96 20.16 37.78
CA THR B 514 -4.34 21.49 37.31
C THR B 514 -4.97 21.43 35.91
N MET B 515 -4.43 20.58 35.06
CA MET B 515 -4.82 20.46 33.66
C MET B 515 -6.02 19.55 33.47
N ASP B 516 -6.51 19.52 32.23
CA ASP B 516 -7.59 18.64 31.80
C ASP B 516 -7.06 17.59 30.83
N LEU B 517 -7.65 16.40 30.86
CA LEU B 517 -7.11 15.25 30.16
C LEU B 517 -8.18 14.63 29.29
N THR B 518 -8.04 14.80 27.97
CA THR B 518 -8.99 14.23 27.02
C THR B 518 -8.33 13.09 26.28
N PHE B 519 -9.13 12.11 25.90
CA PHE B 519 -8.67 10.92 25.21
C PHE B 519 -9.19 10.94 23.79
N THR B 520 -8.28 10.91 22.82
CA THR B 520 -8.66 10.71 21.43
C THR B 520 -8.19 9.34 20.98
N TRP B 521 -9.14 8.53 20.53
CA TRP B 521 -8.86 7.20 20.03
C TRP B 521 -8.87 7.26 18.50
N THR B 522 -7.75 6.88 17.89
CA THR B 522 -7.65 6.85 16.44
C THR B 522 -7.41 5.41 15.97
N LEU B 523 -8.18 4.99 14.98
CA LEU B 523 -8.05 3.69 14.35
C LEU B 523 -7.42 3.88 12.97
N ASP B 524 -6.19 3.35 12.81
CA ASP B 524 -5.34 3.33 11.59
C ASP B 524 -5.06 4.73 11.05
N ASP B 525 -4.82 5.67 11.98
CA ASP B 525 -4.73 7.13 11.90
C ASP B 525 -5.96 7.82 11.29
N PHE B 526 -7.16 7.23 11.40
CA PHE B 526 -8.44 7.87 11.15
C PHE B 526 -9.18 8.03 12.49
N PRO B 527 -9.91 9.13 12.70
CA PRO B 527 -10.57 9.32 14.00
C PRO B 527 -11.85 8.51 14.14
N ILE B 528 -12.09 8.05 15.36
CA ILE B 528 -13.19 7.13 15.63
C ILE B 528 -14.47 7.93 15.81
N ASP B 529 -15.48 7.64 14.99
CA ASP B 529 -16.78 8.29 15.06
C ASP B 529 -17.66 7.47 15.99
N PHE B 530 -17.95 8.05 17.16
CA PHE B 530 -18.82 7.38 18.13
C PHE B 530 -20.29 7.52 17.75
N ASP B 531 -20.64 8.57 17.01
CA ASP B 531 -22.02 8.90 16.72
C ASP B 531 -22.51 8.39 15.37
N LYS B 532 -22.01 7.25 14.92
CA LYS B 532 -22.51 6.64 13.70
C LYS B 532 -23.86 5.98 13.96
N PRO B 533 -24.77 5.96 12.97
CA PRO B 533 -25.95 5.09 13.08
C PRO B 533 -25.57 3.62 12.98
N GLY B 534 -26.19 2.80 13.82
CA GLY B 534 -25.68 1.45 14.06
C GLY B 534 -24.37 1.48 14.81
N GLY B 535 -24.31 2.25 15.90
CA GLY B 535 -23.07 2.52 16.62
C GLY B 535 -22.50 1.38 17.42
N HIS B 536 -21.20 1.13 17.23
CA HIS B 536 -20.53 0.01 17.86
C HIS B 536 -19.64 0.43 19.02
N TYR B 537 -18.96 1.57 18.90
CA TYR B 537 -18.01 2.01 19.91
C TYR B 537 -18.73 2.77 21.02
N ARG B 538 -18.65 2.25 22.24
CA ARG B 538 -19.22 2.97 23.38
C ARG B 538 -18.21 3.02 24.52
N ARG B 539 -18.48 3.94 25.45
CA ARG B 539 -17.61 4.24 26.58
C ARG B 539 -18.12 3.57 27.86
N THR B 540 -17.17 3.13 28.69
CA THR B 540 -17.46 2.37 29.90
C THR B 540 -16.59 2.97 31.01
N ASN B 541 -17.16 3.03 32.24
CA ASN B 541 -16.51 3.35 33.53
C ASN B 541 -15.92 4.77 33.58
N VAL B 542 -16.80 5.78 33.57
CA VAL B 542 -16.37 7.16 33.38
C VAL B 542 -15.80 7.73 34.67
N LYS B 543 -14.55 8.18 34.60
CA LYS B 543 -13.91 9.07 35.56
C LYS B 543 -13.16 10.11 34.75
N GLU B 544 -12.22 10.83 35.35
CA GLU B 544 -11.45 11.79 34.59
C GLU B 544 -10.34 11.11 33.79
N THR B 545 -9.53 10.30 34.46
CA THR B 545 -8.31 9.74 33.89
C THR B 545 -8.51 8.35 33.31
N ILE B 546 -9.74 7.83 33.31
CA ILE B 546 -10.03 6.50 32.82
C ILE B 546 -10.74 6.65 31.48
N GLY B 547 -10.09 6.18 30.42
CA GLY B 547 -10.56 6.39 29.07
C GLY B 547 -10.72 5.16 28.21
N ASP B 548 -11.26 4.07 28.74
CA ASP B 548 -11.32 2.83 27.97
C ASP B 548 -12.47 2.84 26.98
N LEU B 549 -12.20 2.32 25.79
CA LEU B 549 -13.19 2.17 24.72
C LEU B 549 -13.67 0.73 24.69
N THR B 550 -14.98 0.55 24.59
CA THR B 550 -15.59 -0.77 24.48
C THR B 550 -16.22 -0.93 23.11
N ILE B 551 -15.71 -1.88 22.33
CA ILE B 551 -16.28 -2.22 21.03
C ILE B 551 -17.42 -3.19 21.27
N LEU B 552 -18.62 -2.82 20.85
CA LEU B 552 -19.81 -3.63 21.08
C LEU B 552 -20.38 -4.10 19.76
N ASN B 553 -20.62 -5.42 19.65
CA ASN B 553 -20.87 -6.21 18.42
C ASN B 553 -19.78 -5.93 17.38
N ALA B 554 -18.58 -6.43 17.71
CA ALA B 554 -17.40 -6.16 16.91
C ALA B 554 -17.39 -6.99 15.62
N GLN B 555 -17.24 -6.29 14.50
CA GLN B 555 -17.20 -6.87 13.17
C GLN B 555 -15.85 -6.55 12.54
N LEU B 556 -15.76 -6.81 11.23
CA LEU B 556 -14.48 -7.00 10.56
C LEU B 556 -13.75 -5.68 10.25
N ARG B 557 -14.46 -4.56 10.30
CA ARG B 557 -13.78 -3.28 10.07
C ARG B 557 -13.19 -2.69 11.34
N HIS B 558 -13.41 -3.31 12.50
CA HIS B 558 -12.88 -2.82 13.77
C HIS B 558 -11.54 -3.44 14.13
N GLY B 559 -10.83 -4.04 13.18
CA GLY B 559 -9.53 -4.59 13.47
C GLY B 559 -8.41 -3.79 12.81
N GLY B 560 -7.37 -3.53 13.58
CA GLY B 560 -6.25 -2.77 13.09
C GLY B 560 -5.52 -2.12 14.25
N LYS B 561 -4.82 -1.04 13.92
CA LYS B 561 -3.96 -0.34 14.86
C LYS B 561 -4.80 0.64 15.66
N TYR B 562 -5.01 0.34 16.93
CA TYR B 562 -5.66 1.28 17.84
C TYR B 562 -4.61 2.12 18.56
N THR B 563 -4.88 3.42 18.64
CA THR B 563 -3.95 4.35 19.25
C THR B 563 -4.71 5.21 20.25
N CYS B 564 -4.59 4.87 21.54
CA CYS B 564 -5.16 5.70 22.58
C CYS B 564 -4.24 6.87 22.85
N MET B 565 -4.72 8.09 22.62
CA MET B 565 -3.91 9.27 22.82
C MET B 565 -4.51 10.09 23.95
N ALA B 566 -3.92 9.96 25.14
CA ALA B 566 -4.23 10.88 26.22
C ALA B 566 -3.53 12.20 25.93
N GLN B 567 -4.30 13.27 25.89
CA GLN B 567 -3.69 14.57 25.68
C GLN B 567 -4.26 15.57 26.67
N THR B 568 -3.40 16.46 27.09
CA THR B 568 -3.74 17.77 27.59
C THR B 568 -3.58 18.73 26.42
N VAL B 569 -3.56 20.02 26.70
CA VAL B 569 -3.31 21.01 25.65
C VAL B 569 -1.82 21.27 25.47
N VAL B 570 -0.98 20.73 26.37
CA VAL B 570 0.45 21.04 26.32
C VAL B 570 1.29 19.82 25.91
N ASP B 571 0.73 18.60 25.98
CA ASP B 571 1.47 17.39 25.64
C ASP B 571 0.53 16.27 25.19
N SER B 572 1.14 15.13 24.84
CA SER B 572 0.41 13.96 24.36
C SER B 572 1.21 12.70 24.65
N ALA B 573 0.51 11.56 24.71
CA ALA B 573 1.12 10.27 24.96
C ALA B 573 0.28 9.18 24.31
N SER B 574 0.92 8.32 23.54
CA SER B 574 0.20 7.35 22.72
C SER B 574 0.80 5.96 22.85
N LYS B 575 -0.07 4.96 22.99
CA LYS B 575 0.33 3.55 22.95
C LYS B 575 -0.46 2.83 21.87
N GLU B 576 0.03 1.67 21.47
CA GLU B 576 -0.48 0.93 20.33
C GLU B 576 -1.09 -0.37 20.81
N ALA B 577 -2.27 -0.69 20.29
CA ALA B 577 -2.87 -2.00 20.48
C ALA B 577 -3.35 -2.52 19.13
N THR B 578 -3.13 -3.81 18.89
CA THR B 578 -3.50 -4.44 17.64
C THR B 578 -4.59 -5.47 17.89
N VAL B 579 -5.74 -5.28 17.26
CA VAL B 579 -6.89 -6.17 17.43
C VAL B 579 -7.08 -6.92 16.12
N LEU B 580 -7.19 -8.24 16.19
CA LEU B 580 -7.66 -9.07 15.09
C LEU B 580 -9.04 -9.62 15.46
N VAL B 581 -10.01 -9.45 14.56
CA VAL B 581 -11.40 -9.69 14.94
C VAL B 581 -11.95 -11.03 14.47
N ARG B 582 -12.08 -11.31 13.18
CA ARG B 582 -12.45 -12.64 12.73
C ARG B 582 -11.43 -13.04 11.69
N GLY B 583 -11.18 -14.34 11.60
CA GLY B 583 -10.48 -14.90 10.48
C GLY B 583 -11.46 -15.30 9.43
N PRO B 584 -11.59 -14.50 8.37
CA PRO B 584 -12.82 -14.52 7.56
C PRO B 584 -12.82 -15.62 6.53
N PRO B 585 -13.92 -16.35 6.40
CA PRO B 585 -14.25 -16.97 5.11
C PRO B 585 -14.72 -15.92 4.13
N GLY B 586 -13.78 -15.30 3.41
CA GLY B 586 -14.07 -14.18 2.57
C GLY B 586 -14.62 -14.57 1.21
N PRO B 587 -14.91 -13.61 0.33
CA PRO B 587 -15.31 -13.96 -1.04
C PRO B 587 -14.12 -14.37 -1.88
N PRO B 588 -14.18 -15.52 -2.57
CA PRO B 588 -13.18 -15.78 -3.61
C PRO B 588 -13.52 -14.99 -4.87
N GLY B 589 -12.48 -14.59 -5.58
CA GLY B 589 -12.67 -13.69 -6.72
C GLY B 589 -12.32 -14.28 -8.07
N GLY B 590 -13.19 -14.05 -9.06
CA GLY B 590 -12.98 -14.51 -10.42
C GLY B 590 -13.14 -16.00 -10.61
N VAL B 591 -14.37 -16.50 -10.47
CA VAL B 591 -14.59 -17.94 -10.56
C VAL B 591 -14.68 -18.34 -12.03
N VAL B 592 -13.93 -19.38 -12.39
CA VAL B 592 -13.63 -19.72 -13.77
C VAL B 592 -14.18 -21.11 -14.07
N VAL B 593 -15.03 -21.21 -15.08
CA VAL B 593 -15.64 -22.47 -15.50
C VAL B 593 -14.81 -23.06 -16.64
N ARG B 594 -14.30 -24.28 -16.44
CA ARG B 594 -13.60 -25.01 -17.50
C ARG B 594 -14.32 -26.32 -17.78
N ASP B 595 -13.89 -26.98 -18.89
CA ASP B 595 -14.14 -28.39 -19.25
C ASP B 595 -15.61 -28.75 -19.44
N ILE B 596 -16.21 -28.20 -20.49
CA ILE B 596 -17.67 -28.23 -20.63
C ILE B 596 -18.10 -29.56 -21.24
N GLY B 597 -18.88 -30.32 -20.47
CA GLY B 597 -19.36 -31.61 -20.88
C GLY B 597 -20.87 -31.73 -20.85
N ASP B 598 -21.35 -32.98 -20.79
CA ASP B 598 -22.79 -33.24 -20.86
C ASP B 598 -23.46 -32.97 -19.51
N THR B 599 -23.08 -33.73 -18.48
CA THR B 599 -23.48 -33.45 -17.12
C THR B 599 -22.28 -33.17 -16.22
N THR B 600 -21.07 -33.15 -16.75
CA THR B 600 -19.87 -32.93 -15.98
C THR B 600 -19.29 -31.58 -16.33
N ILE B 601 -18.88 -30.84 -15.30
CA ILE B 601 -18.44 -29.46 -15.44
C ILE B 601 -17.42 -29.16 -14.34
N GLN B 602 -16.39 -28.40 -14.69
CA GLN B 602 -15.24 -28.18 -13.83
C GLN B 602 -15.18 -26.73 -13.37
N LEU B 603 -15.03 -26.52 -12.07
CA LEU B 603 -14.96 -25.22 -11.45
C LEU B 603 -13.62 -24.97 -10.77
N SER B 604 -13.06 -23.79 -11.03
CA SER B 604 -11.85 -23.33 -10.36
C SER B 604 -12.11 -21.94 -9.82
N TRP B 605 -11.59 -21.67 -8.62
CA TRP B 605 -11.82 -20.39 -7.96
C TRP B 605 -10.56 -20.01 -7.19
N SER B 606 -10.61 -18.88 -6.51
CA SER B 606 -9.43 -18.38 -5.81
C SER B 606 -9.51 -18.68 -4.32
N ARG B 607 -8.43 -18.35 -3.62
CA ARG B 607 -8.37 -18.61 -2.19
C ARG B 607 -9.01 -17.47 -1.39
N GLY B 608 -9.19 -17.71 -0.10
CA GLY B 608 -9.77 -16.73 0.80
C GLY B 608 -8.79 -16.18 1.81
N PHE B 609 -9.11 -16.30 3.10
CA PHE B 609 -8.31 -15.70 4.15
C PHE B 609 -8.11 -16.70 5.29
N ASP B 610 -6.99 -16.52 6.02
CA ASP B 610 -6.60 -17.47 7.05
C ASP B 610 -6.05 -16.83 8.33
N ASN B 611 -6.75 -15.82 8.89
CA ASN B 611 -6.20 -15.02 9.99
C ASN B 611 -6.28 -15.73 11.34
N HIS B 612 -7.50 -15.99 11.82
CA HIS B 612 -7.70 -16.86 12.97
C HIS B 612 -7.49 -18.31 12.58
N SER B 613 -8.35 -18.81 11.70
CA SER B 613 -8.42 -20.20 11.31
C SER B 613 -8.45 -20.24 9.79
N PRO B 614 -7.95 -21.30 9.15
CA PRO B 614 -8.11 -21.43 7.71
C PRO B 614 -9.50 -21.94 7.31
N ILE B 615 -9.68 -22.06 6.00
CA ILE B 615 -10.96 -22.47 5.42
C ILE B 615 -11.13 -23.97 5.60
N ALA B 616 -12.26 -24.36 6.20
CA ALA B 616 -12.51 -25.77 6.46
C ALA B 616 -13.14 -26.50 5.28
N LYS B 617 -14.16 -25.91 4.65
CA LYS B 617 -14.85 -26.60 3.57
C LYS B 617 -15.35 -25.59 2.55
N TYR B 618 -15.59 -26.09 1.34
CA TYR B 618 -16.25 -25.36 0.27
C TYR B 618 -17.54 -26.05 -0.11
N THR B 619 -18.62 -25.29 -0.18
CA THR B 619 -19.90 -25.79 -0.69
C THR B 619 -20.14 -25.15 -2.04
N LEU B 620 -20.85 -25.84 -2.92
CA LEU B 620 -21.12 -25.34 -4.27
C LEU B 620 -22.62 -25.26 -4.48
N GLN B 621 -23.11 -24.09 -4.88
CA GLN B 621 -24.52 -23.91 -5.25
C GLN B 621 -24.65 -23.29 -6.63
N ALA B 622 -25.86 -23.35 -7.15
CA ALA B 622 -26.17 -23.03 -8.54
C ALA B 622 -27.57 -22.45 -8.64
N ARG B 623 -27.87 -21.82 -9.77
CA ARG B 623 -29.25 -21.53 -10.15
C ARG B 623 -29.37 -21.68 -11.66
N THR B 624 -30.62 -21.65 -12.13
CA THR B 624 -30.89 -21.44 -13.54
C THR B 624 -31.54 -20.06 -13.67
N PRO B 625 -30.81 -19.02 -14.11
CA PRO B 625 -31.36 -17.65 -14.06
C PRO B 625 -32.30 -17.35 -15.22
N PRO B 626 -33.39 -16.58 -14.97
CA PRO B 626 -33.94 -16.08 -13.71
C PRO B 626 -34.97 -17.02 -13.10
N ALA B 627 -35.04 -18.25 -13.60
CA ALA B 627 -36.12 -19.16 -13.21
C ALA B 627 -35.81 -19.85 -11.88
N GLY B 628 -34.64 -20.46 -11.78
CA GLY B 628 -34.31 -21.25 -10.60
C GLY B 628 -33.55 -20.46 -9.56
N LYS B 629 -33.45 -21.03 -8.35
CA LYS B 629 -32.80 -20.38 -7.22
C LYS B 629 -31.66 -21.22 -6.69
N TRP B 630 -31.13 -20.75 -5.56
CA TRP B 630 -29.90 -21.24 -4.96
C TRP B 630 -30.12 -22.46 -4.06
N LYS B 631 -29.79 -23.63 -4.61
CA LYS B 631 -29.83 -24.90 -3.90
C LYS B 631 -28.47 -25.56 -4.03
N GLN B 632 -28.12 -26.39 -3.05
CA GLN B 632 -26.77 -26.97 -3.01
C GLN B 632 -26.70 -28.20 -3.90
N VAL B 633 -25.73 -28.20 -4.81
CA VAL B 633 -25.56 -29.31 -5.73
C VAL B 633 -24.45 -30.23 -5.22
N ARG B 634 -24.47 -31.48 -5.68
CA ARG B 634 -23.58 -32.51 -5.19
C ARG B 634 -22.24 -32.46 -5.92
N THR B 635 -21.18 -32.81 -5.19
CA THR B 635 -19.82 -32.69 -5.67
C THR B 635 -19.05 -33.93 -5.24
N ASN B 636 -18.32 -34.55 -6.16
CA ASN B 636 -17.27 -35.45 -5.72
C ASN B 636 -15.92 -34.73 -5.59
N PRO B 637 -15.21 -34.85 -4.43
CA PRO B 637 -15.49 -35.47 -3.13
C PRO B 637 -16.51 -34.72 -2.26
N ALA B 638 -17.17 -35.43 -1.33
CA ALA B 638 -18.43 -35.00 -0.72
C ALA B 638 -18.27 -33.83 0.23
N ASN B 639 -17.10 -33.65 0.81
CA ASN B 639 -16.69 -32.36 1.33
C ASN B 639 -15.41 -31.93 0.62
N ILE B 640 -15.42 -30.70 0.11
CA ILE B 640 -14.25 -30.16 -0.56
C ILE B 640 -13.27 -29.72 0.52
N GLU B 641 -12.03 -30.21 0.44
CA GLU B 641 -10.99 -29.89 1.41
C GLU B 641 -10.50 -28.46 1.22
N GLY B 642 -9.90 -27.91 2.28
CA GLY B 642 -9.69 -26.47 2.36
C GLY B 642 -8.51 -25.95 1.57
N ASN B 643 -7.63 -26.84 1.12
CA ASN B 643 -6.56 -26.46 0.22
C ASN B 643 -6.96 -26.56 -1.25
N ALA B 644 -8.15 -27.08 -1.54
CA ALA B 644 -8.56 -27.37 -2.91
C ALA B 644 -9.29 -26.16 -3.49
N GLU B 645 -8.70 -25.53 -4.49
CA GLU B 645 -9.32 -24.46 -5.25
C GLU B 645 -10.04 -24.97 -6.49
N THR B 646 -10.01 -26.28 -6.75
CA THR B 646 -10.64 -26.87 -7.90
C THR B 646 -11.23 -28.21 -7.50
N ALA B 647 -12.55 -28.32 -7.63
CA ALA B 647 -13.22 -29.61 -7.48
C ALA B 647 -14.20 -29.75 -8.64
N GLN B 648 -14.44 -31.00 -9.03
CA GLN B 648 -15.32 -31.31 -10.14
C GLN B 648 -16.72 -31.58 -9.61
N VAL B 649 -17.71 -30.97 -10.25
CA VAL B 649 -19.09 -30.93 -9.76
C VAL B 649 -20.00 -31.67 -10.75
N LEU B 650 -20.83 -32.58 -10.20
CA LEU B 650 -21.66 -33.50 -10.97
C LEU B 650 -23.12 -33.34 -10.57
N GLY B 651 -23.94 -34.26 -11.08
CA GLY B 651 -25.33 -34.34 -10.67
C GLY B 651 -26.25 -33.32 -11.32
N LEU B 652 -25.89 -32.82 -12.49
CA LEU B 652 -26.64 -31.73 -13.09
C LEU B 652 -27.73 -32.24 -14.02
N THR B 653 -28.76 -31.42 -14.17
CA THR B 653 -29.79 -31.66 -15.17
C THR B 653 -29.49 -30.77 -16.38
N PRO B 654 -29.44 -31.30 -17.61
CA PRO B 654 -28.91 -30.50 -18.73
C PRO B 654 -29.90 -29.50 -19.33
N TRP B 655 -29.42 -28.90 -20.45
CA TRP B 655 -29.93 -27.82 -21.34
C TRP B 655 -29.90 -26.41 -20.72
N MET B 656 -29.75 -26.26 -19.41
CA MET B 656 -30.09 -25.02 -18.75
C MET B 656 -28.86 -24.15 -18.59
N ASP B 657 -29.07 -22.84 -18.53
CA ASP B 657 -28.00 -21.91 -18.22
C ASP B 657 -27.70 -21.99 -16.72
N TYR B 658 -26.46 -21.73 -16.34
CA TYR B 658 -26.07 -21.81 -14.94
C TYR B 658 -25.14 -20.67 -14.56
N GLU B 659 -25.19 -20.31 -13.28
CA GLU B 659 -24.19 -19.48 -12.63
C GLU B 659 -23.80 -20.15 -11.33
N PHE B 660 -22.50 -20.37 -11.13
CA PHE B 660 -21.99 -21.14 -10.00
C PHE B 660 -21.33 -20.20 -8.99
N ARG B 661 -21.73 -20.34 -7.72
CA ARG B 661 -21.12 -19.55 -6.65
C ARG B 661 -20.46 -20.48 -5.65
N VAL B 662 -19.43 -19.95 -5.00
CA VAL B 662 -18.60 -20.67 -4.03
C VAL B 662 -18.74 -20.03 -2.65
N ILE B 663 -18.82 -20.88 -1.61
CA ILE B 663 -18.91 -20.44 -0.23
C ILE B 663 -17.74 -21.02 0.55
N ALA B 664 -16.88 -20.17 1.09
CA ALA B 664 -15.88 -20.61 2.05
C ALA B 664 -16.50 -20.76 3.44
N SER B 665 -15.95 -21.68 4.24
CA SER B 665 -16.46 -21.91 5.58
C SER B 665 -15.32 -22.32 6.50
N ASN B 666 -15.53 -22.11 7.81
CA ASN B 666 -14.51 -22.41 8.80
C ASN B 666 -15.20 -22.81 10.11
N ILE B 667 -14.44 -22.70 11.20
CA ILE B 667 -14.97 -22.82 12.56
C ILE B 667 -15.95 -21.68 12.88
N LEU B 668 -15.65 -20.48 12.40
CA LEU B 668 -16.34 -19.26 12.82
C LEU B 668 -17.55 -18.90 11.94
N GLY B 669 -18.15 -19.86 11.26
CA GLY B 669 -19.41 -19.64 10.58
C GLY B 669 -19.30 -19.82 9.07
N THR B 670 -20.46 -20.04 8.46
CA THR B 670 -20.57 -20.19 7.02
C THR B 670 -20.52 -18.81 6.36
N GLY B 671 -19.59 -18.66 5.41
CA GLY B 671 -19.14 -17.35 4.98
C GLY B 671 -20.07 -16.67 4.00
N GLU B 672 -19.65 -15.48 3.60
CA GLU B 672 -20.43 -14.64 2.70
C GLU B 672 -20.14 -15.17 1.30
N PRO B 673 -21.15 -15.49 0.47
CA PRO B 673 -20.87 -16.11 -0.84
C PRO B 673 -20.35 -15.14 -1.88
N SER B 674 -19.71 -15.71 -2.90
CA SER B 674 -18.98 -14.91 -3.87
C SER B 674 -19.92 -14.40 -4.96
N GLY B 675 -19.34 -13.62 -5.88
CA GLY B 675 -19.96 -13.31 -7.13
C GLY B 675 -20.03 -14.56 -7.99
N PRO B 676 -21.16 -14.84 -8.64
CA PRO B 676 -21.26 -16.04 -9.47
C PRO B 676 -20.54 -15.90 -10.81
N SER B 677 -20.52 -17.01 -11.54
CA SER B 677 -19.74 -17.09 -12.77
C SER B 677 -20.53 -16.58 -13.97
N SER B 678 -19.98 -16.85 -15.15
CA SER B 678 -20.64 -16.50 -16.40
C SER B 678 -21.77 -17.47 -16.69
N LYS B 679 -22.67 -17.04 -17.59
CA LYS B 679 -23.88 -17.79 -17.92
C LYS B 679 -23.51 -18.94 -18.86
N ILE B 680 -23.15 -20.07 -18.25
CA ILE B 680 -22.51 -21.14 -19.00
C ILE B 680 -23.57 -22.15 -19.46
N ARG B 681 -23.34 -22.73 -20.64
CA ARG B 681 -24.26 -23.59 -21.37
C ARG B 681 -23.62 -24.97 -21.56
N THR B 682 -24.33 -26.01 -21.15
CA THR B 682 -23.85 -27.37 -21.31
C THR B 682 -24.11 -27.89 -22.72
N ARG B 683 -23.50 -29.03 -23.05
CA ARG B 683 -23.41 -29.49 -24.43
C ARG B 683 -23.93 -30.92 -24.60
N GLU B 684 -25.14 -31.22 -24.12
CA GLU B 684 -25.61 -32.59 -23.97
C GLU B 684 -26.08 -33.18 -25.31
N ALA B 685 -26.17 -34.52 -25.34
CA ALA B 685 -26.63 -35.22 -26.52
C ALA B 685 -27.48 -36.44 -26.20
N ALA B 686 -28.13 -36.47 -25.04
CA ALA B 686 -28.86 -37.67 -24.63
C ALA B 686 -30.11 -37.34 -23.81
N PRO B 687 -31.26 -37.93 -24.12
CA PRO B 687 -32.41 -37.82 -23.21
C PRO B 687 -32.50 -39.00 -22.24
N SER B 688 -33.11 -38.72 -21.08
CA SER B 688 -33.20 -39.75 -20.05
C SER B 688 -34.53 -39.75 -19.31
N VAL B 689 -35.48 -38.90 -19.68
CA VAL B 689 -36.76 -38.79 -18.99
C VAL B 689 -37.87 -39.18 -19.96
N ALA B 690 -38.62 -40.23 -19.62
CA ALA B 690 -39.80 -40.72 -20.31
C ALA B 690 -40.99 -39.79 -20.06
N PRO B 691 -41.95 -39.67 -21.01
CA PRO B 691 -43.18 -38.90 -20.72
C PRO B 691 -44.11 -39.62 -19.75
N SER B 692 -44.51 -38.94 -18.69
CA SER B 692 -45.29 -39.53 -17.62
C SER B 692 -46.77 -39.21 -17.77
N GLY B 693 -47.58 -39.88 -16.95
CA GLY B 693 -49.04 -39.74 -16.95
C GLY B 693 -49.73 -40.26 -18.19
N LEU B 694 -49.34 -41.44 -18.66
CA LEU B 694 -49.83 -41.95 -19.94
C LEU B 694 -51.21 -42.59 -19.80
N SER B 695 -52.11 -42.24 -20.72
CA SER B 695 -53.47 -42.75 -20.71
C SER B 695 -53.94 -42.90 -22.15
N GLY B 696 -55.00 -43.68 -22.33
CA GLY B 696 -55.52 -43.92 -23.67
C GLY B 696 -57.00 -44.25 -23.62
N GLY B 697 -57.61 -44.17 -24.79
CA GLY B 697 -59.01 -44.48 -24.94
C GLY B 697 -59.91 -43.26 -24.85
N GLY B 698 -61.11 -43.39 -25.41
CA GLY B 698 -62.10 -42.34 -25.36
C GLY B 698 -61.86 -41.23 -26.37
N GLY B 699 -62.72 -40.22 -26.29
CA GLY B 699 -62.61 -39.06 -27.15
C GLY B 699 -63.51 -39.11 -28.36
N ALA B 700 -62.90 -39.06 -29.56
CA ALA B 700 -63.65 -39.17 -30.80
C ALA B 700 -64.08 -40.62 -31.02
N PRO B 701 -65.26 -40.87 -31.61
CA PRO B 701 -65.69 -42.27 -31.81
C PRO B 701 -64.98 -42.94 -33.00
N GLY B 702 -64.47 -44.15 -32.73
CA GLY B 702 -63.79 -44.95 -33.73
C GLY B 702 -62.32 -44.68 -33.90
N GLU B 703 -61.76 -43.68 -33.21
CA GLU B 703 -60.38 -43.26 -33.40
C GLU B 703 -59.56 -43.53 -32.14
N LEU B 704 -58.28 -43.81 -32.34
CA LEU B 704 -57.37 -44.09 -31.21
C LEU B 704 -56.67 -42.80 -30.79
N ILE B 705 -56.99 -42.31 -29.59
CA ILE B 705 -56.47 -41.05 -29.07
C ILE B 705 -55.73 -41.33 -27.78
N VAL B 706 -54.43 -41.00 -27.75
CA VAL B 706 -53.58 -41.18 -26.59
C VAL B 706 -53.34 -39.83 -25.93
N ASN B 707 -53.70 -39.71 -24.65
CA ASN B 707 -53.56 -38.44 -23.93
C ASN B 707 -52.65 -38.61 -22.72
N TRP B 708 -51.83 -37.59 -22.48
CA TRP B 708 -50.74 -37.63 -21.50
C TRP B 708 -50.35 -36.21 -21.11
N THR B 709 -49.43 -36.12 -20.13
CA THR B 709 -49.11 -34.84 -19.51
C THR B 709 -48.09 -34.05 -20.36
N PRO B 710 -48.37 -32.76 -20.69
CA PRO B 710 -47.36 -31.91 -21.34
C PRO B 710 -46.17 -31.59 -20.42
N MET B 711 -44.98 -31.65 -21.00
CA MET B 711 -43.80 -32.12 -20.29
C MET B 711 -42.76 -31.00 -20.41
N SER B 712 -42.34 -30.43 -19.27
CA SER B 712 -41.73 -29.10 -19.30
C SER B 712 -40.21 -29.16 -19.38
N ARG B 713 -39.60 -27.96 -19.54
CA ARG B 713 -38.28 -27.76 -20.18
C ARG B 713 -37.12 -28.17 -19.27
N GLU B 714 -37.38 -28.30 -17.96
CA GLU B 714 -36.41 -28.90 -17.04
C GLU B 714 -36.30 -30.42 -17.19
N TYR B 715 -37.29 -31.07 -17.79
CA TYR B 715 -37.31 -32.51 -17.99
C TYR B 715 -37.09 -32.93 -19.44
N GLN B 716 -37.01 -31.99 -20.38
CA GLN B 716 -37.07 -32.36 -21.80
C GLN B 716 -35.71 -32.76 -22.35
N ASN B 717 -34.64 -32.29 -21.71
CA ASN B 717 -33.19 -32.36 -22.06
C ASN B 717 -32.98 -31.69 -23.43
N GLY B 718 -32.63 -32.44 -24.47
CA GLY B 718 -31.87 -31.92 -25.59
C GLY B 718 -32.68 -31.16 -26.63
N ASP B 719 -31.92 -30.59 -27.57
CA ASP B 719 -32.45 -29.74 -28.63
C ASP B 719 -33.12 -30.59 -29.70
N GLY B 720 -34.16 -30.03 -30.31
CA GLY B 720 -34.91 -30.77 -31.32
C GLY B 720 -35.90 -31.73 -30.70
N PHE B 721 -36.64 -31.26 -29.69
CA PHE B 721 -37.39 -32.14 -28.82
C PHE B 721 -38.72 -32.50 -29.46
N GLY B 722 -39.12 -33.77 -29.31
CA GLY B 722 -40.48 -34.16 -29.63
C GLY B 722 -40.74 -35.55 -29.09
N TYR B 723 -41.90 -36.07 -29.45
CA TYR B 723 -42.46 -37.29 -28.89
C TYR B 723 -42.58 -38.40 -29.93
N LEU B 724 -42.08 -39.59 -29.59
CA LEU B 724 -42.30 -40.80 -30.38
C LEU B 724 -43.35 -41.65 -29.69
N LEU B 725 -44.57 -41.63 -30.23
CA LEU B 725 -45.62 -42.54 -29.81
C LEU B 725 -45.63 -43.74 -30.74
N SER B 726 -45.37 -44.92 -30.19
CA SER B 726 -45.36 -46.16 -30.96
C SER B 726 -46.65 -46.91 -30.70
N PHE B 727 -47.37 -47.22 -31.77
CA PHE B 727 -48.67 -47.83 -31.65
C PHE B 727 -48.82 -48.92 -32.69
N ARG B 728 -49.40 -50.05 -32.28
CA ARG B 728 -49.69 -51.16 -33.17
C ARG B 728 -50.88 -51.93 -32.61
N ARG B 729 -51.49 -52.75 -33.47
CA ARG B 729 -52.55 -53.65 -33.07
C ARG B 729 -51.94 -54.82 -32.28
N GLN B 730 -52.71 -55.34 -31.32
CA GLN B 730 -52.34 -56.54 -30.57
C GLN B 730 -52.30 -57.77 -31.46
N GLY B 731 -51.11 -58.37 -31.58
CA GLY B 731 -50.88 -59.46 -32.49
C GLY B 731 -50.37 -59.06 -33.86
N SER B 732 -50.22 -57.76 -34.13
CA SER B 732 -49.75 -57.32 -35.44
C SER B 732 -48.22 -57.29 -35.48
N THR B 733 -47.67 -57.54 -36.67
CA THR B 733 -46.23 -57.58 -36.86
C THR B 733 -45.65 -56.26 -37.36
N HIS B 734 -46.48 -55.24 -37.58
CA HIS B 734 -46.03 -53.96 -38.10
C HIS B 734 -46.16 -52.88 -37.03
N TRP B 735 -45.07 -52.17 -36.76
CA TRP B 735 -45.04 -51.10 -35.78
C TRP B 735 -45.14 -49.76 -36.48
N GLN B 736 -46.03 -48.90 -36.00
CA GLN B 736 -46.17 -47.55 -36.54
C GLN B 736 -45.60 -46.54 -35.55
N THR B 737 -44.81 -45.60 -36.08
CA THR B 737 -44.09 -44.67 -35.24
C THR B 737 -44.43 -43.25 -35.67
N ALA B 738 -44.92 -42.47 -34.71
CA ALA B 738 -45.21 -41.05 -34.91
C ALA B 738 -43.97 -40.24 -34.56
N ARG B 739 -43.77 -39.14 -35.27
CA ARG B 739 -42.62 -38.26 -35.01
C ARG B 739 -43.09 -36.82 -35.15
N VAL B 740 -43.57 -36.24 -34.04
CA VAL B 740 -44.05 -34.86 -34.02
C VAL B 740 -43.15 -34.01 -33.13
N PRO B 741 -42.49 -32.97 -33.65
CA PRO B 741 -41.76 -32.05 -32.79
C PRO B 741 -42.71 -31.04 -32.15
N GLY B 742 -42.20 -30.39 -31.11
CA GLY B 742 -42.98 -29.44 -30.33
C GLY B 742 -43.59 -30.09 -29.10
N ALA B 743 -43.85 -29.25 -28.09
CA ALA B 743 -44.29 -29.76 -26.80
C ALA B 743 -45.79 -29.60 -26.59
N ASP B 744 -46.46 -28.80 -27.42
CA ASP B 744 -47.87 -28.52 -27.21
C ASP B 744 -48.78 -29.60 -27.80
N ALA B 745 -48.23 -30.45 -28.65
CA ALA B 745 -49.02 -31.53 -29.26
C ALA B 745 -49.16 -32.71 -28.29
N GLN B 746 -50.20 -32.67 -27.47
CA GLN B 746 -50.39 -33.65 -26.39
C GLN B 746 -51.32 -34.79 -26.79
N TYR B 747 -51.55 -34.95 -28.09
CA TYR B 747 -52.47 -35.95 -28.59
C TYR B 747 -51.97 -36.47 -29.93
N PHE B 748 -52.44 -37.66 -30.29
CA PHE B 748 -52.24 -38.20 -31.62
C PHE B 748 -53.44 -39.08 -31.98
N VAL B 749 -53.95 -38.88 -33.19
CA VAL B 749 -55.15 -39.56 -33.68
C VAL B 749 -54.75 -40.49 -34.81
N TYR B 750 -54.98 -41.79 -34.62
CA TYR B 750 -54.83 -42.75 -35.70
C TYR B 750 -56.19 -43.36 -36.01
N SER B 751 -56.62 -43.22 -37.26
CA SER B 751 -57.84 -43.85 -37.74
C SER B 751 -57.58 -44.37 -39.14
N ASN B 752 -58.22 -45.49 -39.47
CA ASN B 752 -57.95 -46.20 -40.72
C ASN B 752 -59.22 -46.94 -41.09
N GLU B 753 -59.31 -47.33 -42.38
CA GLU B 753 -60.49 -48.02 -42.89
C GLU B 753 -60.59 -49.46 -42.40
N SER B 754 -59.46 -50.07 -42.06
CA SER B 754 -59.44 -51.44 -41.53
C SER B 754 -59.54 -51.47 -40.00
N VAL B 755 -59.64 -50.32 -39.35
CA VAL B 755 -59.77 -50.25 -37.89
C VAL B 755 -61.23 -49.99 -37.55
N ARG B 756 -61.82 -50.94 -36.84
CA ARG B 756 -63.22 -50.88 -36.39
C ARG B 756 -63.21 -50.47 -34.92
N PRO B 757 -64.36 -49.98 -34.41
CA PRO B 757 -64.48 -49.78 -32.95
C PRO B 757 -64.46 -51.08 -32.15
N TYR B 758 -64.07 -50.93 -30.87
CA TYR B 758 -63.55 -51.97 -29.97
C TYR B 758 -62.45 -52.81 -30.62
N THR B 759 -61.32 -52.17 -30.90
CA THR B 759 -60.13 -52.86 -31.35
C THR B 759 -59.00 -52.62 -30.34
N PRO B 760 -58.35 -53.66 -29.81
CA PRO B 760 -57.26 -53.43 -28.84
C PRO B 760 -55.97 -53.00 -29.52
N PHE B 761 -55.22 -52.13 -28.85
CA PHE B 761 -53.95 -51.62 -29.35
C PHE B 761 -52.92 -51.64 -28.23
N GLU B 762 -51.66 -51.80 -28.61
CA GLU B 762 -50.52 -51.73 -27.69
C GLU B 762 -49.79 -50.42 -27.90
N VAL B 763 -49.69 -49.61 -26.85
CA VAL B 763 -49.02 -48.32 -26.95
C VAL B 763 -47.89 -48.24 -25.92
N LYS B 764 -46.85 -47.50 -26.30
CA LYS B 764 -45.82 -46.99 -25.41
C LYS B 764 -45.29 -45.71 -26.03
N ILE B 765 -44.70 -44.85 -25.20
CA ILE B 765 -44.22 -43.56 -25.68
C ILE B 765 -42.78 -43.37 -25.20
N ARG B 766 -42.02 -42.61 -26.00
CA ARG B 766 -40.68 -42.16 -25.63
C ARG B 766 -40.47 -40.79 -26.29
N SER B 767 -39.36 -40.16 -25.93
CA SER B 767 -39.04 -38.85 -26.49
C SER B 767 -37.87 -38.97 -27.46
N TYR B 768 -37.59 -37.86 -28.15
CA TYR B 768 -36.37 -37.79 -28.96
C TYR B 768 -35.81 -36.38 -28.90
N ASN B 769 -34.56 -36.28 -29.34
CA ASN B 769 -33.87 -35.01 -29.50
C ASN B 769 -33.12 -35.06 -30.81
N ARG B 770 -32.12 -34.18 -30.95
CA ARG B 770 -31.24 -34.16 -32.12
C ARG B 770 -30.33 -35.38 -32.22
N ARG B 771 -29.98 -36.02 -31.09
CA ARG B 771 -28.95 -37.05 -31.11
C ARG B 771 -29.38 -38.42 -30.56
N GLY B 772 -30.66 -38.63 -30.21
CA GLY B 772 -31.03 -39.92 -29.68
C GLY B 772 -32.52 -40.05 -29.42
N ASP B 773 -32.86 -41.14 -28.72
CA ASP B 773 -34.23 -41.49 -28.35
C ASP B 773 -34.35 -41.66 -26.85
N GLY B 774 -35.53 -41.32 -26.32
CA GLY B 774 -35.74 -41.34 -24.89
C GLY B 774 -36.10 -42.72 -24.36
N PRO B 775 -36.20 -42.85 -23.03
CA PRO B 775 -36.49 -44.16 -22.43
C PRO B 775 -37.98 -44.48 -22.47
N GLU B 776 -38.28 -45.72 -22.12
CA GLU B 776 -39.64 -46.25 -22.24
C GLU B 776 -40.53 -45.78 -21.10
N SER B 777 -41.80 -45.55 -21.43
CA SER B 777 -42.83 -45.26 -20.45
C SER B 777 -43.52 -46.55 -20.04
N LEU B 778 -44.68 -46.42 -19.40
CA LEU B 778 -45.50 -47.57 -19.04
C LEU B 778 -46.19 -48.14 -20.27
N THR B 779 -46.02 -49.44 -20.48
CA THR B 779 -46.61 -50.15 -21.61
C THR B 779 -47.96 -50.71 -21.20
N ALA B 780 -49.01 -50.24 -21.86
CA ALA B 780 -50.38 -50.62 -21.52
C ALA B 780 -51.17 -50.96 -22.77
N LEU B 781 -52.17 -51.81 -22.59
CA LEU B 781 -53.07 -52.20 -23.67
C LEU B 781 -54.32 -51.34 -23.61
N VAL B 782 -54.54 -50.53 -24.63
CA VAL B 782 -55.71 -49.66 -24.71
C VAL B 782 -56.60 -50.15 -25.83
N TYR B 783 -57.80 -49.59 -25.90
CA TYR B 783 -58.78 -49.98 -26.90
C TYR B 783 -59.19 -48.77 -27.73
N SER B 784 -59.72 -49.02 -28.91
CA SER B 784 -60.34 -47.96 -29.70
C SER B 784 -61.68 -47.56 -29.08
N ALA B 785 -62.05 -46.30 -29.28
CA ALA B 785 -63.24 -45.77 -28.63
C ALA B 785 -64.51 -46.18 -29.36
N GLU B 786 -65.58 -46.37 -28.59
CA GLU B 786 -66.85 -46.83 -29.15
C GLU B 786 -67.61 -45.70 -29.81
N GLU B 787 -68.60 -46.07 -30.61
CA GLU B 787 -69.47 -45.12 -31.30
C GLU B 787 -70.83 -45.06 -30.61
N GLU B 788 -71.70 -44.23 -31.16
CA GLU B 788 -73.08 -44.17 -30.68
C GLU B 788 -73.85 -45.41 -31.15
N PRO B 789 -74.78 -45.94 -30.34
CA PRO B 789 -75.44 -47.20 -30.73
C PRO B 789 -76.55 -47.00 -31.75
N ARG B 790 -77.01 -48.11 -32.31
CA ARG B 790 -78.09 -48.11 -33.28
C ARG B 790 -79.24 -49.04 -32.93
N VAL B 791 -79.06 -49.91 -31.92
CA VAL B 791 -80.11 -50.85 -31.54
C VAL B 791 -81.05 -50.18 -30.55
N ALA B 792 -82.33 -50.08 -30.93
CA ALA B 792 -83.39 -49.55 -30.11
C ALA B 792 -83.75 -50.54 -28.99
N PRO B 793 -84.26 -50.06 -27.85
CA PRO B 793 -84.88 -50.98 -26.88
C PRO B 793 -86.20 -51.56 -27.40
N THR B 794 -86.49 -52.78 -26.98
CA THR B 794 -87.68 -53.51 -27.41
C THR B 794 -88.53 -53.90 -26.21
N LYS B 795 -89.84 -54.03 -26.48
CA LYS B 795 -90.93 -54.41 -25.55
C LYS B 795 -91.04 -53.45 -24.36
N VAL B 796 -91.28 -52.16 -24.64
CA VAL B 796 -91.37 -51.17 -23.59
C VAL B 796 -92.77 -51.20 -22.99
N TRP B 797 -92.84 -51.44 -21.68
CA TRP B 797 -94.11 -51.51 -20.97
C TRP B 797 -94.00 -50.65 -19.72
N ALA B 798 -95.06 -49.89 -19.45
CA ALA B 798 -95.05 -48.92 -18.36
C ALA B 798 -96.26 -49.12 -17.47
N LYS B 799 -96.11 -48.73 -16.21
CA LYS B 799 -97.17 -48.85 -15.21
C LYS B 799 -96.98 -47.78 -14.16
N GLY B 800 -98.05 -47.05 -13.86
CA GLY B 800 -98.00 -46.07 -12.80
C GLY B 800 -98.09 -46.73 -11.43
N VAL B 801 -97.31 -46.23 -10.48
CA VAL B 801 -97.26 -46.82 -9.15
C VAL B 801 -97.78 -45.83 -8.11
N SER B 802 -97.79 -44.55 -8.45
CA SER B 802 -98.29 -43.50 -7.57
C SER B 802 -98.82 -42.36 -8.43
N SER B 803 -99.08 -41.22 -7.78
CA SER B 803 -99.50 -40.03 -8.50
C SER B 803 -98.33 -39.24 -9.08
N SER B 804 -97.10 -39.53 -8.66
CA SER B 804 -95.94 -38.80 -9.14
C SER B 804 -94.83 -39.71 -9.67
N GLU B 805 -95.02 -41.02 -9.62
CA GLU B 805 -94.00 -41.96 -10.08
C GLU B 805 -94.64 -43.01 -10.98
N MET B 806 -93.87 -43.48 -11.96
CA MET B 806 -94.21 -44.65 -12.76
C MET B 806 -92.94 -45.44 -13.03
N ASN B 807 -93.10 -46.71 -13.40
CA ASN B 807 -91.97 -47.58 -13.68
C ASN B 807 -91.98 -48.01 -15.14
N VAL B 808 -90.86 -47.77 -15.82
CA VAL B 808 -90.69 -48.12 -17.23
C VAL B 808 -89.73 -49.29 -17.33
N THR B 809 -90.17 -50.37 -17.99
CA THR B 809 -89.37 -51.57 -18.15
C THR B 809 -89.09 -51.80 -19.63
N TRP B 810 -87.96 -52.43 -19.90
CA TRP B 810 -87.58 -52.80 -21.27
C TRP B 810 -86.74 -54.06 -21.22
N GLU B 811 -86.58 -54.68 -22.40
CA GLU B 811 -85.80 -55.89 -22.50
C GLU B 811 -84.30 -55.59 -22.48
N PRO B 812 -83.46 -56.53 -21.97
CA PRO B 812 -82.01 -56.42 -22.22
C PRO B 812 -81.67 -56.75 -23.67
N VAL B 813 -81.28 -55.73 -24.43
CA VAL B 813 -81.07 -55.90 -25.87
C VAL B 813 -79.68 -56.48 -26.12
N GLN B 814 -79.46 -56.87 -27.39
CA GLN B 814 -78.20 -57.50 -27.79
C GLN B 814 -77.09 -56.48 -27.97
N GLN B 815 -75.88 -56.99 -28.18
CA GLN B 815 -74.71 -56.14 -28.35
C GLN B 815 -74.67 -55.53 -29.74
N ASP B 816 -74.38 -54.23 -29.80
CA ASP B 816 -74.39 -53.49 -31.05
C ASP B 816 -73.11 -53.74 -31.83
N MET B 817 -73.10 -53.31 -33.10
CA MET B 817 -71.89 -53.38 -33.90
C MET B 817 -70.98 -52.17 -33.67
N ASN B 818 -71.49 -51.13 -33.02
CA ASN B 818 -70.75 -49.90 -32.81
C ASN B 818 -69.97 -49.88 -31.49
N GLY B 819 -69.99 -50.97 -30.73
CA GLY B 819 -69.18 -51.02 -29.52
C GLY B 819 -69.89 -51.49 -28.26
N ILE B 820 -69.82 -50.70 -27.20
CA ILE B 820 -70.21 -51.11 -25.86
C ILE B 820 -71.36 -50.23 -25.39
N LEU B 821 -72.48 -50.85 -25.04
CA LEU B 821 -73.60 -50.17 -24.41
C LEU B 821 -73.31 -50.00 -22.93
N LEU B 822 -73.66 -48.82 -22.39
CA LEU B 822 -73.37 -48.50 -20.99
C LEU B 822 -74.59 -48.09 -20.18
N GLY B 823 -75.70 -47.72 -20.82
CA GLY B 823 -76.86 -47.28 -20.07
C GLY B 823 -78.03 -47.01 -20.99
N TYR B 824 -79.07 -46.41 -20.40
CA TYR B 824 -80.31 -46.11 -21.11
C TYR B 824 -80.76 -44.69 -20.79
N GLU B 825 -81.50 -44.09 -21.73
CA GLU B 825 -81.98 -42.72 -21.61
C GLU B 825 -83.49 -42.70 -21.83
N ILE B 826 -84.21 -42.06 -20.90
CA ILE B 826 -85.67 -42.00 -20.93
C ILE B 826 -86.07 -40.58 -21.32
N ARG B 827 -86.76 -40.43 -22.45
CA ARG B 827 -87.36 -39.16 -22.84
C ARG B 827 -88.87 -39.28 -22.69
N TYR B 828 -89.47 -38.32 -21.97
CA TYR B 828 -90.88 -38.39 -21.64
C TYR B 828 -91.50 -37.01 -21.82
N TRP B 829 -92.77 -37.00 -22.24
CA TRP B 829 -93.52 -35.76 -22.38
C TRP B 829 -94.99 -36.08 -22.11
N LYS B 830 -95.81 -35.03 -22.04
CA LYS B 830 -97.20 -35.18 -21.64
C LYS B 830 -98.07 -35.62 -22.82
N ALA B 831 -99.37 -35.77 -22.53
CA ALA B 831 -100.34 -36.17 -23.55
C ALA B 831 -100.68 -34.99 -24.44
N GLY B 832 -100.43 -35.15 -25.74
CA GLY B 832 -100.60 -34.07 -26.69
C GLY B 832 -99.36 -33.23 -26.93
N ASP B 833 -98.28 -33.48 -26.20
CA ASP B 833 -97.04 -32.73 -26.38
C ASP B 833 -96.17 -33.39 -27.44
N LYS B 834 -94.96 -32.87 -27.62
CA LYS B 834 -94.04 -33.32 -28.64
C LYS B 834 -92.71 -33.73 -28.03
N GLU B 835 -91.79 -34.17 -28.91
CA GLU B 835 -90.50 -34.67 -28.45
C GLU B 835 -89.51 -33.55 -28.19
N ALA B 836 -89.78 -32.34 -28.72
CA ALA B 836 -88.83 -31.24 -28.61
C ALA B 836 -88.88 -30.55 -27.25
N ALA B 837 -89.95 -30.74 -26.48
CA ALA B 837 -90.05 -30.20 -25.13
C ALA B 837 -89.96 -31.27 -24.05
N ALA B 838 -89.28 -32.38 -24.34
CA ALA B 838 -89.25 -33.51 -23.42
C ALA B 838 -88.19 -33.33 -22.35
N ASP B 839 -88.40 -33.99 -21.22
CA ASP B 839 -87.40 -34.08 -20.17
C ASP B 839 -86.63 -35.39 -20.29
N ARG B 840 -85.31 -35.32 -20.21
CA ARG B 840 -84.44 -36.45 -20.50
C ARG B 840 -83.75 -36.92 -19.22
N VAL B 841 -84.06 -38.15 -18.81
CA VAL B 841 -83.50 -38.75 -17.60
C VAL B 841 -82.72 -39.99 -18.00
N ARG B 842 -81.42 -39.98 -17.67
CA ARG B 842 -80.52 -41.07 -17.99
C ARG B 842 -80.35 -41.99 -16.80
N THR B 843 -80.04 -43.26 -17.09
CA THR B 843 -79.76 -44.22 -16.03
C THR B 843 -78.29 -44.19 -15.64
N ALA B 844 -78.00 -44.78 -14.48
CA ALA B 844 -76.62 -44.86 -13.99
C ALA B 844 -75.91 -46.12 -14.46
N GLY B 845 -76.60 -47.05 -15.12
CA GLY B 845 -75.98 -48.26 -15.56
C GLY B 845 -76.88 -49.04 -16.50
N LEU B 846 -76.55 -50.32 -16.66
CA LEU B 846 -77.31 -51.21 -17.55
C LEU B 846 -78.43 -51.91 -16.80
N ASP B 847 -79.43 -51.14 -16.35
CA ASP B 847 -80.57 -51.73 -15.68
C ASP B 847 -81.70 -52.01 -16.66
N THR B 848 -82.54 -52.98 -16.32
CA THR B 848 -83.70 -53.32 -17.14
C THR B 848 -84.94 -52.49 -16.78
N SER B 849 -84.88 -51.70 -15.72
CA SER B 849 -86.01 -50.89 -15.31
C SER B 849 -85.50 -49.61 -14.66
N ALA B 850 -86.31 -48.56 -14.76
CA ALA B 850 -86.01 -47.27 -14.16
C ALA B 850 -87.32 -46.59 -13.80
N ARG B 851 -87.23 -45.63 -12.88
CA ARG B 851 -88.41 -44.95 -12.35
C ARG B 851 -88.38 -43.48 -12.75
N VAL B 852 -89.43 -43.02 -13.41
CA VAL B 852 -89.59 -41.61 -13.74
C VAL B 852 -90.34 -40.93 -12.59
N SER B 853 -89.70 -39.95 -11.97
CA SER B 853 -90.26 -39.30 -10.79
C SER B 853 -90.42 -37.80 -11.05
N GLY B 854 -90.99 -37.12 -10.06
CA GLY B 854 -91.23 -35.69 -10.18
C GLY B 854 -92.41 -35.31 -11.04
N LEU B 855 -93.44 -36.13 -11.09
CA LEU B 855 -94.53 -35.92 -12.03
C LEU B 855 -95.75 -35.30 -11.34
N HIS B 856 -96.73 -34.86 -12.16
CA HIS B 856 -98.01 -34.28 -11.83
C HIS B 856 -99.07 -35.39 -11.70
N PRO B 857 -100.05 -35.24 -10.79
CA PRO B 857 -101.14 -36.23 -10.72
C PRO B 857 -102.14 -36.06 -11.84
N ASN B 858 -102.78 -37.19 -12.19
CA ASN B 858 -103.83 -37.40 -13.21
C ASN B 858 -103.40 -36.94 -14.61
N THR B 859 -102.17 -37.23 -14.99
CA THR B 859 -101.61 -36.78 -16.26
C THR B 859 -101.08 -37.99 -17.03
N LYS B 860 -101.51 -38.12 -18.29
CA LYS B 860 -101.03 -39.20 -19.15
C LYS B 860 -99.71 -38.79 -19.81
N TYR B 861 -98.75 -39.73 -19.84
CA TYR B 861 -97.43 -39.47 -20.38
C TYR B 861 -97.09 -40.45 -21.49
N HIS B 862 -96.27 -39.98 -22.43
CA HIS B 862 -95.74 -40.82 -23.49
C HIS B 862 -94.24 -41.01 -23.29
N VAL B 863 -93.83 -42.28 -23.17
CA VAL B 863 -92.46 -42.63 -22.79
C VAL B 863 -91.75 -43.26 -23.99
N THR B 864 -90.58 -42.71 -24.33
CA THR B 864 -89.67 -43.33 -25.28
C THR B 864 -88.33 -43.56 -24.60
N VAL B 865 -87.77 -44.75 -24.82
CA VAL B 865 -86.52 -45.17 -24.20
C VAL B 865 -85.44 -45.23 -25.27
N ARG B 866 -84.34 -44.50 -25.04
CA ARG B 866 -83.18 -44.56 -25.92
C ARG B 866 -82.01 -45.17 -25.16
N ALA B 867 -81.00 -45.60 -25.90
CA ALA B 867 -79.79 -46.15 -25.31
C ALA B 867 -78.61 -45.24 -25.62
N TYR B 868 -77.68 -45.14 -24.65
CA TYR B 868 -76.57 -44.23 -24.79
C TYR B 868 -75.28 -44.89 -24.30
N ASN B 869 -74.16 -44.24 -24.63
CA ASN B 869 -72.83 -44.58 -24.15
C ASN B 869 -72.03 -43.28 -24.05
N ARG B 870 -70.69 -43.40 -24.06
CA ARG B 870 -69.82 -42.23 -23.94
C ARG B 870 -69.79 -41.37 -25.20
N ALA B 871 -70.10 -41.95 -26.36
CA ALA B 871 -70.03 -41.20 -27.61
C ALA B 871 -71.32 -40.46 -27.95
N GLY B 872 -72.48 -41.09 -27.75
CA GLY B 872 -73.72 -40.46 -28.14
C GLY B 872 -74.91 -41.30 -27.70
N THR B 873 -76.09 -40.89 -28.19
CA THR B 873 -77.36 -41.52 -27.82
C THR B 873 -78.01 -42.08 -29.08
N GLY B 874 -78.53 -43.31 -28.99
CA GLY B 874 -79.08 -44.00 -30.12
C GLY B 874 -80.53 -43.64 -30.44
N PRO B 875 -81.20 -44.43 -31.29
CA PRO B 875 -82.55 -44.06 -31.73
C PRO B 875 -83.61 -44.47 -30.72
N ALA B 876 -84.85 -44.08 -31.03
CA ALA B 876 -85.96 -44.27 -30.10
C ALA B 876 -86.58 -45.65 -30.24
N SER B 877 -87.29 -46.06 -29.19
CA SER B 877 -88.03 -47.30 -29.10
C SER B 877 -89.44 -47.09 -29.65
N PRO B 878 -90.22 -48.16 -29.88
CA PRO B 878 -91.68 -47.99 -29.91
C PRO B 878 -92.22 -47.49 -28.57
N SER B 879 -93.24 -46.64 -28.64
CA SER B 879 -93.66 -45.85 -27.49
C SER B 879 -94.57 -46.66 -26.57
N ALA B 880 -94.61 -46.24 -25.31
CA ALA B 880 -95.50 -46.79 -24.31
C ALA B 880 -96.22 -45.66 -23.60
N ASN B 881 -97.44 -45.94 -23.14
CA ASN B 881 -98.29 -44.93 -22.52
C ASN B 881 -98.68 -45.37 -21.12
N ALA B 882 -98.66 -44.40 -20.19
CA ALA B 882 -99.06 -44.65 -18.82
C ALA B 882 -99.72 -43.40 -18.26
N THR B 883 -100.52 -43.59 -17.21
CA THR B 883 -101.29 -42.52 -16.61
C THR B 883 -101.07 -42.53 -15.10
N THR B 884 -100.66 -41.39 -14.55
CA THR B 884 -100.53 -41.24 -13.11
C THR B 884 -101.90 -41.13 -12.46
N MET B 885 -101.95 -41.46 -11.18
CA MET B 885 -103.22 -41.57 -10.47
C MET B 885 -103.64 -40.24 -9.87
N LYS B 886 -104.63 -40.33 -8.96
CA LYS B 886 -105.40 -39.19 -8.50
C LYS B 886 -104.61 -38.35 -7.49
N PRO B 887 -104.93 -37.06 -7.33
CA PRO B 887 -104.31 -36.23 -6.26
C PRO B 887 -104.80 -36.63 -4.87
N PRO B 888 -104.02 -36.31 -3.80
CA PRO B 888 -104.53 -36.52 -2.44
C PRO B 888 -105.61 -35.52 -2.08
N PRO B 889 -106.51 -35.84 -1.13
CA PRO B 889 -107.59 -34.90 -0.78
C PRO B 889 -107.15 -33.72 0.04
N ARG B 890 -107.69 -32.55 -0.29
CA ARG B 890 -107.34 -31.29 0.36
C ARG B 890 -108.18 -31.00 1.59
N ARG B 891 -109.21 -31.81 1.85
CA ARG B 891 -110.08 -31.63 3.00
C ARG B 891 -109.39 -32.09 4.28
N PRO B 892 -109.59 -31.40 5.41
CA PRO B 892 -109.01 -31.87 6.68
C PRO B 892 -109.81 -33.03 7.26
N PRO B 893 -109.24 -33.82 8.17
CA PRO B 893 -110.05 -34.79 8.92
C PRO B 893 -110.92 -34.10 9.96
N GLY B 894 -112.21 -34.44 9.95
CA GLY B 894 -113.16 -33.82 10.83
C GLY B 894 -113.34 -34.57 12.14
N ASN B 895 -113.96 -33.85 13.10
CA ASN B 895 -114.33 -34.29 14.47
C ASN B 895 -113.12 -34.75 15.28
N ILE B 896 -112.16 -33.85 15.45
CA ILE B 896 -110.94 -34.18 16.17
C ILE B 896 -111.17 -34.02 17.67
N SER B 897 -110.90 -35.08 18.42
CA SER B 897 -111.04 -35.06 19.87
C SER B 897 -109.75 -35.60 20.49
N TRP B 898 -109.47 -35.15 21.71
CA TRP B 898 -108.22 -35.51 22.36
C TRP B 898 -108.47 -35.69 23.85
N THR B 899 -107.81 -36.69 24.42
CA THR B 899 -107.88 -36.99 25.85
C THR B 899 -106.47 -37.06 26.42
N PHE B 900 -106.25 -36.36 27.53
CA PHE B 900 -104.95 -36.30 28.16
C PHE B 900 -104.82 -37.38 29.24
N SER B 901 -103.57 -37.59 29.67
CA SER B 901 -103.27 -38.50 30.78
C SER B 901 -102.16 -37.90 31.63
N SER B 902 -101.56 -38.72 32.49
CA SER B 902 -100.45 -38.26 33.32
C SER B 902 -99.15 -38.10 32.55
N SER B 903 -98.94 -38.89 31.49
CA SER B 903 -97.73 -38.77 30.69
C SER B 903 -97.96 -38.91 29.19
N SER B 904 -99.20 -38.94 28.71
CA SER B 904 -99.45 -39.18 27.30
C SER B 904 -100.71 -38.44 26.86
N LEU B 905 -100.81 -38.22 25.55
CA LEU B 905 -101.98 -37.60 24.94
C LEU B 905 -102.37 -38.43 23.72
N SER B 906 -103.65 -38.78 23.63
CA SER B 906 -104.17 -39.58 22.53
C SER B 906 -105.15 -38.76 21.70
N ILE B 907 -104.90 -38.68 20.41
CA ILE B 907 -105.70 -37.87 19.48
C ILE B 907 -106.44 -38.80 18.54
N LYS B 908 -107.76 -38.68 18.48
CA LYS B 908 -108.59 -39.47 17.59
C LYS B 908 -109.28 -38.57 16.58
N TRP B 909 -109.50 -39.11 15.38
CA TRP B 909 -110.20 -38.37 14.33
C TRP B 909 -110.95 -39.35 13.43
N ASP B 910 -111.91 -38.80 12.69
CA ASP B 910 -112.64 -39.58 11.70
C ASP B 910 -111.78 -39.81 10.46
N PRO B 911 -111.96 -40.92 9.74
CA PRO B 911 -111.24 -41.11 8.47
C PRO B 911 -111.78 -40.22 7.35
N VAL B 912 -110.93 -39.96 6.36
CA VAL B 912 -111.27 -39.00 5.32
C VAL B 912 -111.97 -39.71 4.18
N VAL B 913 -113.15 -39.24 3.83
CA VAL B 913 -113.91 -39.71 2.68
C VAL B 913 -113.60 -38.78 1.50
N PRO B 914 -112.95 -39.26 0.43
CA PRO B 914 -112.58 -38.35 -0.66
C PRO B 914 -113.71 -38.13 -1.64
N PHE B 915 -113.45 -37.24 -2.60
CA PHE B 915 -114.38 -37.01 -3.69
C PHE B 915 -114.06 -37.94 -4.88
N ARG B 916 -114.68 -37.65 -6.01
CA ARG B 916 -114.49 -38.48 -7.20
C ARG B 916 -113.19 -38.17 -7.93
N ASN B 917 -112.58 -37.02 -7.68
CA ASN B 917 -111.31 -36.65 -8.30
C ASN B 917 -110.12 -36.79 -7.35
N GLU B 918 -110.32 -37.42 -6.19
CA GLU B 918 -109.29 -37.52 -5.17
C GLU B 918 -108.99 -38.99 -4.88
N SER B 919 -107.76 -39.22 -4.39
CA SER B 919 -107.30 -40.58 -4.13
C SER B 919 -107.69 -41.03 -2.72
N ALA B 920 -107.35 -42.28 -2.42
CA ALA B 920 -107.68 -42.86 -1.13
C ALA B 920 -106.57 -42.60 -0.12
N VAL B 921 -106.92 -42.74 1.16
CA VAL B 921 -106.00 -42.49 2.27
C VAL B 921 -105.77 -43.80 3.01
N THR B 922 -104.52 -44.24 3.05
CA THR B 922 -104.15 -45.47 3.75
C THR B 922 -103.36 -45.23 5.03
N GLY B 923 -102.96 -43.99 5.32
CA GLY B 923 -102.20 -43.71 6.52
C GLY B 923 -102.12 -42.23 6.77
N TYR B 924 -101.51 -41.88 7.90
CA TYR B 924 -101.38 -40.49 8.32
C TYR B 924 -99.98 -40.21 8.84
N LYS B 925 -99.47 -39.02 8.53
CA LYS B 925 -98.23 -38.50 9.09
C LYS B 925 -98.54 -37.21 9.84
N MET B 926 -97.88 -37.00 10.98
CA MET B 926 -98.14 -35.82 11.79
C MET B 926 -96.85 -35.25 12.37
N LEU B 927 -96.80 -33.93 12.46
CA LEU B 927 -95.72 -33.21 13.12
C LEU B 927 -96.25 -32.63 14.43
N TYR B 928 -95.42 -32.68 15.48
CA TYR B 928 -95.82 -32.26 16.81
C TYR B 928 -94.77 -31.33 17.39
N GLN B 929 -95.22 -30.17 17.87
CA GLN B 929 -94.36 -29.18 18.52
C GLN B 929 -95.04 -28.73 19.81
N ASN B 930 -94.24 -28.57 20.86
CA ASN B 930 -94.74 -28.22 22.17
C ASN B 930 -94.04 -26.96 22.67
N ASP B 931 -94.28 -26.64 23.95
CA ASP B 931 -93.71 -25.44 24.55
C ASP B 931 -92.22 -25.59 24.89
N LEU B 932 -91.76 -26.81 25.19
CA LEU B 932 -90.38 -27.02 25.60
C LEU B 932 -89.43 -27.18 24.43
N HIS B 933 -89.92 -27.32 23.21
CA HIS B 933 -89.08 -27.52 22.04
C HIS B 933 -89.41 -26.50 20.97
N LEU B 934 -88.37 -25.96 20.34
CA LEU B 934 -88.53 -25.02 19.25
C LEU B 934 -88.59 -25.68 17.88
N THR B 935 -88.39 -27.00 17.80
CA THR B 935 -88.41 -27.73 16.56
C THR B 935 -89.48 -28.81 16.59
N PRO B 936 -90.20 -29.04 15.48
CA PRO B 936 -91.21 -30.11 15.48
C PRO B 936 -90.57 -31.49 15.31
N THR B 937 -91.29 -32.49 15.84
CA THR B 937 -90.90 -33.89 15.75
C THR B 937 -91.93 -34.67 14.95
N LEU B 938 -91.46 -35.64 14.17
CA LEU B 938 -92.29 -36.40 13.24
C LEU B 938 -92.61 -37.77 13.81
N HIS B 939 -93.89 -38.14 13.79
CA HIS B 939 -94.33 -39.47 14.19
C HIS B 939 -95.24 -40.02 13.10
N LEU B 940 -95.30 -41.34 13.01
CA LEU B 940 -96.04 -42.03 11.95
C LEU B 940 -97.09 -42.95 12.55
N THR B 941 -98.17 -43.16 11.81
CA THR B 941 -99.22 -44.09 12.21
C THR B 941 -99.84 -44.71 10.96
N GLY B 942 -100.49 -45.86 11.15
CA GLY B 942 -101.22 -46.53 10.10
C GLY B 942 -102.72 -46.53 10.26
N LYS B 943 -103.22 -46.03 11.38
CA LYS B 943 -104.65 -45.96 11.66
C LYS B 943 -105.02 -44.53 11.99
N ASN B 944 -106.24 -44.35 12.51
CA ASN B 944 -106.79 -43.01 12.73
C ASN B 944 -106.56 -42.49 14.13
N TRP B 945 -105.64 -43.10 14.89
CA TRP B 945 -105.28 -42.59 16.20
C TRP B 945 -103.79 -42.80 16.43
N ILE B 946 -103.21 -41.93 17.26
CA ILE B 946 -101.79 -41.96 17.56
C ILE B 946 -101.63 -41.48 19.01
N GLU B 947 -100.64 -42.01 19.73
CA GLU B 947 -100.36 -41.58 21.09
C GLU B 947 -98.98 -40.94 21.13
N ILE B 948 -98.91 -39.75 21.74
CA ILE B 948 -97.66 -38.98 21.81
C ILE B 948 -97.26 -38.81 23.27
N PRO B 949 -95.94 -38.70 23.53
CA PRO B 949 -95.52 -38.38 24.91
C PRO B 949 -95.59 -36.88 25.23
N VAL B 950 -96.43 -36.55 26.21
CA VAL B 950 -96.53 -35.19 26.73
C VAL B 950 -96.14 -35.21 28.21
N PRO B 951 -95.00 -34.59 28.61
CA PRO B 951 -94.72 -34.41 30.05
C PRO B 951 -95.58 -33.36 30.75
N GLU B 952 -95.39 -33.24 32.07
CA GLU B 952 -96.32 -32.47 32.90
C GLU B 952 -96.06 -30.96 32.86
N ASP B 953 -94.94 -30.51 32.29
CA ASP B 953 -94.66 -29.08 32.25
C ASP B 953 -95.26 -28.41 31.01
N ILE B 954 -95.83 -29.17 30.09
CA ILE B 954 -96.33 -28.63 28.83
C ILE B 954 -97.79 -28.23 29.01
N GLY B 955 -98.10 -26.97 28.72
CA GLY B 955 -99.46 -26.48 28.80
C GLY B 955 -100.12 -26.25 27.45
N HIS B 956 -99.32 -26.26 26.38
CA HIS B 956 -99.85 -26.03 25.04
C HIS B 956 -99.05 -26.84 24.04
N ALA B 957 -99.74 -27.35 23.03
CA ALA B 957 -99.13 -28.18 22.00
C ALA B 957 -99.65 -27.76 20.63
N LEU B 958 -98.83 -28.00 19.60
CA LEU B 958 -99.18 -27.70 18.22
C LEU B 958 -99.10 -28.98 17.41
N VAL B 959 -100.26 -29.42 16.89
CA VAL B 959 -100.38 -30.68 16.16
C VAL B 959 -100.91 -30.38 14.77
N GLN B 960 -100.14 -30.75 13.75
CA GLN B 960 -100.55 -30.63 12.36
C GLN B 960 -100.68 -32.03 11.75
N ILE B 961 -101.84 -32.33 11.17
CA ILE B 961 -102.16 -33.68 10.70
C ILE B 961 -102.36 -33.65 9.19
N ARG B 962 -101.55 -34.44 8.48
CA ARG B 962 -101.71 -34.63 7.04
C ARG B 962 -101.90 -36.10 6.73
N THR B 963 -102.26 -36.39 5.48
CA THR B 963 -102.46 -37.76 5.04
C THR B 963 -101.28 -38.24 4.19
N THR B 964 -101.18 -39.56 4.04
CA THR B 964 -100.19 -40.16 3.17
C THR B 964 -100.78 -41.43 2.57
N GLY B 965 -100.07 -41.98 1.58
CA GLY B 965 -100.49 -43.21 0.95
C GLY B 965 -99.94 -43.37 -0.45
N PRO B 966 -100.66 -44.09 -1.33
CA PRO B 966 -100.25 -44.13 -2.74
C PRO B 966 -100.53 -42.84 -3.50
N GLY B 967 -101.49 -42.02 -3.05
CA GLY B 967 -101.75 -40.75 -3.69
C GLY B 967 -100.72 -39.68 -3.39
N GLY B 968 -99.99 -39.80 -2.29
CA GLY B 968 -99.00 -38.81 -1.92
C GLY B 968 -99.37 -38.07 -0.64
N ASP B 969 -98.49 -37.14 -0.25
CA ASP B 969 -98.71 -36.36 0.96
C ASP B 969 -99.69 -35.22 0.68
N GLY B 970 -100.71 -35.10 1.53
CA GLY B 970 -101.75 -34.13 1.33
C GLY B 970 -101.50 -32.82 2.07
N ILE B 971 -102.48 -31.94 1.97
CA ILE B 971 -102.40 -30.62 2.62
C ILE B 971 -102.73 -30.78 4.11
N PRO B 972 -101.85 -30.34 5.02
CA PRO B 972 -102.12 -30.55 6.46
C PRO B 972 -103.10 -29.55 7.04
N ALA B 973 -103.74 -29.95 8.13
CA ALA B 973 -104.51 -29.04 8.95
C ALA B 973 -103.63 -28.49 10.07
N GLU B 974 -104.25 -27.78 11.01
CA GLU B 974 -103.52 -27.22 12.14
C GLU B 974 -104.42 -27.18 13.37
N VAL B 975 -104.07 -27.98 14.36
CA VAL B 975 -104.82 -28.10 15.61
C VAL B 975 -103.99 -27.49 16.73
N HIS B 976 -104.60 -26.57 17.48
CA HIS B 976 -104.00 -26.00 18.68
C HIS B 976 -104.70 -26.60 19.90
N ILE B 977 -103.94 -27.31 20.73
CA ILE B 977 -104.48 -28.08 21.84
C ILE B 977 -104.04 -27.44 23.15
N VAL B 978 -105.01 -27.07 23.98
CA VAL B 978 -104.77 -26.49 25.30
C VAL B 978 -105.07 -27.56 26.34
N ARG B 979 -104.08 -27.86 27.19
CA ARG B 979 -104.21 -28.88 28.22
C ARG B 979 -105.14 -28.49 29.37
N ASN B 980 -105.01 -27.27 29.89
CA ASN B 980 -105.84 -26.83 31.00
C ASN B 980 -106.87 -25.79 30.57
C1 NAG C . -15.68 46.98 49.31
C2 NAG C . -16.36 47.67 50.52
C3 NAG C . -15.86 47.04 51.85
C4 NAG C . -15.99 45.50 51.90
C5 NAG C . -15.34 44.85 50.66
C6 NAG C . -15.62 43.37 50.50
C7 NAG C . -17.05 50.01 50.78
C8 NAG C . -16.61 51.45 50.74
N2 NAG C . -16.11 49.11 50.52
O3 NAG C . -16.56 47.64 52.94
O4 NAG C . -15.33 45.03 53.07
O5 NAG C . -15.82 45.48 49.45
O6 NAG C . -16.97 43.14 50.10
O7 NAG C . -18.21 49.69 51.06
C1 NAG C . -16.19 44.45 54.09
C2 NAG C . -15.39 43.36 54.88
C3 NAG C . -16.27 42.77 56.01
C4 NAG C . -16.83 43.84 56.95
C5 NAG C . -17.62 44.90 56.17
C6 NAG C . -18.05 46.08 57.02
C7 NAG C . -13.67 42.28 53.52
C8 NAG C . -13.35 41.12 52.61
N2 NAG C . -14.91 42.31 53.99
O3 NAG C . -15.52 41.82 56.73
O4 NAG C . -17.68 43.23 57.93
O5 NAG C . -16.83 45.44 55.09
O6 NAG C . -16.97 46.99 57.23
O7 NAG C . -12.84 43.13 53.80
C1 NAG D . -17.68 33.76 -14.22
C2 NAG D . -18.76 34.60 -13.46
C3 NAG D . -18.63 34.39 -11.92
C4 NAG D . -18.63 32.91 -11.49
C5 NAG D . -17.51 32.15 -12.24
C6 NAG D . -17.52 30.66 -12.01
C7 NAG D . -19.64 36.82 -14.02
C8 NAG D . -19.31 38.25 -14.32
N2 NAG D . -18.61 36.02 -13.77
O3 NAG D . -19.67 35.11 -11.28
O4 NAG D . -18.34 32.80 -10.10
O5 NAG D . -17.66 32.35 -13.66
O6 NAG D . -18.61 30.05 -12.68
O7 NAG D . -20.81 36.42 -13.99
C1 NAG D . -19.41 32.41 -9.22
C2 NAG D . -18.89 31.52 -8.06
C3 NAG D . -20.01 31.24 -7.03
C4 NAG D . -20.66 32.52 -6.49
C5 NAG D . -21.22 33.36 -7.65
C6 NAG D . -21.70 34.73 -7.20
C7 NAG D . -17.09 29.87 -8.34
C8 NAG D . -16.69 28.55 -8.93
N2 NAG D . -18.34 30.27 -8.57
O3 NAG D . -19.48 30.47 -5.97
O4 NAG D . -21.71 32.20 -5.59
O5 NAG D . -20.19 33.60 -8.64
O6 NAG D . -20.62 35.52 -6.71
O7 NAG D . -16.29 30.55 -7.69
C1 NAG E . -2.48 51.78 -13.62
C2 NAG E . -3.33 52.93 -14.19
C3 NAG E . -2.43 54.17 -14.47
C4 NAG E . -1.60 54.63 -13.26
C5 NAG E . -0.80 53.45 -12.66
C6 NAG E . -0.16 53.74 -11.32
C7 NAG E . -5.30 52.76 -15.64
C8 NAG E . -5.83 52.26 -16.95
N2 NAG E . -4.00 52.51 -15.42
O3 NAG E . -3.27 55.22 -14.95
O4 NAG E . -0.69 55.63 -13.69
O5 NAG E . -1.66 52.29 -12.46
O6 NAG E . -1.11 53.66 -10.27
O7 NAG E . -6.00 53.37 -14.84
C1 NAG E . -0.93 56.96 -13.18
C2 NAG E . 0.39 57.78 -13.15
C3 NAG E . 0.11 59.23 -12.68
C4 NAG E . -0.98 59.94 -13.51
C5 NAG E . -2.28 59.12 -13.51
C6 NAG E . -3.33 59.66 -14.44
C7 NAG E . 2.34 56.34 -12.78
C8 NAG E . 3.29 55.78 -11.76
N2 NAG E . 1.38 57.15 -12.31
O3 NAG E . 1.32 59.98 -12.72
O4 NAG E . -1.23 61.23 -12.99
O5 NAG E . -2.02 57.75 -13.91
O6 NAG E . -3.07 59.29 -15.79
O7 NAG E . 2.44 56.08 -13.97
C1 NAG F . 30.35 50.32 -37.13
C2 NAG F . 31.10 51.12 -38.23
C3 NAG F . 30.44 50.88 -39.61
C4 NAG F . 30.29 49.41 -40.00
C5 NAG F . 29.56 48.63 -38.87
C6 NAG F . 29.56 47.12 -39.05
C7 NAG F . 32.29 53.24 -37.85
C8 NAG F . 32.15 54.69 -37.51
N2 NAG F . 31.15 52.54 -37.92
O3 NAG F . 31.21 51.58 -40.59
O4 NAG F . 29.51 49.33 -41.18
O5 NAG F . 30.17 48.89 -37.58
O6 NAG F . 30.89 46.62 -39.03
O7 NAG F . 33.38 52.72 -38.04
C1 NAG F . 30.20 48.86 -42.37
C2 NAG F . 29.17 48.38 -43.41
C3 NAG F . 29.87 47.94 -44.72
C4 NAG F . 30.79 49.03 -45.31
C5 NAG F . 31.82 49.49 -44.26
C6 NAG F . 32.63 50.69 -44.70
C7 NAG F . 27.12 47.50 -42.38
C8 NAG F . 26.41 46.28 -41.88
N2 NAG F . 28.34 47.31 -42.88
O3 NAG F . 28.90 47.56 -45.68
O4 NAG F . 31.45 48.55 -46.46
O5 NAG F . 31.17 49.86 -43.02
O6 NAG F . 31.82 51.85 -44.80
O7 NAG F . 26.61 48.62 -42.33
C1 NAG G . 26.07 22.78 21.19
C2 NAG G . 27.41 23.38 20.67
C3 NAG G . 27.34 23.62 19.13
C4 NAG G . 26.89 22.40 18.31
C5 NAG G . 25.53 21.88 18.85
C6 NAG G . 25.08 20.58 18.24
C7 NAG G . 28.93 24.94 21.80
C8 NAG G . 29.06 26.27 22.47
N2 NAG G . 27.72 24.63 21.34
O3 NAG G . 28.61 24.10 18.70
O4 NAG G . 26.70 22.76 16.95
O5 NAG G . 25.62 21.66 20.27
O6 NAG G . 25.87 19.49 18.70
O7 NAG G . 29.89 24.18 21.67
C1 NAG G . 27.67 22.24 16.00
C2 NAG G . 26.98 21.82 14.67
C3 NAG G . 28.05 21.41 13.62
C4 NAG G . 29.11 22.49 13.38
C5 NAG G . 29.81 22.85 14.71
C6 NAG G . 30.74 24.03 14.57
C7 NAG G . 24.77 20.79 14.42
C8 NAG G . 23.92 19.58 14.73
N2 NAG G . 26.03 20.75 14.88
O3 NAG G . 27.40 21.08 12.40
O4 NAG G . 30.07 22.03 12.45
O5 NAG G . 28.83 23.20 15.71
O6 NAG G . 30.05 25.18 14.12
O7 NAG G . 24.34 21.75 13.79
C1 NAG H . 16.62 43.81 25.52
C2 NAG H . 17.77 44.48 26.32
C3 NAG H . 17.29 45.82 26.94
C4 NAG H . 16.67 46.79 25.92
C5 NAG H . 15.55 46.09 25.11
C6 NAG H . 15.04 46.89 23.93
C7 NAG H . 19.55 43.41 27.62
C8 NAG H . 19.88 42.45 28.74
N2 NAG H . 18.25 43.58 27.37
O3 NAG H . 18.39 46.42 27.62
O4 NAG H . 16.11 47.90 26.62
O5 NAG H . 16.02 44.83 24.57
O6 NAG H . 16.01 46.98 22.90
O7 NAG H . 20.43 43.98 26.98
C1 NAG H . 16.78 49.17 26.42
C2 NAG H . 15.79 50.35 26.64
C3 NAG H . 16.53 51.70 26.50
C4 NAG H . 17.75 51.82 27.43
C5 NAG H . 18.73 50.66 27.18
C6 NAG H . 19.87 50.62 28.17
C7 NAG H . 13.51 49.72 26.01
C8 NAG H . 12.46 49.73 24.93
N2 NAG H . 14.67 50.28 25.70
O3 NAG H . 15.62 52.76 26.76
O4 NAG H . 18.42 53.05 27.20
O5 NAG H . 18.04 49.38 27.26
O6 NAG H . 19.42 50.17 29.45
O7 NAG H . 13.29 49.22 27.12
C1 NAG I . 0.67 16.69 88.46
C2 NAG I . 1.66 15.65 89.08
C3 NAG I . 3.13 16.10 88.82
C4 NAG I . 3.43 16.34 87.33
C5 NAG I . 2.46 17.39 86.75
C6 NAG I . 2.59 17.55 85.25
C7 NAG I . 1.04 14.31 91.03
C8 NAG I . 0.84 14.30 92.51
N2 NAG I . 1.43 15.47 90.49
O3 NAG I . 4.01 15.12 89.34
O4 NAG I . 4.77 16.82 87.19
O5 NAG I . 1.09 16.99 87.01
O6 NAG I . 3.01 16.35 84.63
O7 NAG I . 0.86 13.31 90.34
C1 NAG J . 19.21 -8.67 -27.12
C2 NAG J . 20.70 -8.20 -27.12
C3 NAG J . 21.64 -9.41 -27.34
C4 NAG J . 21.40 -10.55 -26.35
C5 NAG J . 19.93 -11.01 -26.38
C6 NAG J . 19.59 -12.02 -25.31
C7 NAG J . 21.71 -6.12 -27.97
C8 NAG J . 21.83 -5.18 -29.13
N2 NAG J . 20.92 -7.18 -28.14
O3 NAG J . 23.00 -9.00 -27.28
O4 NAG J . 22.24 -11.66 -26.66
O5 NAG J . 19.05 -9.87 -26.18
O6 NAG J . 19.52 -11.43 -24.03
O7 NAG J . 22.32 -5.94 -26.92
C1 NAG K . 7.21 37.22 -81.87
C2 NAG K . 6.07 36.71 -82.81
C3 NAG K . 4.76 37.50 -82.55
C4 NAG K . 4.31 37.45 -81.08
C5 NAG K . 5.43 37.99 -80.16
C6 NAG K . 5.11 37.81 -78.70
C7 NAG K . 6.56 35.74 -85.01
C8 NAG K . 6.96 36.02 -86.43
N2 NAG K . 6.45 36.80 -84.21
O3 NAG K . 3.73 36.98 -83.39
O4 NAG K . 3.14 38.24 -80.91
O5 NAG K . 6.67 37.29 -80.41
O6 NAG K . 4.41 36.59 -78.47
O7 NAG K . 6.33 34.60 -84.61
C1 NAG L . -21.72 -9.12 25.05
C2 NAG L . -23.01 -8.27 25.23
C3 NAG L . -24.27 -9.19 25.20
C4 NAG L . -24.33 -10.08 23.96
C5 NAG L . -23.06 -10.93 23.83
C6 NAG L . -22.99 -11.72 22.54
C7 NAG L . -23.44 -6.24 26.56
C8 NAG L . -23.32 -5.60 27.91
N2 NAG L . -22.97 -7.49 26.46
O3 NAG L . -25.46 -8.41 25.30
O4 NAG L . -25.47 -10.94 24.04
O5 NAG L . -21.89 -10.07 23.86
O6 NAG L . -22.88 -10.86 21.42
O7 NAG L . -23.96 -5.66 25.61
#